data_9QKS
#
_entry.id   9QKS
#
_cell.length_a   1.00
_cell.length_b   1.00
_cell.length_c   1.00
_cell.angle_alpha   90.00
_cell.angle_beta   90.00
_cell.angle_gamma   90.00
#
_symmetry.space_group_name_H-M   'P 1'
#
loop_
_entity.id
_entity.type
_entity.pdbx_description
1 polymer 'ESX secretion system protein YukD'
2 polymer 'ESX secretion system protein YukC'
3 polymer 'ESX secretion system protein YukB,Green fluorescent protein'
#
loop_
_entity_poly.entity_id
_entity_poly.type
_entity_poly.pdbx_seq_one_letter_code
_entity_poly.pdbx_strand_id
1 'polypeptide(L)'
;MGMYIDITIDLKHYNGSVFDLRLSDYHPVKKVIDIAWQAQSVSMPPREGHWIRVVNKDKVFSGECKLSDCGITNGDRLEI
L
;
A
2 'polypeptide(L)'
;MSGEQKSYLENQLEAVAEKTDAGYTFTFQREKIKLLDGLEANVIKDINPFFHKEIDVTDDEVIITIQPPSSYKAFRFMKA
KDKKSKWQFAYQLVQAVQQHNLSRLNLIVAPENIVFDKGLTPYFLHYGVKESIPPYERDEERVWQELKAAAALAVDGAFA
FEDYLKFNETLTFSAEAKAILDAESYDDLLELIQTHIDELEAKAKTYIHIPRKKWNIQRYIGLGLIVLLVPALIYSMYAL
FFAQPKHQAIVDSNRAFLNKQYSEVISTLSKYDAESLPESVQYQLATSYVEVENLGSAKTKNIENNLVTLQSDPQHFLYW
IDYGRGEYKEAISIGRKLEYNDYIYFALAKYKQQLLSEDTNDEDIQKELDSVNSELEKAQKERQENKQSNSETSLVDTSE
EQTQTDEEKQAEEKAAEEKAAAEEKAKKEEQKEKEDEKKETEKKDEKKDDKDYKDDDDK
;
C,D
3 'polypeptide(L)'
;MLPFGRKGVRHLSLLWVFYQNNVQKLNLSNLPSSHPVTIGPDVKDSVTISTIPFNSGVISLKRKESGGQYEVFLGNDCLG
TIETDISFTLQTDQQDIRLILTGSEPEKSVYFTGNRDEIVCSSEKTNADIYLNPQDFAFAEQSTFSLLRAGGSWSVRPES
GTIFLNGEKINANTPLKPGDEIFWNFTQMRVTEQDLLEIVHYAQFETALTETVKPSTEMQKKYPQYRRTPRMVYDLPDDR
VSFSFPSQESDQTNRGLWLVILPPLVMLIVMGVVAIIQPRGIFILVSLAMFMMTLITSTVQYFRDKNQRKKREEKRERVY
KLYLDNKRKELQALAEKQKQVLEFHFPSFEQMKYLTSEISDRIWEKSLESKDYLQLRLGTGTVPSSYEINMSGGDLANRD
IDDLMEKSQHMQRVYKDIRNAPVTVDLAEGPMGLVGKSQIVKNEIHQLIGQLSFFNSYHDLRFVFIFHEEEYKDWEWMKW
LPQFQMPHIYAKGFIYNEQTRDQLLSSLYELIRERDLEDDKEKLQFKPHFVFVITNQQLISEHVILEYLEGQHEHLGIST
IVAAETKESLSENITTLVRYINEHEGDILIQKKKAVRIPFRLDHHQREDNERFSRTLRTLNHQVGITNSIPETVSFLELF
HAKEVKEIGIQQRWLTSESSKSLSVPIGYKGKDDIVYLNLHEKAHGPHGLLAGTTGSGKSEFLQTYILSLAVHFHPHEAA
FLLIDYKGGGMAQPFRNIPHLLGTITNIEGSKNFSMRALASIKSELKKRQRLFDQYQVNHINDYTKLYKQGKAEVAMPHL
FLISDEFAELKSEEPDFIRELVSAARIGRSLGVHLILATQKPGGIIDDQIWSNSRFKVALKVQDATDSKEILKNSDAANI
TVTGRGYLQVGNNEVYELFQSAWSGAPYLEEVYGTEDEIAIVTDTGLIPLSEVDTEDNAKKDVQTEIEAVVDEIERIQDE
MGIEKLPSPWLPPGAGGLVPRGSGGSGSVDSTESLFTGVVPILVELDGDVNGHKFSVRGEGEGDATNGKLTLKFICTTGK
LPVPWPTLVTTLTYGVQCFSRYPDHMKQHDFFKSAMPEGYVQERTITFKDDGTYKTRAEVKFEGDTLVNRIELKGIDFKE
DGNILGHKLEYNYNSHNVYITADKQKNGIKANFKIRHNVEDGSVQLADHYQQNTPIGDGPVLLPDNHYLSTQSKLSKDPN
EKRDHMVLLEFVTAAGITGGSGGSGSRGRSGSGSAWSHPQFEKGGGSGGGSGGSAWSHPQFEKKG
;
G,H
#
# COMPACT_ATOMS: atom_id res chain seq x y z
N MET A 3 -5.02 37.90 7.24
CA MET A 3 -4.08 36.86 7.74
C MET A 3 -2.69 37.05 7.11
N TYR A 4 -1.66 36.75 7.89
CA TYR A 4 -0.28 36.85 7.44
C TYR A 4 0.29 35.46 7.18
N ILE A 5 1.23 35.38 6.23
CA ILE A 5 1.95 34.16 5.92
C ILE A 5 3.40 34.50 5.60
N ASP A 6 4.25 33.48 5.66
CA ASP A 6 5.68 33.63 5.40
C ASP A 6 6.09 32.64 4.33
N ILE A 7 6.68 33.15 3.25
CA ILE A 7 7.03 32.34 2.09
C ILE A 7 8.45 32.66 1.65
N THR A 8 9.02 31.77 0.85
CA THR A 8 10.38 31.91 0.34
C THR A 8 10.34 32.18 -1.15
N ILE A 9 11.13 33.15 -1.60
CA ILE A 9 11.14 33.59 -2.99
C ILE A 9 12.53 33.34 -3.56
N ASP A 10 12.59 32.78 -4.76
CA ASP A 10 13.84 32.45 -5.43
C ASP A 10 13.93 33.25 -6.73
N LEU A 11 15.08 33.90 -6.94
CA LEU A 11 15.32 34.70 -8.14
C LEU A 11 16.45 34.12 -8.98
N LYS A 12 16.60 32.79 -9.03
CA LYS A 12 17.76 32.21 -9.66
C LYS A 12 17.89 32.60 -11.13
N HIS A 13 16.79 32.93 -11.80
CA HIS A 13 16.88 33.39 -13.18
C HIS A 13 17.36 34.83 -13.30
N TYR A 14 17.01 35.71 -12.35
CA TYR A 14 17.38 37.13 -12.42
C TYR A 14 18.22 37.45 -11.20
N ASN A 15 19.54 37.46 -11.36
CA ASN A 15 20.46 37.86 -10.30
C ASN A 15 20.20 36.99 -9.05
N GLY A 16 20.54 35.72 -9.19
CA GLY A 16 20.25 34.72 -8.20
C GLY A 16 20.42 35.17 -6.76
N SER A 17 19.34 35.05 -5.98
CA SER A 17 19.36 35.41 -4.56
C SER A 17 18.17 34.74 -3.91
N VAL A 18 18.19 34.68 -2.59
CA VAL A 18 17.13 34.04 -1.82
C VAL A 18 16.83 34.87 -0.58
N PHE A 19 15.55 35.05 -0.29
CA PHE A 19 15.11 35.73 0.93
C PHE A 19 13.64 35.41 1.14
N ASP A 20 13.14 35.77 2.32
CA ASP A 20 11.79 35.42 2.73
C ASP A 20 11.00 36.67 3.09
N LEU A 21 9.71 36.67 2.75
CA LEU A 21 8.83 37.80 3.01
C LEU A 21 7.66 37.41 3.89
N ARG A 22 7.19 38.37 4.67
CA ARG A 22 5.93 38.28 5.38
C ARG A 22 4.96 39.29 4.79
N LEU A 23 3.81 38.81 4.33
CA LEU A 23 2.86 39.67 3.64
C LEU A 23 1.44 39.23 3.97
N SER A 24 0.50 40.16 3.79
CA SER A 24 -0.92 39.89 4.00
C SER A 24 -1.42 39.00 2.88
N ASP A 25 -2.42 38.16 3.20
CA ASP A 25 -2.78 37.09 2.28
C ASP A 25 -3.47 37.62 1.02
N TYR A 26 -4.29 38.66 1.14
CA TYR A 26 -5.20 39.03 0.08
C TYR A 26 -4.53 39.75 -1.09
N HIS A 27 -3.21 39.94 -1.05
CA HIS A 27 -2.54 40.58 -2.18
C HIS A 27 -2.54 39.66 -3.40
N PRO A 28 -2.56 40.24 -4.60
CA PRO A 28 -2.44 39.42 -5.81
C PRO A 28 -0.98 39.07 -6.12
N VAL A 29 -0.81 38.14 -7.06
CA VAL A 29 0.52 37.60 -7.35
C VAL A 29 1.45 38.68 -7.90
N LYS A 30 0.96 39.49 -8.84
CA LYS A 30 1.81 40.49 -9.46
C LYS A 30 2.37 41.48 -8.44
N LYS A 31 1.63 41.75 -7.37
CA LYS A 31 2.13 42.66 -6.35
C LYS A 31 3.33 42.07 -5.63
N VAL A 32 3.38 40.74 -5.45
CA VAL A 32 4.56 40.12 -4.87
C VAL A 32 5.78 40.37 -5.75
N ILE A 33 5.63 40.22 -7.06
CA ILE A 33 6.74 40.48 -7.97
C ILE A 33 7.17 41.94 -7.87
N ASP A 34 6.20 42.85 -7.81
CA ASP A 34 6.54 44.27 -7.71
C ASP A 34 7.31 44.56 -6.43
N ILE A 35 6.87 43.99 -5.31
CA ILE A 35 7.56 44.20 -4.04
C ILE A 35 8.98 43.65 -4.10
N ALA A 36 9.13 42.45 -4.67
CA ALA A 36 10.47 41.88 -4.78
C ALA A 36 11.37 42.78 -5.62
N TRP A 37 10.85 43.30 -6.73
CA TRP A 37 11.66 44.21 -7.55
C TRP A 37 12.06 45.44 -6.75
N GLN A 38 11.13 45.98 -5.96
CA GLN A 38 11.46 47.14 -5.14
C GLN A 38 12.58 46.80 -4.16
N ALA A 39 12.53 45.60 -3.56
CA ALA A 39 13.50 45.24 -2.53
C ALA A 39 14.91 45.15 -3.09
N GLN A 40 15.10 44.45 -4.20
CA GLN A 40 16.43 44.17 -4.72
C GLN A 40 16.90 45.17 -5.76
N SER A 41 16.01 45.99 -6.30
CA SER A 41 16.36 46.93 -7.37
C SER A 41 16.99 46.22 -8.56
N VAL A 42 16.42 45.08 -8.95
CA VAL A 42 16.96 44.29 -10.05
C VAL A 42 16.65 44.99 -11.37
N SER A 43 17.47 44.70 -12.38
CA SER A 43 17.29 45.31 -13.69
C SER A 43 16.37 44.47 -14.58
N MET A 44 16.04 45.03 -15.74
CA MET A 44 15.15 44.41 -16.72
C MET A 44 13.74 44.25 -16.16
N PRO A 45 12.70 44.44 -16.97
CA PRO A 45 11.34 44.14 -16.51
C PRO A 45 11.11 42.64 -16.47
N PRO A 46 10.09 42.18 -15.74
CA PRO A 46 9.83 40.75 -15.66
C PRO A 46 9.25 40.21 -16.96
N ARG A 47 9.35 38.89 -17.10
CA ARG A 47 8.73 38.22 -18.24
C ARG A 47 7.23 38.45 -18.22
N GLU A 48 6.66 38.74 -19.39
CA GLU A 48 5.26 39.10 -19.47
C GLU A 48 4.38 37.99 -18.91
N GLY A 49 3.34 38.38 -18.19
CA GLY A 49 2.42 37.45 -17.59
C GLY A 49 2.62 37.18 -16.12
N HIS A 50 3.80 37.48 -15.58
CA HIS A 50 4.07 37.34 -14.15
C HIS A 50 3.72 35.95 -13.65
N TRP A 51 4.12 34.92 -14.40
CA TRP A 51 3.88 33.55 -13.98
C TRP A 51 4.84 33.16 -12.86
N ILE A 52 4.43 32.18 -12.06
CA ILE A 52 5.25 31.67 -10.96
C ILE A 52 5.00 30.18 -10.78
N ARG A 53 5.96 29.51 -10.15
CA ARG A 53 5.89 28.07 -9.91
C ARG A 53 6.05 27.80 -8.42
N VAL A 54 5.24 26.89 -7.89
CA VAL A 54 5.34 26.46 -6.50
C VAL A 54 6.20 25.20 -6.50
N VAL A 55 7.43 25.32 -5.98
CA VAL A 55 8.43 24.29 -6.19
C VAL A 55 8.04 23.00 -5.47
N ASN A 56 7.58 23.10 -4.23
CA ASN A 56 7.30 21.92 -3.42
C ASN A 56 5.91 21.34 -3.64
N LYS A 57 5.26 21.68 -4.76
CA LYS A 57 3.98 21.09 -5.12
C LYS A 57 3.92 20.63 -6.58
N ASP A 58 4.84 21.08 -7.42
CA ASP A 58 4.78 20.79 -8.86
C ASP A 58 3.47 21.31 -9.45
N LYS A 59 3.33 22.64 -9.46
CA LYS A 59 2.14 23.28 -9.95
C LYS A 59 2.52 24.66 -10.47
N VAL A 60 1.66 25.24 -11.30
CA VAL A 60 1.92 26.54 -11.92
C VAL A 60 0.67 27.39 -11.82
N PHE A 61 0.85 28.69 -11.60
CA PHE A 61 -0.24 29.63 -11.53
C PHE A 61 0.09 30.85 -12.38
N SER A 62 -0.93 31.46 -12.96
CA SER A 62 -0.73 32.68 -13.73
C SER A 62 -0.62 33.87 -12.78
N GLY A 63 -0.33 35.03 -13.36
CA GLY A 63 -0.18 36.25 -12.61
C GLY A 63 -1.46 36.97 -12.27
N GLU A 64 -2.54 36.24 -11.99
CA GLU A 64 -3.80 36.86 -11.61
C GLU A 64 -4.45 36.24 -10.38
N CYS A 65 -3.87 35.18 -9.82
CA CYS A 65 -4.36 34.63 -8.56
C CYS A 65 -4.49 35.71 -7.49
N LYS A 66 -5.35 35.42 -6.52
CA LYS A 66 -5.22 36.00 -5.19
C LYS A 66 -4.66 34.91 -4.29
N LEU A 67 -3.57 35.23 -3.57
CA LEU A 67 -2.81 34.17 -2.92
C LEU A 67 -3.69 33.30 -2.03
N SER A 68 -4.75 33.86 -1.45
CA SER A 68 -5.66 33.06 -0.67
C SER A 68 -6.43 32.06 -1.54
N ASP A 69 -6.55 32.34 -2.84
CA ASP A 69 -7.43 31.55 -3.70
C ASP A 69 -6.80 30.24 -4.15
N CYS A 70 -5.71 30.29 -4.90
CA CYS A 70 -5.10 29.07 -5.42
C CYS A 70 -4.21 28.36 -4.40
N GLY A 71 -4.31 28.73 -3.13
CA GLY A 71 -3.76 27.91 -2.06
C GLY A 71 -2.27 28.03 -1.81
N ILE A 72 -1.77 29.25 -1.64
CA ILE A 72 -0.36 29.45 -1.30
C ILE A 72 -0.25 29.79 0.18
N THR A 73 -0.08 28.78 1.03
CA THR A 73 0.00 28.96 2.46
C THR A 73 1.47 29.03 2.90
N ASN A 74 1.68 29.02 4.22
CA ASN A 74 3.02 29.12 4.76
C ASN A 74 3.93 28.03 4.21
N GLY A 75 5.21 28.37 4.05
CA GLY A 75 6.23 27.38 3.79
C GLY A 75 6.48 27.02 2.35
N ASP A 76 5.71 27.55 1.41
CA ASP A 76 5.90 27.20 0.01
C ASP A 76 6.96 28.07 -0.65
N ARG A 77 7.69 27.48 -1.59
CA ARG A 77 8.74 28.17 -2.33
C ARG A 77 8.20 28.64 -3.66
N LEU A 78 8.43 29.91 -3.98
CA LEU A 78 7.96 30.52 -5.22
C LEU A 78 9.16 30.81 -6.11
N GLU A 79 9.34 29.99 -7.14
CA GLU A 79 10.40 30.21 -8.12
C GLU A 79 9.84 31.06 -9.25
N ILE A 80 10.33 32.29 -9.36
CA ILE A 80 9.84 33.21 -10.39
C ILE A 80 10.36 32.77 -11.74
N LEU A 81 9.44 32.47 -12.65
CA LEU A 81 9.81 32.14 -14.02
C LEU A 81 10.41 33.37 -14.68
N GLN B 5 29.48 -10.12 -52.45
CA GLN B 5 28.05 -10.45 -52.16
C GLN B 5 27.46 -9.45 -51.18
N LYS B 6 26.15 -9.56 -50.96
CA LYS B 6 25.46 -8.73 -49.98
C LYS B 6 24.33 -9.53 -49.35
N SER B 7 24.16 -9.35 -48.05
CA SER B 7 23.10 -10.01 -47.32
C SER B 7 21.78 -9.29 -47.54
N TYR B 8 20.68 -9.96 -47.18
CA TYR B 8 19.37 -9.36 -47.33
C TYR B 8 19.28 -8.06 -46.55
N LEU B 9 19.81 -8.05 -45.33
CA LEU B 9 19.87 -6.82 -44.55
C LEU B 9 20.79 -5.79 -45.22
N GLU B 10 21.88 -6.26 -45.82
CA GLU B 10 22.90 -5.36 -46.36
C GLU B 10 22.31 -4.44 -47.43
N ASN B 11 21.54 -5.01 -48.35
CA ASN B 11 20.96 -4.21 -49.43
C ASN B 11 19.79 -3.36 -48.94
N GLN B 12 19.03 -3.86 -47.97
CA GLN B 12 17.90 -3.08 -47.46
C GLN B 12 18.33 -1.87 -46.66
N LEU B 13 19.43 -1.95 -45.90
CA LEU B 13 19.86 -0.85 -45.07
C LEU B 13 21.12 -0.15 -45.56
N GLU B 14 21.80 -0.67 -46.58
CA GLU B 14 22.99 -0.06 -47.16
C GLU B 14 24.10 0.15 -46.14
N ALA B 15 24.08 -0.58 -45.04
CA ALA B 15 25.05 -0.38 -43.97
C ALA B 15 26.20 -1.39 -44.08
N VAL B 16 27.20 -1.20 -43.22
CA VAL B 16 28.31 -2.13 -43.06
C VAL B 16 28.25 -2.67 -41.64
N ALA B 17 28.21 -3.99 -41.51
CA ALA B 17 28.02 -4.63 -40.22
C ALA B 17 29.07 -5.71 -40.01
N GLU B 18 29.50 -5.88 -38.77
CA GLU B 18 30.52 -6.87 -38.44
C GLU B 18 30.33 -7.30 -36.99
N LYS B 19 30.92 -8.43 -36.64
CA LYS B 19 30.95 -8.94 -35.29
C LYS B 19 32.39 -9.00 -34.81
N THR B 20 32.64 -8.47 -33.62
CA THR B 20 33.98 -8.41 -33.07
C THR B 20 33.90 -8.55 -31.56
N ASP B 21 35.08 -8.61 -30.92
CA ASP B 21 35.13 -8.82 -29.47
C ASP B 21 34.49 -7.67 -28.71
N ALA B 22 34.28 -6.52 -29.34
CA ALA B 22 33.58 -5.41 -28.72
C ALA B 22 32.07 -5.50 -28.92
N GLY B 23 31.58 -6.56 -29.54
CA GLY B 23 30.17 -6.69 -29.82
C GLY B 23 29.86 -6.39 -31.27
N TYR B 24 28.57 -6.50 -31.60
CA TYR B 24 28.11 -6.27 -32.96
C TYR B 24 28.15 -4.78 -33.28
N THR B 25 28.45 -4.48 -34.54
CA THR B 25 28.60 -3.10 -34.99
C THR B 25 27.87 -2.90 -36.32
N PHE B 26 27.28 -1.73 -36.48
CA PHE B 26 26.63 -1.31 -37.72
C PHE B 26 27.10 0.10 -38.05
N THR B 27 27.27 0.37 -39.34
CA THR B 27 27.77 1.66 -39.80
C THR B 27 26.90 2.19 -40.93
N PHE B 28 26.66 3.50 -40.92
CA PHE B 28 25.88 4.17 -41.95
C PHE B 28 26.65 5.36 -42.47
N GLN B 29 26.34 5.75 -43.72
CA GLN B 29 26.91 6.95 -44.30
C GLN B 29 26.03 8.15 -43.97
N ARG B 30 26.63 9.19 -43.39
CA ARG B 30 25.86 10.34 -42.96
C ARG B 30 25.14 11.01 -44.13
N GLU B 31 25.62 10.79 -45.35
CA GLU B 31 25.01 11.42 -46.52
C GLU B 31 23.78 10.66 -47.01
N LYS B 32 23.52 9.46 -46.47
CA LYS B 32 22.43 8.62 -46.94
C LYS B 32 21.31 8.45 -45.93
N ILE B 33 21.26 9.30 -44.90
CA ILE B 33 20.21 9.24 -43.89
C ILE B 33 19.68 10.64 -43.66
N LYS B 34 18.50 10.71 -43.05
CA LYS B 34 17.84 11.97 -42.75
C LYS B 34 18.20 12.50 -41.37
N LEU B 35 19.08 11.83 -40.64
CA LEU B 35 19.46 12.25 -39.30
C LEU B 35 20.00 13.68 -39.33
N LEU B 36 19.52 14.51 -38.40
CA LEU B 36 19.91 15.91 -38.32
C LEU B 36 20.83 16.20 -37.14
N ASP B 37 20.40 15.87 -35.92
CA ASP B 37 21.11 16.25 -34.71
C ASP B 37 21.98 15.13 -34.16
N GLY B 38 21.44 13.93 -34.05
CA GLY B 38 22.16 12.82 -33.46
C GLY B 38 21.58 12.45 -32.10
N LEU B 39 21.16 13.47 -31.34
CA LEU B 39 20.53 13.19 -30.05
C LEU B 39 19.17 12.53 -30.24
N GLU B 40 18.64 12.54 -31.46
CA GLU B 40 17.40 11.84 -31.74
C GLU B 40 17.55 10.34 -31.55
N ALA B 41 18.76 9.82 -31.74
CA ALA B 41 19.01 8.39 -31.65
C ALA B 41 18.90 7.85 -30.23
N ASN B 42 18.81 8.72 -29.22
CA ASN B 42 18.78 8.24 -27.85
C ASN B 42 17.61 7.30 -27.59
N VAL B 43 16.56 7.36 -28.40
CA VAL B 43 15.38 6.53 -28.17
C VAL B 43 15.74 5.05 -28.22
N ILE B 44 16.85 4.69 -28.87
CA ILE B 44 17.22 3.29 -28.99
C ILE B 44 17.41 2.65 -27.61
N LYS B 45 17.81 3.45 -26.62
CA LYS B 45 18.15 2.89 -25.32
C LYS B 45 16.94 2.39 -24.54
N ASP B 46 15.71 2.65 -25.03
CA ASP B 46 14.51 2.34 -24.27
C ASP B 46 13.93 0.96 -24.61
N ILE B 47 14.74 0.05 -25.13
CA ILE B 47 14.30 -1.32 -25.39
C ILE B 47 15.47 -2.25 -25.11
N ASN B 48 15.18 -3.38 -24.48
CA ASN B 48 16.19 -4.32 -24.05
C ASN B 48 17.20 -3.61 -23.14
N PRO B 49 16.77 -3.11 -21.98
CA PRO B 49 17.67 -2.32 -21.14
C PRO B 49 18.90 -3.08 -20.67
N PHE B 50 18.84 -4.41 -20.59
CA PHE B 50 19.96 -5.17 -20.07
C PHE B 50 21.08 -5.36 -21.09
N PHE B 51 20.87 -4.97 -22.34
CA PHE B 51 21.98 -4.92 -23.28
C PHE B 51 22.85 -3.72 -23.00
N HIS B 52 24.03 -3.70 -23.62
CA HIS B 52 24.93 -2.57 -23.58
C HIS B 52 24.97 -1.91 -24.95
N LYS B 53 24.64 -0.62 -25.00
CA LYS B 53 24.49 0.09 -26.27
C LYS B 53 25.27 1.40 -26.22
N GLU B 54 25.73 1.84 -27.37
CA GLU B 54 26.49 3.08 -27.48
C GLU B 54 26.40 3.61 -28.90
N ILE B 55 26.30 4.93 -29.03
CA ILE B 55 26.17 5.59 -30.32
C ILE B 55 27.06 6.83 -30.34
N ASP B 56 27.74 7.03 -31.46
CA ASP B 56 28.57 8.21 -31.65
C ASP B 56 28.35 8.74 -33.06
N VAL B 57 28.62 10.03 -33.24
CA VAL B 57 28.31 10.73 -34.47
C VAL B 57 29.56 11.40 -35.01
N THR B 58 29.78 11.26 -36.32
CA THR B 58 30.81 11.98 -37.03
C THR B 58 30.21 12.53 -38.31
N ASP B 59 30.85 13.57 -38.86
CA ASP B 59 30.29 14.24 -40.03
C ASP B 59 30.12 13.30 -41.21
N ASP B 60 30.88 12.20 -41.25
CA ASP B 60 30.90 11.36 -42.45
C ASP B 60 30.13 10.06 -42.25
N GLU B 61 30.25 9.42 -41.09
CA GLU B 61 29.55 8.17 -40.83
C GLU B 61 28.91 8.23 -39.46
N VAL B 62 28.02 7.26 -39.20
CA VAL B 62 27.44 7.02 -37.89
C VAL B 62 27.60 5.55 -37.56
N ILE B 63 27.98 5.25 -36.33
CA ILE B 63 28.29 3.88 -35.91
C ILE B 63 27.51 3.54 -34.65
N ILE B 64 26.89 2.37 -34.65
CA ILE B 64 26.12 1.86 -33.52
C ILE B 64 26.69 0.51 -33.14
N THR B 65 26.90 0.30 -31.83
CA THR B 65 27.47 -0.94 -31.32
C THR B 65 26.57 -1.50 -30.24
N ILE B 66 26.39 -2.83 -30.26
CA ILE B 66 25.57 -3.52 -29.27
C ILE B 66 26.32 -4.78 -28.83
N GLN B 67 26.31 -5.05 -27.54
CA GLN B 67 27.03 -6.19 -26.95
C GLN B 67 26.13 -6.91 -25.95
N PRO B 68 25.58 -8.07 -26.29
CA PRO B 68 24.74 -8.79 -25.34
C PRO B 68 25.58 -9.64 -24.40
N PRO B 69 24.98 -10.18 -23.33
CA PRO B 69 25.73 -11.05 -22.43
C PRO B 69 26.40 -12.21 -23.15
N SER B 70 27.23 -12.98 -22.45
CA SER B 70 28.00 -14.03 -23.09
C SER B 70 27.20 -15.30 -23.31
N SER B 71 26.06 -15.47 -22.63
CA SER B 71 25.31 -16.71 -22.74
C SER B 71 24.50 -16.83 -24.03
N TYR B 72 24.21 -15.71 -24.69
CA TYR B 72 23.41 -15.74 -25.91
C TYR B 72 24.28 -16.17 -27.09
N LYS B 73 23.62 -16.63 -28.16
CA LYS B 73 24.33 -17.12 -29.33
C LYS B 73 23.58 -16.71 -30.60
N ALA B 74 24.32 -16.68 -31.70
CA ALA B 74 23.74 -16.27 -32.97
C ALA B 74 22.71 -17.28 -33.45
N PHE B 75 22.10 -16.98 -34.60
CA PHE B 75 21.00 -17.81 -35.08
C PHE B 75 21.48 -19.10 -35.72
N ARG B 76 22.61 -19.09 -36.41
CA ARG B 76 23.04 -20.26 -37.17
C ARG B 76 23.28 -21.47 -36.27
N PHE B 77 23.47 -21.27 -34.97
CA PHE B 77 23.75 -22.38 -34.08
C PHE B 77 22.53 -23.27 -33.84
N MET B 78 21.36 -22.86 -34.30
CA MET B 78 20.15 -23.63 -34.03
C MET B 78 20.15 -24.96 -34.80
N LYS B 79 20.93 -25.06 -35.87
CA LYS B 79 20.83 -26.21 -36.76
C LYS B 79 21.16 -27.53 -36.04
N ALA B 80 21.90 -27.48 -34.94
CA ALA B 80 22.37 -28.72 -34.33
C ALA B 80 21.27 -29.44 -33.54
N LYS B 81 20.39 -28.70 -32.90
CA LYS B 81 19.49 -29.28 -31.91
C LYS B 81 18.45 -30.18 -32.57
N ASP B 82 17.54 -30.71 -31.75
CA ASP B 82 16.52 -31.63 -32.20
C ASP B 82 15.38 -30.89 -32.89
N LYS B 83 14.29 -31.61 -33.17
CA LYS B 83 13.16 -31.01 -33.87
C LYS B 83 12.15 -30.38 -32.92
N LYS B 84 11.96 -30.95 -31.72
CA LYS B 84 11.05 -30.35 -30.77
C LYS B 84 11.49 -28.94 -30.40
N SER B 85 12.79 -28.77 -30.16
CA SER B 85 13.30 -27.44 -29.83
C SER B 85 13.09 -26.47 -30.98
N LYS B 86 13.27 -26.93 -32.22
CA LYS B 86 13.06 -26.05 -33.37
C LYS B 86 11.61 -25.61 -33.47
N TRP B 87 10.68 -26.54 -33.30
CA TRP B 87 9.26 -26.18 -33.35
C TRP B 87 8.94 -25.17 -32.27
N GLN B 88 9.43 -25.41 -31.06
CA GLN B 88 9.14 -24.47 -29.97
C GLN B 88 9.75 -23.10 -30.24
N PHE B 89 10.94 -23.06 -30.85
CA PHE B 89 11.56 -21.79 -31.16
C PHE B 89 10.75 -21.03 -32.21
N ALA B 90 10.23 -21.74 -33.22
CA ALA B 90 9.37 -21.08 -34.20
C ALA B 90 8.13 -20.50 -33.54
N TYR B 91 7.52 -21.26 -32.64
CA TYR B 91 6.34 -20.77 -31.94
C TYR B 91 6.67 -19.51 -31.14
N GLN B 92 7.80 -19.53 -30.43
CA GLN B 92 8.22 -18.36 -29.68
C GLN B 92 8.42 -17.16 -30.60
N LEU B 93 9.04 -17.37 -31.75
CA LEU B 93 9.31 -16.26 -32.67
C LEU B 93 8.00 -15.64 -33.16
N VAL B 94 7.04 -16.46 -33.55
CA VAL B 94 5.76 -15.92 -34.02
C VAL B 94 5.09 -15.12 -32.91
N GLN B 95 4.98 -15.71 -31.72
CA GLN B 95 4.30 -15.01 -30.64
C GLN B 95 5.04 -13.75 -30.23
N ALA B 96 6.35 -13.68 -30.45
CA ALA B 96 7.08 -12.46 -30.12
C ALA B 96 6.83 -11.38 -31.17
N VAL B 97 6.81 -11.76 -32.45
CA VAL B 97 6.58 -10.77 -33.49
C VAL B 97 5.18 -10.17 -33.36
N GLN B 98 4.20 -10.99 -32.95
CA GLN B 98 2.82 -10.49 -32.91
C GLN B 98 2.60 -9.43 -31.83
N GLN B 99 3.53 -9.25 -30.90
CA GLN B 99 3.28 -8.42 -29.73
C GLN B 99 3.94 -7.05 -29.77
N HIS B 100 4.56 -6.66 -30.88
CA HIS B 100 5.22 -5.37 -30.95
C HIS B 100 4.19 -4.27 -30.78
N ASN B 101 4.49 -3.27 -29.95
CA ASN B 101 3.49 -2.27 -29.59
C ASN B 101 3.92 -0.85 -29.95
N LEU B 102 5.17 -0.48 -29.66
CA LEU B 102 5.62 0.89 -29.87
C LEU B 102 5.37 1.33 -31.31
N SER B 103 5.42 2.65 -31.52
CA SER B 103 5.13 3.23 -32.82
C SER B 103 6.35 3.80 -33.52
N ARG B 104 7.34 4.29 -32.77
CA ARG B 104 8.48 4.96 -33.36
C ARG B 104 9.64 4.02 -33.70
N LEU B 105 9.54 2.74 -33.40
CA LEU B 105 10.58 1.77 -33.70
C LEU B 105 10.01 0.70 -34.62
N ASN B 106 10.71 0.45 -35.73
CA ASN B 106 10.25 -0.46 -36.76
C ASN B 106 11.07 -1.74 -36.73
N LEU B 107 10.42 -2.86 -37.06
CA LEU B 107 11.08 -4.16 -37.04
C LEU B 107 11.55 -4.55 -38.44
N ILE B 108 12.68 -5.24 -38.48
CA ILE B 108 13.12 -5.98 -39.67
C ILE B 108 13.62 -7.33 -39.18
N VAL B 109 13.16 -8.39 -39.84
CA VAL B 109 13.41 -9.76 -39.39
C VAL B 109 14.29 -10.44 -40.42
N ALA B 110 15.36 -11.09 -39.96
CA ALA B 110 16.28 -11.77 -40.85
C ALA B 110 17.18 -12.67 -40.02
N PRO B 111 17.81 -13.67 -40.63
CA PRO B 111 18.69 -14.57 -39.85
C PRO B 111 19.95 -13.91 -39.31
N GLU B 112 20.34 -12.76 -39.85
CA GLU B 112 21.56 -12.11 -39.37
C GLU B 112 21.32 -11.29 -38.11
N ASN B 113 20.05 -11.05 -37.78
CA ASN B 113 19.65 -10.07 -36.78
C ASN B 113 18.94 -10.69 -35.59
N ILE B 114 19.21 -11.94 -35.26
CA ILE B 114 18.48 -12.65 -34.22
C ILE B 114 19.46 -13.33 -33.27
N VAL B 115 19.12 -13.33 -31.98
CA VAL B 115 19.84 -14.10 -30.97
C VAL B 115 18.80 -14.70 -30.03
N PHE B 116 19.20 -15.75 -29.31
CA PHE B 116 18.27 -16.46 -28.44
C PHE B 116 18.97 -16.89 -27.17
N ASP B 117 18.19 -17.00 -26.09
CA ASP B 117 18.73 -17.38 -24.80
C ASP B 117 18.96 -18.89 -24.75
N LYS B 118 19.21 -19.40 -23.53
CA LYS B 118 19.16 -20.84 -23.32
C LYS B 118 17.74 -21.34 -23.07
N GLY B 119 16.80 -20.44 -22.79
CA GLY B 119 15.40 -20.78 -22.71
C GLY B 119 14.67 -20.76 -24.03
N LEU B 120 15.37 -20.45 -25.12
CA LEU B 120 14.84 -20.49 -26.48
C LEU B 120 13.99 -19.28 -26.82
N THR B 121 14.03 -18.23 -26.00
CA THR B 121 13.38 -16.99 -26.37
C THR B 121 14.29 -16.17 -27.28
N PRO B 122 13.78 -15.65 -28.39
CA PRO B 122 14.63 -14.85 -29.29
C PRO B 122 14.66 -13.38 -28.93
N TYR B 123 15.60 -12.67 -29.54
CA TYR B 123 15.75 -11.23 -29.37
C TYR B 123 16.22 -10.63 -30.69
N PHE B 124 15.97 -9.33 -30.85
CA PHE B 124 16.39 -8.57 -32.02
C PHE B 124 17.48 -7.58 -31.63
N LEU B 125 18.51 -7.49 -32.47
CA LEU B 125 19.61 -6.58 -32.18
C LEU B 125 19.27 -5.16 -32.59
N HIS B 126 19.04 -4.94 -33.88
CA HIS B 126 18.97 -3.61 -34.46
C HIS B 126 17.53 -3.24 -34.81
N TYR B 127 17.17 -1.99 -34.53
CA TYR B 127 15.86 -1.45 -34.86
C TYR B 127 16.03 -0.22 -35.74
N GLY B 128 15.03 0.03 -36.58
CA GLY B 128 14.96 1.28 -37.30
C GLY B 128 14.34 2.37 -36.46
N VAL B 129 14.30 3.57 -37.02
CA VAL B 129 13.70 4.73 -36.37
C VAL B 129 12.70 5.36 -37.33
N LYS B 130 11.68 6.01 -36.77
CA LYS B 130 10.56 6.46 -37.59
C LYS B 130 10.99 7.46 -38.65
N GLU B 131 11.89 8.37 -38.32
CA GLU B 131 12.23 9.46 -39.25
C GLU B 131 13.70 9.42 -39.65
N SER B 132 14.59 9.16 -38.69
CA SER B 132 16.01 9.38 -38.94
C SER B 132 16.64 8.24 -39.74
N ILE B 133 16.67 7.04 -39.17
CA ILE B 133 17.46 5.95 -39.76
C ILE B 133 16.54 4.81 -40.19
N PRO B 134 16.85 4.11 -41.26
CA PRO B 134 15.89 3.19 -41.86
C PRO B 134 15.74 1.92 -41.04
N PRO B 135 14.65 1.16 -41.25
CA PRO B 135 13.51 1.43 -42.14
C PRO B 135 12.58 2.47 -41.55
N TYR B 136 12.02 3.37 -42.36
CA TYR B 136 11.32 4.52 -41.81
C TYR B 136 9.86 4.21 -41.50
N GLU B 137 9.16 3.49 -42.37
CA GLU B 137 7.73 3.27 -42.25
C GLU B 137 7.46 1.95 -41.57
N ARG B 138 6.51 1.94 -40.63
CA ARG B 138 6.14 0.73 -39.90
C ARG B 138 5.19 -0.13 -40.74
N ASP B 139 5.73 -0.65 -41.84
CA ASP B 139 4.93 -1.48 -42.74
C ASP B 139 4.61 -2.81 -42.09
N GLU B 140 3.65 -3.53 -42.69
CA GLU B 140 3.24 -4.83 -42.20
C GLU B 140 3.38 -5.94 -43.24
N GLU B 141 3.06 -5.66 -44.51
CA GLU B 141 3.10 -6.70 -45.53
C GLU B 141 4.47 -7.35 -45.59
N ARG B 142 5.51 -6.52 -45.66
CA ARG B 142 6.87 -7.06 -45.73
C ARG B 142 7.24 -7.80 -44.45
N VAL B 143 6.75 -7.32 -43.29
CA VAL B 143 7.03 -8.02 -42.04
C VAL B 143 6.47 -9.44 -42.08
N TRP B 144 5.22 -9.58 -42.52
CA TRP B 144 4.63 -10.91 -42.62
C TRP B 144 5.38 -11.79 -43.62
N GLN B 145 5.71 -11.21 -44.78
CA GLN B 145 6.46 -11.98 -45.77
C GLN B 145 7.76 -12.49 -45.18
N GLU B 146 8.44 -11.67 -44.39
CA GLU B 146 9.71 -12.09 -43.81
C GLU B 146 9.49 -13.15 -42.73
N LEU B 147 8.43 -13.00 -41.93
CA LEU B 147 8.21 -13.93 -40.83
C LEU B 147 7.93 -15.34 -41.33
N LYS B 148 7.12 -15.46 -42.39
CA LYS B 148 6.85 -16.80 -42.91
C LYS B 148 8.15 -17.50 -43.31
N ALA B 149 9.00 -16.81 -44.06
CA ALA B 149 10.27 -17.40 -44.49
C ALA B 149 11.16 -17.72 -43.30
N ALA B 150 11.18 -16.84 -42.30
CA ALA B 150 12.02 -17.08 -41.14
C ALA B 150 11.62 -18.36 -40.43
N ALA B 151 10.31 -18.55 -40.20
CA ALA B 151 9.86 -19.77 -39.55
C ALA B 151 10.17 -20.99 -40.41
N ALA B 152 9.94 -20.88 -41.73
CA ALA B 152 10.19 -22.02 -42.61
C ALA B 152 11.64 -22.44 -42.55
N LEU B 153 12.56 -21.48 -42.56
CA LEU B 153 13.97 -21.80 -42.47
C LEU B 153 14.34 -22.32 -41.09
N ALA B 154 13.68 -21.84 -40.04
CA ALA B 154 13.99 -22.29 -38.69
C ALA B 154 13.67 -23.77 -38.53
N VAL B 155 12.45 -24.18 -38.91
CA VAL B 155 12.05 -25.57 -38.67
C VAL B 155 12.98 -26.53 -39.41
N ASP B 156 13.33 -26.22 -40.66
CA ASP B 156 14.25 -27.04 -41.41
C ASP B 156 14.82 -26.18 -42.53
N GLY B 157 15.65 -26.79 -43.36
CA GLY B 157 16.12 -26.08 -44.53
C GLY B 157 17.23 -26.75 -45.32
N ALA B 158 17.09 -26.74 -46.64
CA ALA B 158 18.18 -27.00 -47.57
C ALA B 158 18.39 -25.81 -48.49
N PHE B 159 18.02 -24.61 -48.04
CA PHE B 159 17.99 -23.44 -48.90
C PHE B 159 18.36 -22.21 -48.07
N ALA B 160 18.71 -21.13 -48.77
CA ALA B 160 19.02 -19.89 -48.10
C ALA B 160 17.75 -19.11 -47.78
N PHE B 161 17.88 -18.16 -46.86
CA PHE B 161 16.72 -17.36 -46.46
C PHE B 161 16.13 -16.59 -47.63
N GLU B 162 16.91 -16.34 -48.67
CA GLU B 162 16.39 -15.65 -49.84
C GLU B 162 15.33 -16.49 -50.55
N ASP B 163 15.56 -17.80 -50.67
CA ASP B 163 14.74 -18.63 -51.54
C ASP B 163 13.29 -18.66 -51.07
N TYR B 164 13.05 -18.94 -49.78
CA TYR B 164 11.67 -18.99 -49.31
C TYR B 164 11.00 -17.63 -49.46
N LEU B 165 11.70 -16.55 -49.12
CA LEU B 165 11.09 -15.23 -49.17
C LEU B 165 10.68 -14.86 -50.59
N LYS B 166 11.56 -15.11 -51.56
CA LYS B 166 11.31 -14.60 -52.90
C LYS B 166 10.31 -15.44 -53.67
N PHE B 167 10.49 -16.75 -53.67
CA PHE B 167 9.79 -17.60 -54.64
C PHE B 167 9.33 -18.89 -53.98
N ASN B 168 8.27 -19.46 -54.56
CA ASN B 168 7.84 -20.82 -54.26
C ASN B 168 7.85 -21.72 -55.48
N GLU B 169 8.13 -21.19 -56.67
CA GLU B 169 8.00 -21.94 -57.90
C GLU B 169 9.32 -22.58 -58.33
N THR B 170 10.42 -22.33 -57.62
CA THR B 170 11.73 -22.72 -58.12
C THR B 170 11.92 -24.23 -58.09
N LEU B 171 11.59 -24.89 -56.99
CA LEU B 171 11.97 -26.27 -56.77
C LEU B 171 10.85 -27.02 -56.08
N THR B 172 11.14 -28.27 -55.71
CA THR B 172 10.19 -29.15 -55.04
C THR B 172 10.42 -29.09 -53.52
N PHE B 173 9.79 -28.09 -52.90
CA PHE B 173 9.95 -27.92 -51.47
C PHE B 173 9.18 -28.97 -50.71
N SER B 174 9.67 -29.28 -49.51
CA SER B 174 9.08 -30.33 -48.69
C SER B 174 7.66 -29.96 -48.28
N ALA B 175 6.94 -30.94 -47.74
CA ALA B 175 5.56 -30.71 -47.35
C ALA B 175 5.46 -29.65 -46.25
N GLU B 176 6.37 -29.69 -45.29
CA GLU B 176 6.32 -28.72 -44.20
C GLU B 176 6.49 -27.29 -44.73
N ALA B 177 7.41 -27.10 -45.68
CA ALA B 177 7.59 -25.77 -46.25
C ALA B 177 6.30 -25.28 -46.90
N LYS B 178 5.67 -26.14 -47.70
CA LYS B 178 4.43 -25.74 -48.38
C LYS B 178 3.34 -25.40 -47.36
N ALA B 179 3.22 -26.21 -46.32
CA ALA B 179 2.18 -25.98 -45.32
C ALA B 179 2.42 -24.67 -44.59
N ILE B 180 3.66 -24.40 -44.17
CA ILE B 180 3.93 -23.21 -43.38
C ILE B 180 3.83 -21.95 -44.24
N LEU B 181 4.31 -21.99 -45.48
CA LEU B 181 4.30 -20.80 -46.31
C LEU B 181 2.89 -20.41 -46.74
N ASP B 182 1.90 -21.25 -46.50
CA ASP B 182 0.52 -20.98 -46.90
C ASP B 182 -0.33 -20.89 -45.63
N ALA B 183 -0.38 -19.70 -45.05
CA ALA B 183 -1.22 -19.41 -43.90
C ALA B 183 -1.82 -18.02 -44.08
N GLU B 184 -3.01 -17.83 -43.52
CA GLU B 184 -3.76 -16.60 -43.75
C GLU B 184 -3.66 -15.60 -42.60
N SER B 185 -3.36 -16.05 -41.39
CA SER B 185 -3.33 -15.16 -40.24
C SER B 185 -2.50 -15.79 -39.15
N TYR B 186 -2.19 -14.99 -38.12
CA TYR B 186 -1.34 -15.46 -37.04
C TYR B 186 -1.98 -16.65 -36.32
N ASP B 187 -3.28 -16.57 -36.05
CA ASP B 187 -3.95 -17.66 -35.35
C ASP B 187 -3.84 -18.96 -36.14
N ASP B 188 -3.96 -18.89 -37.47
CA ASP B 188 -3.85 -20.10 -38.28
C ASP B 188 -2.46 -20.71 -38.16
N LEU B 189 -1.41 -19.88 -38.18
CA LEU B 189 -0.06 -20.43 -38.04
C LEU B 189 0.13 -21.06 -36.66
N LEU B 190 -0.37 -20.41 -35.62
CA LEU B 190 -0.26 -20.98 -34.28
C LEU B 190 -0.98 -22.32 -34.21
N GLU B 191 -2.17 -22.41 -34.81
CA GLU B 191 -2.88 -23.67 -34.84
C GLU B 191 -2.10 -24.73 -35.58
N LEU B 192 -1.48 -24.36 -36.70
CA LEU B 192 -0.70 -25.31 -37.47
C LEU B 192 0.49 -25.82 -36.67
N ILE B 193 1.03 -25.01 -35.76
CA ILE B 193 2.20 -25.45 -35.01
C ILE B 193 1.80 -26.26 -33.77
N GLN B 194 0.67 -25.92 -33.14
CA GLN B 194 0.30 -26.60 -31.91
C GLN B 194 0.10 -28.10 -32.14
N THR B 195 -0.60 -28.47 -33.20
CA THR B 195 -0.85 -29.88 -33.46
C THR B 195 0.45 -30.63 -33.73
N HIS B 196 1.37 -30.01 -34.46
CA HIS B 196 2.65 -30.66 -34.73
C HIS B 196 3.40 -30.91 -33.43
N ILE B 197 3.40 -29.93 -32.52
CA ILE B 197 4.10 -30.14 -31.25
C ILE B 197 3.44 -31.25 -30.45
N ASP B 198 2.10 -31.27 -30.42
CA ASP B 198 1.40 -32.30 -29.65
C ASP B 198 1.65 -33.69 -30.20
N GLU B 199 1.74 -33.85 -31.52
CA GLU B 199 2.03 -35.17 -32.07
C GLU B 199 3.37 -35.70 -31.57
N LEU B 200 4.40 -34.86 -31.59
CA LEU B 200 5.69 -35.27 -31.07
C LEU B 200 5.62 -35.58 -29.58
N GLU B 201 4.89 -34.76 -28.81
CA GLU B 201 4.68 -35.09 -27.41
C GLU B 201 4.08 -36.47 -27.24
N ALA B 202 3.14 -36.84 -28.10
CA ALA B 202 2.52 -38.16 -27.99
C ALA B 202 3.49 -39.28 -28.36
N LYS B 203 4.32 -39.05 -29.38
CA LYS B 203 5.20 -40.11 -29.87
C LYS B 203 6.17 -40.60 -28.80
N ALA B 204 6.70 -39.67 -27.99
CA ALA B 204 7.87 -39.98 -27.18
C ALA B 204 7.67 -41.21 -26.30
N LYS B 205 6.47 -41.39 -25.75
CA LYS B 205 6.25 -42.42 -24.75
C LYS B 205 6.48 -43.83 -25.28
N THR B 206 6.46 -44.02 -26.60
CA THR B 206 6.64 -45.35 -27.17
C THR B 206 8.10 -45.80 -27.17
N TYR B 207 9.03 -44.92 -26.79
CA TYR B 207 10.45 -45.24 -26.81
C TYR B 207 10.98 -45.46 -25.39
N ILE B 208 12.20 -45.98 -25.32
CA ILE B 208 12.91 -46.18 -24.06
C ILE B 208 14.34 -45.68 -24.24
N HIS B 209 14.99 -45.36 -23.13
CA HIS B 209 16.33 -44.81 -23.14
C HIS B 209 17.32 -45.83 -22.58
N ILE B 210 18.42 -46.04 -23.30
CA ILE B 210 19.45 -47.00 -22.89
C ILE B 210 20.82 -46.38 -23.18
N PRO B 211 21.76 -46.43 -22.23
CA PRO B 211 23.11 -45.95 -22.53
C PRO B 211 23.79 -46.83 -23.56
N ARG B 212 24.75 -46.26 -24.28
CA ARG B 212 25.39 -47.00 -25.36
C ARG B 212 26.07 -48.26 -24.88
N LYS B 213 26.73 -48.21 -23.71
CA LYS B 213 27.54 -49.34 -23.28
C LYS B 213 26.69 -50.60 -23.10
N LYS B 214 25.52 -50.47 -22.48
CA LYS B 214 24.67 -51.64 -22.26
C LYS B 214 24.18 -52.21 -23.57
N TRP B 215 23.80 -51.34 -24.51
CA TRP B 215 23.36 -51.83 -25.82
C TRP B 215 24.49 -52.54 -26.55
N ASN B 216 25.71 -52.02 -26.43
CA ASN B 216 26.87 -52.71 -27.01
C ASN B 216 27.07 -54.07 -26.36
N ILE B 217 26.91 -54.15 -25.04
CA ILE B 217 27.07 -55.43 -24.34
C ILE B 217 26.05 -56.44 -24.86
N GLN B 218 24.80 -55.99 -25.01
CA GLN B 218 23.75 -56.88 -25.52
C GLN B 218 24.05 -57.30 -26.94
N ARG B 219 24.59 -56.40 -27.76
CA ARG B 219 24.95 -56.76 -29.13
C ARG B 219 26.06 -57.81 -29.14
N TYR B 220 27.06 -57.66 -28.26
CA TYR B 220 28.09 -58.67 -28.14
C TYR B 220 27.49 -60.03 -27.79
N ILE B 221 26.60 -60.04 -26.79
CA ILE B 221 26.01 -61.30 -26.34
C ILE B 221 25.23 -61.94 -27.49
N GLY B 222 24.46 -61.14 -28.22
CA GLY B 222 23.74 -61.66 -29.36
C GLY B 222 24.64 -62.22 -30.43
N LEU B 223 25.75 -61.54 -30.71
CA LEU B 223 26.71 -62.01 -31.71
C LEU B 223 27.54 -63.19 -31.21
N GLY B 224 27.47 -63.52 -29.93
CA GLY B 224 28.23 -64.63 -29.40
C GLY B 224 27.61 -65.98 -29.66
N LEU B 225 27.16 -66.22 -30.88
CA LEU B 225 26.60 -67.51 -31.28
C LEU B 225 26.92 -67.82 -32.73
N GLN C 5 -9.47 -25.14 4.81
CA GLN C 5 -8.62 -25.16 3.58
C GLN C 5 -8.71 -23.83 2.83
N LYS C 6 -7.57 -23.17 2.68
CA LYS C 6 -7.51 -21.90 1.98
C LYS C 6 -6.16 -21.80 1.27
N SER C 7 -6.20 -21.27 0.05
CA SER C 7 -4.97 -21.08 -0.70
C SER C 7 -4.12 -20.00 -0.04
N TYR C 8 -2.90 -19.85 -0.56
CA TYR C 8 -2.00 -18.84 0.00
C TYR C 8 -2.51 -17.42 -0.26
N LEU C 9 -3.32 -17.24 -1.30
CA LEU C 9 -3.82 -15.91 -1.63
C LEU C 9 -4.85 -15.44 -0.61
N GLU C 10 -5.80 -16.31 -0.27
CA GLU C 10 -6.96 -15.87 0.50
C GLU C 10 -6.56 -15.26 1.83
N ASN C 11 -5.54 -15.82 2.48
CA ASN C 11 -5.11 -15.30 3.77
C ASN C 11 -4.62 -13.86 3.67
N GLN C 12 -4.24 -13.38 2.49
CA GLN C 12 -3.73 -12.03 2.31
C GLN C 12 -4.72 -11.10 1.62
N LEU C 13 -5.25 -11.50 0.47
CA LEU C 13 -6.21 -10.65 -0.24
C LEU C 13 -7.59 -10.67 0.39
N GLU C 14 -7.91 -11.67 1.21
CA GLU C 14 -9.25 -11.85 1.74
C GLU C 14 -10.30 -11.95 0.64
N ALA C 15 -9.94 -12.57 -0.48
CA ALA C 15 -10.80 -12.66 -1.65
C ALA C 15 -10.90 -14.12 -2.09
N VAL C 16 -12.12 -14.52 -2.45
CA VAL C 16 -12.35 -15.88 -2.93
C VAL C 16 -11.96 -15.97 -4.41
N ALA C 17 -11.56 -17.17 -4.83
CA ALA C 17 -11.17 -17.38 -6.22
C ALA C 17 -11.47 -18.82 -6.62
N GLU C 18 -12.20 -18.98 -7.72
CA GLU C 18 -12.54 -20.31 -8.21
C GLU C 18 -12.43 -20.29 -9.73
N LYS C 19 -12.69 -21.44 -10.34
CA LYS C 19 -12.64 -21.60 -11.78
C LYS C 19 -14.05 -21.92 -12.30
N THR C 20 -14.44 -21.23 -13.37
CA THR C 20 -15.69 -21.48 -14.04
C THR C 20 -15.47 -21.36 -15.54
N ASP C 21 -16.40 -21.91 -16.32
CA ASP C 21 -16.26 -21.85 -17.78
C ASP C 21 -16.22 -20.43 -18.30
N ALA C 22 -16.72 -19.46 -17.53
CA ALA C 22 -16.58 -18.06 -17.92
C ALA C 22 -15.15 -17.55 -17.71
N GLY C 23 -14.38 -18.21 -16.85
CA GLY C 23 -13.02 -17.80 -16.57
C GLY C 23 -12.79 -17.57 -15.09
N TYR C 24 -11.52 -17.51 -14.68
CA TYR C 24 -11.19 -17.31 -13.29
C TYR C 24 -11.80 -16.01 -12.79
N THR C 25 -12.26 -16.02 -11.54
CA THR C 25 -12.93 -14.87 -10.95
C THR C 25 -12.34 -14.57 -9.58
N PHE C 26 -12.40 -13.29 -9.21
CA PHE C 26 -11.97 -12.84 -7.89
C PHE C 26 -13.03 -11.90 -7.35
N THR C 27 -13.16 -11.86 -6.02
CA THR C 27 -14.21 -11.07 -5.38
C THR C 27 -13.66 -10.42 -4.13
N PHE C 28 -13.88 -9.11 -4.00
CA PHE C 28 -13.45 -8.34 -2.84
C PHE C 28 -14.64 -7.62 -2.25
N GLN C 29 -14.81 -7.73 -0.93
CA GLN C 29 -15.81 -6.91 -0.26
C GLN C 29 -15.36 -5.45 -0.29
N ARG C 30 -16.32 -4.54 -0.49
CA ARG C 30 -15.95 -3.15 -0.69
C ARG C 30 -15.24 -2.57 0.52
N GLU C 31 -15.72 -2.87 1.72
CA GLU C 31 -15.12 -2.31 2.93
C GLU C 31 -13.71 -2.81 3.17
N LYS C 32 -13.29 -3.92 2.55
CA LYS C 32 -11.95 -4.44 2.76
C LYS C 32 -10.90 -3.76 1.87
N ILE C 33 -11.30 -2.85 1.00
CA ILE C 33 -10.38 -2.15 0.12
C ILE C 33 -10.65 -0.66 0.20
N LYS C 34 -9.65 0.13 -0.19
CA LYS C 34 -9.74 1.58 -0.09
C LYS C 34 -10.34 2.23 -1.33
N LEU C 35 -10.80 1.44 -2.30
CA LEU C 35 -11.37 2.00 -3.51
C LEU C 35 -12.61 2.82 -3.19
N LEU C 36 -12.80 3.91 -3.93
CA LEU C 36 -13.95 4.79 -3.76
C LEU C 36 -14.85 4.85 -4.98
N ASP C 37 -14.30 4.83 -6.19
CA ASP C 37 -15.08 4.88 -7.41
C ASP C 37 -14.64 3.74 -8.33
N GLY C 38 -15.62 3.12 -9.00
CA GLY C 38 -15.32 1.98 -9.85
C GLY C 38 -14.42 2.30 -11.02
N LEU C 39 -14.35 3.58 -11.42
CA LEU C 39 -13.51 3.94 -12.56
C LEU C 39 -12.04 3.65 -12.28
N GLU C 40 -11.66 3.58 -11.01
CA GLU C 40 -10.24 3.44 -10.67
C GLU C 40 -9.67 2.13 -11.20
N ALA C 41 -10.50 1.10 -11.36
CA ALA C 41 -10.00 -0.21 -11.75
C ALA C 41 -9.82 -0.35 -13.26
N ASN C 42 -10.15 0.66 -14.05
CA ASN C 42 -10.05 0.54 -15.49
C ASN C 42 -8.61 0.36 -15.95
N VAL C 43 -7.63 0.74 -15.12
CA VAL C 43 -6.24 0.71 -15.55
C VAL C 43 -5.80 -0.71 -15.88
N ILE C 44 -6.44 -1.72 -15.30
CA ILE C 44 -6.01 -3.10 -15.48
C ILE C 44 -6.11 -3.56 -16.93
N LYS C 45 -6.93 -2.89 -17.74
CA LYS C 45 -7.21 -3.39 -19.08
C LYS C 45 -6.05 -3.21 -20.05
N ASP C 46 -5.03 -2.45 -19.68
CA ASP C 46 -3.94 -2.15 -20.60
C ASP C 46 -2.70 -3.00 -20.39
N ILE C 47 -2.60 -3.73 -19.27
CA ILE C 47 -1.34 -4.40 -18.98
C ILE C 47 -1.10 -5.57 -19.93
N ASN C 48 -2.12 -6.39 -20.17
CA ASN C 48 -1.96 -7.55 -21.03
C ASN C 48 -3.14 -7.63 -22.00
N PRO C 49 -2.91 -7.42 -23.30
CA PRO C 49 -4.03 -7.10 -24.20
C PRO C 49 -4.93 -8.26 -24.59
N PHE C 50 -4.35 -9.43 -24.88
CA PHE C 50 -5.15 -10.49 -25.50
C PHE C 50 -5.86 -11.39 -24.50
N PHE C 51 -5.66 -11.20 -23.20
CA PHE C 51 -6.50 -11.87 -22.22
C PHE C 51 -7.80 -11.09 -22.06
N HIS C 52 -8.90 -11.67 -22.54
CA HIS C 52 -10.18 -11.01 -22.38
C HIS C 52 -10.47 -10.77 -20.91
N LYS C 53 -10.89 -9.54 -20.58
CA LYS C 53 -11.12 -9.16 -19.20
C LYS C 53 -12.44 -8.42 -19.08
N GLU C 54 -12.91 -8.29 -17.85
CA GLU C 54 -14.18 -7.63 -17.57
C GLU C 54 -14.21 -7.24 -16.11
N ILE C 55 -14.87 -6.12 -15.81
CA ILE C 55 -14.94 -5.57 -14.47
C ILE C 55 -16.38 -5.20 -14.17
N ASP C 56 -16.81 -5.48 -12.94
CA ASP C 56 -18.15 -5.14 -12.49
C ASP C 56 -18.06 -4.55 -11.09
N VAL C 57 -18.92 -3.57 -10.80
CA VAL C 57 -18.88 -2.89 -9.52
C VAL C 57 -20.29 -2.70 -8.98
N THR C 58 -20.72 -3.60 -8.10
CA THR C 58 -21.99 -3.47 -7.43
C THR C 58 -21.82 -2.67 -6.14
N ASP C 59 -22.94 -2.33 -5.51
CA ASP C 59 -22.89 -1.64 -4.23
C ASP C 59 -22.36 -2.53 -3.12
N ASP C 60 -22.24 -3.83 -3.37
CA ASP C 60 -21.80 -4.78 -2.35
C ASP C 60 -20.31 -5.11 -2.48
N GLU C 61 -19.86 -5.47 -3.68
CA GLU C 61 -18.52 -6.00 -3.85
C GLU C 61 -18.06 -5.74 -5.27
N VAL C 62 -16.77 -5.99 -5.50
CA VAL C 62 -16.15 -5.83 -6.81
C VAL C 62 -15.80 -7.21 -7.36
N ILE C 63 -16.07 -7.42 -8.64
CA ILE C 63 -15.84 -8.70 -9.29
C ILE C 63 -14.97 -8.48 -10.51
N ILE C 64 -13.94 -9.32 -10.65
CA ILE C 64 -13.02 -9.28 -11.77
C ILE C 64 -13.06 -10.64 -12.45
N THR C 65 -13.17 -10.65 -13.77
CA THR C 65 -13.25 -11.88 -14.55
C THR C 65 -12.14 -11.90 -15.59
N ILE C 66 -11.38 -12.98 -15.62
CA ILE C 66 -10.28 -13.16 -16.55
C ILE C 66 -10.46 -14.49 -17.25
N GLN C 67 -10.36 -14.48 -18.58
CA GLN C 67 -10.65 -15.66 -19.40
C GLN C 67 -9.56 -15.85 -20.43
N PRO C 68 -8.48 -16.53 -20.07
CA PRO C 68 -7.38 -16.73 -21.01
C PRO C 68 -7.79 -17.64 -22.16
N PRO C 69 -7.04 -17.65 -23.26
CA PRO C 69 -7.42 -18.47 -24.41
C PRO C 69 -7.51 -19.95 -24.04
N SER C 70 -7.88 -20.75 -25.05
CA SER C 70 -8.19 -22.15 -24.82
C SER C 70 -6.98 -22.97 -24.40
N SER C 71 -5.83 -22.76 -25.04
CA SER C 71 -4.70 -23.66 -24.92
C SER C 71 -3.80 -23.36 -23.72
N TYR C 72 -4.18 -22.42 -22.86
CA TYR C 72 -3.40 -22.13 -21.67
C TYR C 72 -3.85 -23.01 -20.51
N LYS C 73 -2.89 -23.54 -19.77
CA LYS C 73 -3.12 -24.52 -18.72
C LYS C 73 -2.79 -23.92 -17.35
N ALA C 74 -3.28 -24.56 -16.30
CA ALA C 74 -2.94 -24.13 -14.95
C ALA C 74 -1.57 -24.66 -14.56
N PHE C 75 -1.09 -24.23 -13.38
CA PHE C 75 0.27 -24.55 -12.96
C PHE C 75 0.44 -26.04 -12.68
N ARG C 76 -0.53 -26.65 -12.00
CA ARG C 76 -0.31 -27.97 -11.42
C ARG C 76 -0.02 -29.05 -12.44
N PHE C 77 -0.41 -28.85 -13.70
CA PHE C 77 -0.21 -29.90 -14.70
C PHE C 77 1.25 -30.10 -15.06
N MET C 78 2.15 -29.21 -14.62
CA MET C 78 3.55 -29.31 -15.04
C MET C 78 4.22 -30.56 -14.48
N LYS C 79 3.63 -31.19 -13.48
CA LYS C 79 4.32 -32.25 -12.76
C LYS C 79 4.65 -33.45 -13.66
N ALA C 80 3.96 -33.60 -14.78
CA ALA C 80 4.10 -34.83 -15.57
C ALA C 80 5.27 -34.77 -16.55
N LYS C 81 5.88 -33.61 -16.76
CA LYS C 81 6.90 -33.46 -17.77
C LYS C 81 8.28 -33.80 -17.21
N ASP C 82 9.25 -33.95 -18.12
CA ASP C 82 10.56 -34.42 -17.71
C ASP C 82 11.35 -33.32 -17.02
N LYS C 83 12.63 -33.60 -16.75
CA LYS C 83 13.44 -32.70 -15.93
C LYS C 83 13.87 -31.46 -16.72
N LYS C 84 14.30 -31.64 -17.97
CA LYS C 84 14.86 -30.51 -18.70
C LYS C 84 13.82 -29.42 -18.92
N SER C 85 12.59 -29.80 -19.24
CA SER C 85 11.54 -28.81 -19.40
C SER C 85 11.26 -28.09 -18.08
N LYS C 86 11.34 -28.81 -16.97
CA LYS C 86 11.17 -28.16 -15.67
C LYS C 86 12.25 -27.11 -15.45
N TRP C 87 13.50 -27.45 -15.79
CA TRP C 87 14.57 -26.46 -15.66
C TRP C 87 14.32 -25.25 -16.55
N GLN C 88 13.89 -25.47 -17.80
CA GLN C 88 13.65 -24.36 -18.70
C GLN C 88 12.54 -23.46 -18.18
N PHE C 89 11.46 -24.05 -17.65
CA PHE C 89 10.39 -23.24 -17.08
C PHE C 89 10.87 -22.45 -15.87
N ALA C 90 11.68 -23.09 -15.01
CA ALA C 90 12.21 -22.37 -13.86
C ALA C 90 13.04 -21.18 -14.31
N TYR C 91 13.84 -21.35 -15.36
CA TYR C 91 14.62 -20.24 -15.90
C TYR C 91 13.70 -19.15 -16.42
N GLN C 92 12.62 -19.54 -17.10
CA GLN C 92 11.72 -18.56 -17.70
C GLN C 92 11.07 -17.68 -16.63
N LEU C 93 10.69 -18.28 -15.50
CA LEU C 93 9.97 -17.52 -14.49
C LEU C 93 10.79 -16.35 -13.97
N VAL C 94 12.09 -16.57 -13.74
CA VAL C 94 12.94 -15.51 -13.20
C VAL C 94 12.97 -14.32 -14.15
N GLN C 95 13.21 -14.56 -15.43
CA GLN C 95 13.23 -13.47 -16.39
C GLN C 95 11.88 -12.78 -16.46
N ALA C 96 10.79 -13.56 -16.36
CA ALA C 96 9.47 -12.94 -16.41
C ALA C 96 9.28 -11.97 -15.25
N VAL C 97 9.73 -12.34 -14.05
CA VAL C 97 9.61 -11.43 -12.91
C VAL C 97 10.53 -10.23 -13.08
N GLN C 98 11.72 -10.45 -13.63
CA GLN C 98 12.74 -9.41 -13.62
C GLN C 98 12.34 -8.19 -14.46
N GLN C 99 11.70 -8.42 -15.60
CA GLN C 99 11.49 -7.37 -16.59
C GLN C 99 10.21 -6.58 -16.38
N HIS C 100 9.56 -6.70 -15.22
CA HIS C 100 8.34 -5.94 -14.97
C HIS C 100 8.68 -4.45 -14.93
N ASN C 101 8.01 -3.66 -15.78
CA ASN C 101 8.38 -2.27 -15.98
C ASN C 101 7.34 -1.28 -15.50
N LEU C 102 6.06 -1.56 -15.67
CA LEU C 102 5.01 -0.62 -15.30
C LEU C 102 5.13 -0.25 -13.83
N SER C 103 5.01 1.04 -13.53
CA SER C 103 5.22 1.54 -12.18
C SER C 103 3.95 1.61 -11.36
N ARG C 104 2.78 1.32 -11.94
CA ARG C 104 1.51 1.46 -11.25
C ARG C 104 0.84 0.12 -10.94
N LEU C 105 1.44 -0.99 -11.36
CA LEU C 105 0.88 -2.31 -11.13
C LEU C 105 1.90 -3.19 -10.40
N ASN C 106 1.43 -3.92 -9.39
CA ASN C 106 2.30 -4.71 -8.54
C ASN C 106 2.06 -6.19 -8.77
N LEU C 107 2.99 -7.01 -8.30
CA LEU C 107 2.97 -8.44 -8.53
C LEU C 107 2.66 -9.21 -7.26
N ILE C 108 1.99 -10.36 -7.45
CA ILE C 108 1.87 -11.38 -6.43
C ILE C 108 2.12 -12.73 -7.11
N VAL C 109 2.99 -13.53 -6.51
CA VAL C 109 3.47 -14.78 -7.13
C VAL C 109 2.96 -15.94 -6.29
N ALA C 110 2.47 -16.98 -6.96
CA ALA C 110 2.03 -18.20 -6.31
C ALA C 110 1.57 -19.18 -7.38
N PRO C 111 1.69 -20.49 -7.13
CA PRO C 111 1.27 -21.47 -8.14
C PRO C 111 -0.20 -21.41 -8.48
N GLU C 112 -1.05 -20.93 -7.56
CA GLU C 112 -2.47 -20.78 -7.86
C GLU C 112 -2.73 -19.70 -8.90
N ASN C 113 -1.79 -18.78 -9.10
CA ASN C 113 -1.97 -17.58 -9.90
C ASN C 113 -0.99 -17.53 -11.06
N ILE C 114 -0.87 -18.63 -11.80
CA ILE C 114 0.03 -18.72 -12.94
C ILE C 114 -0.56 -19.66 -13.98
N VAL C 115 -0.34 -19.35 -15.25
CA VAL C 115 -0.68 -20.25 -16.34
C VAL C 115 0.46 -20.21 -17.36
N PHE C 116 0.67 -21.34 -18.03
CA PHE C 116 1.77 -21.49 -18.95
C PHE C 116 1.27 -22.11 -20.24
N ASP C 117 1.87 -21.69 -21.35
CA ASP C 117 1.44 -22.07 -22.69
C ASP C 117 2.39 -23.12 -23.26
N LYS C 118 2.19 -23.45 -24.53
CA LYS C 118 2.99 -24.48 -25.18
C LYS C 118 4.46 -24.09 -25.28
N GLY C 119 4.78 -22.81 -25.15
CA GLY C 119 6.16 -22.38 -25.14
C GLY C 119 6.82 -22.43 -23.78
N LEU C 120 6.06 -22.73 -22.73
CA LEU C 120 6.59 -22.85 -21.37
C LEU C 120 6.88 -21.49 -20.75
N THR C 121 6.17 -20.46 -21.18
CA THR C 121 6.35 -19.12 -20.63
C THR C 121 5.16 -18.75 -19.76
N PRO C 122 5.36 -18.37 -18.50
CA PRO C 122 4.22 -18.13 -17.61
C PRO C 122 3.57 -16.78 -17.86
N TYR C 123 2.37 -16.64 -17.32
CA TYR C 123 1.64 -15.37 -17.35
C TYR C 123 0.86 -15.23 -16.05
N PHE C 124 0.91 -14.04 -15.45
CA PHE C 124 0.18 -13.78 -14.23
C PHE C 124 -1.23 -13.29 -14.55
N LEU C 125 -2.19 -13.69 -13.71
CA LEU C 125 -3.58 -13.30 -13.88
C LEU C 125 -3.92 -12.04 -13.09
N HIS C 126 -3.75 -12.08 -11.77
CA HIS C 126 -4.16 -10.96 -10.93
C HIS C 126 -3.02 -9.97 -10.73
N TYR C 127 -3.38 -8.69 -10.69
CA TYR C 127 -2.43 -7.61 -10.49
C TYR C 127 -3.00 -6.62 -9.49
N GLY C 128 -2.11 -5.91 -8.80
CA GLY C 128 -2.53 -4.90 -7.86
C GLY C 128 -2.43 -3.51 -8.48
N VAL C 129 -3.35 -2.65 -8.09
CA VAL C 129 -3.39 -1.25 -8.55
C VAL C 129 -3.04 -0.37 -7.36
N LYS C 130 -2.04 0.48 -7.54
CA LYS C 130 -1.46 1.20 -6.41
C LYS C 130 -2.52 1.98 -5.65
N GLU C 131 -2.57 1.75 -4.33
CA GLU C 131 -3.39 2.52 -3.41
C GLU C 131 -4.88 2.39 -3.71
N SER C 132 -5.30 1.27 -4.28
CA SER C 132 -6.73 1.07 -4.59
C SER C 132 -7.22 -0.33 -4.26
N ILE C 133 -6.40 -1.35 -4.45
CA ILE C 133 -6.81 -2.73 -4.18
C ILE C 133 -5.65 -3.46 -3.51
N PRO C 134 -5.91 -4.59 -2.86
CA PRO C 134 -5.05 -5.05 -1.75
C PRO C 134 -3.56 -4.95 -2.06
N PRO C 135 -3.07 -5.55 -3.15
CA PRO C 135 -1.61 -5.61 -3.32
C PRO C 135 -1.04 -4.21 -3.52
N TYR C 136 -1.08 -3.41 -2.46
CA TYR C 136 -0.92 -1.96 -2.59
C TYR C 136 0.48 -1.59 -3.09
N GLU C 137 1.51 -2.05 -2.41
CA GLU C 137 2.84 -1.48 -2.58
C GLU C 137 3.81 -2.52 -3.11
N ARG C 138 4.71 -2.08 -3.98
CA ARG C 138 5.70 -2.96 -4.60
C ARG C 138 6.81 -3.25 -3.59
N ASP C 139 6.59 -4.30 -2.80
CA ASP C 139 7.58 -4.76 -1.84
C ASP C 139 8.42 -5.84 -2.51
N GLU C 140 9.65 -5.50 -2.89
CA GLU C 140 10.46 -6.38 -3.70
C GLU C 140 11.04 -7.56 -2.93
N GLU C 141 11.29 -7.40 -1.63
CA GLU C 141 11.81 -8.53 -0.85
C GLU C 141 10.80 -9.67 -0.79
N ARG C 142 9.53 -9.35 -0.62
CA ARG C 142 8.48 -10.38 -0.61
C ARG C 142 8.45 -11.13 -1.93
N VAL C 143 8.55 -10.40 -3.04
CA VAL C 143 8.57 -11.05 -4.35
C VAL C 143 9.78 -11.95 -4.48
N TRP C 144 10.93 -11.47 -4.04
CA TRP C 144 12.14 -12.30 -4.07
C TRP C 144 11.93 -13.60 -3.32
N GLN C 145 11.41 -13.52 -2.09
CA GLN C 145 11.18 -14.72 -1.30
C GLN C 145 10.23 -15.68 -2.02
N GLU C 146 9.11 -15.15 -2.52
CA GLU C 146 8.11 -16.01 -3.13
C GLU C 146 8.66 -16.68 -4.39
N LEU C 147 9.40 -15.94 -5.20
CA LEU C 147 9.99 -16.51 -6.41
C LEU C 147 10.98 -17.63 -6.06
N LYS C 148 11.84 -17.38 -5.07
CA LYS C 148 12.79 -18.40 -4.67
C LYS C 148 12.07 -19.66 -4.22
N ALA C 149 11.01 -19.49 -3.44
CA ALA C 149 10.25 -20.65 -2.98
C ALA C 149 9.58 -21.37 -4.14
N ALA C 150 8.99 -20.63 -5.07
CA ALA C 150 8.19 -21.25 -6.12
C ALA C 150 9.03 -21.99 -7.13
N ALA C 151 10.27 -21.56 -7.36
CA ALA C 151 11.12 -22.31 -8.27
C ALA C 151 11.29 -23.76 -7.82
N ALA C 152 11.38 -23.98 -6.50
CA ALA C 152 11.63 -25.32 -6.00
C ALA C 152 10.51 -26.28 -6.39
N LEU C 153 9.25 -25.87 -6.22
CA LEU C 153 8.15 -26.75 -6.59
C LEU C 153 8.25 -27.21 -8.03
N ALA C 154 8.66 -26.32 -8.93
CA ALA C 154 8.83 -26.72 -10.32
C ALA C 154 10.00 -27.69 -10.47
N VAL C 155 11.09 -27.46 -9.74
CA VAL C 155 12.28 -28.30 -9.90
C VAL C 155 12.19 -29.56 -9.06
N ASP C 156 11.73 -29.47 -7.82
CA ASP C 156 11.73 -30.60 -6.88
C ASP C 156 10.32 -31.09 -6.56
N GLY C 157 9.45 -30.24 -6.03
CA GLY C 157 8.08 -30.61 -5.78
C GLY C 157 7.87 -31.67 -4.72
N ALA C 158 8.71 -31.73 -3.68
CA ALA C 158 8.54 -32.74 -2.65
C ALA C 158 7.42 -32.39 -1.67
N PHE C 159 7.30 -31.13 -1.26
CA PHE C 159 6.38 -30.73 -0.21
C PHE C 159 5.41 -29.68 -0.74
N ALA C 160 4.55 -29.19 0.14
CA ALA C 160 3.59 -28.16 -0.23
C ALA C 160 4.30 -26.83 -0.43
N PHE C 161 3.56 -25.85 -0.94
CA PHE C 161 4.16 -24.56 -1.25
C PHE C 161 4.68 -23.87 0.01
N GLU C 162 3.87 -23.82 1.05
CA GLU C 162 4.29 -23.14 2.28
C GLU C 162 5.50 -23.81 2.91
N ASP C 163 5.72 -25.10 2.63
CA ASP C 163 6.82 -25.81 3.26
C ASP C 163 8.17 -25.23 2.87
N TYR C 164 8.35 -24.94 1.58
CA TYR C 164 9.62 -24.35 1.15
C TYR C 164 9.74 -22.89 1.53
N LEU C 165 8.66 -22.29 2.03
CA LEU C 165 8.65 -20.85 2.32
C LEU C 165 8.91 -20.57 3.79
N LYS C 166 8.19 -21.25 4.68
CA LYS C 166 8.19 -20.87 6.10
C LYS C 166 9.12 -21.75 6.93
N PHE C 167 9.04 -23.06 6.78
CA PHE C 167 9.78 -24.00 7.62
C PHE C 167 11.12 -24.42 7.01
N ASN C 168 11.76 -23.53 6.26
CA ASN C 168 12.99 -23.89 5.56
C ASN C 168 14.13 -24.22 6.52
N GLU C 169 14.28 -23.46 7.61
CA GLU C 169 15.49 -23.58 8.44
C GLU C 169 15.63 -24.94 9.10
N THR C 170 14.54 -25.66 9.32
CA THR C 170 14.56 -26.87 10.13
C THR C 170 14.65 -28.15 9.31
N LEU C 171 13.84 -28.30 8.28
CA LEU C 171 13.79 -29.56 7.55
C LEU C 171 15.05 -29.78 6.73
N THR C 172 15.20 -31.01 6.24
CA THR C 172 16.35 -31.40 5.43
C THR C 172 15.86 -31.66 4.01
N PHE C 173 15.95 -30.63 3.17
CA PHE C 173 15.52 -30.76 1.78
C PHE C 173 16.59 -31.49 0.97
N SER C 174 16.25 -31.79 -0.28
CA SER C 174 17.20 -32.42 -1.18
C SER C 174 18.34 -31.46 -1.50
N ALA C 175 19.30 -31.94 -2.29
CA ALA C 175 20.44 -31.11 -2.66
C ALA C 175 20.01 -29.98 -3.59
N GLU C 176 19.15 -30.28 -4.56
CA GLU C 176 18.78 -29.27 -5.55
C GLU C 176 18.03 -28.11 -4.90
N ALA C 177 17.03 -28.42 -4.08
CA ALA C 177 16.25 -27.37 -3.43
C ALA C 177 17.14 -26.54 -2.50
N LYS C 178 18.02 -27.19 -1.75
CA LYS C 178 18.94 -26.45 -0.90
C LYS C 178 19.82 -25.53 -1.72
N ALA C 179 20.35 -26.01 -2.85
CA ALA C 179 21.20 -25.17 -3.68
C ALA C 179 20.44 -23.96 -4.20
N ILE C 180 19.20 -24.18 -4.66
CA ILE C 180 18.40 -23.07 -5.18
C ILE C 180 18.11 -22.05 -4.08
N LEU C 181 17.80 -22.54 -2.88
CA LEU C 181 17.45 -21.65 -1.77
C LEU C 181 18.61 -20.78 -1.32
N ASP C 182 19.84 -21.09 -1.72
CA ASP C 182 21.01 -20.35 -1.25
C ASP C 182 21.29 -19.09 -2.06
N ALA C 183 20.65 -18.93 -3.22
CA ALA C 183 21.01 -17.84 -4.11
C ALA C 183 20.79 -16.49 -3.43
N GLU C 184 21.68 -15.54 -3.73
CA GLU C 184 21.66 -14.23 -3.09
C GLU C 184 21.27 -13.11 -4.03
N SER C 185 21.34 -13.31 -5.35
CA SER C 185 20.97 -12.27 -6.30
C SER C 185 20.54 -12.93 -7.60
N TYR C 186 19.79 -12.17 -8.41
CA TYR C 186 19.24 -12.72 -9.64
C TYR C 186 20.33 -13.37 -10.49
N ASP C 187 21.46 -12.67 -10.67
CA ASP C 187 22.51 -13.23 -11.51
C ASP C 187 23.02 -14.55 -10.96
N ASP C 188 23.15 -14.65 -9.63
CA ASP C 188 23.59 -15.91 -9.04
C ASP C 188 22.62 -17.03 -9.34
N LEU C 189 21.31 -16.76 -9.22
CA LEU C 189 20.32 -17.80 -9.49
C LEU C 189 20.38 -18.23 -10.95
N LEU C 190 20.49 -17.27 -11.88
CA LEU C 190 20.56 -17.63 -13.29
C LEU C 190 21.82 -18.44 -13.58
N GLU C 191 22.95 -18.05 -12.99
CA GLU C 191 24.18 -18.82 -13.18
C GLU C 191 24.01 -20.24 -12.64
N LEU C 192 23.35 -20.38 -11.50
CA LEU C 192 23.10 -21.70 -10.94
C LEU C 192 22.31 -22.56 -11.91
N ILE C 193 21.23 -22.00 -12.48
CA ILE C 193 20.40 -22.79 -13.38
C ILE C 193 21.17 -23.15 -14.65
N GLN C 194 22.06 -22.26 -15.09
CA GLN C 194 22.80 -22.51 -16.32
C GLN C 194 23.58 -23.82 -16.27
N THR C 195 24.34 -24.01 -15.20
CA THR C 195 25.19 -25.21 -15.11
C THR C 195 24.34 -26.47 -15.10
N HIS C 196 23.23 -26.46 -14.37
CA HIS C 196 22.37 -27.63 -14.34
C HIS C 196 21.82 -27.94 -15.73
N ILE C 197 21.37 -26.92 -16.46
CA ILE C 197 20.84 -27.19 -17.80
C ILE C 197 21.93 -27.73 -18.71
N ASP C 198 23.15 -27.20 -18.59
CA ASP C 198 24.25 -27.70 -19.40
C ASP C 198 24.56 -29.16 -19.09
N GLU C 199 24.53 -29.53 -17.81
CA GLU C 199 24.80 -30.92 -17.44
C GLU C 199 23.83 -31.86 -18.15
N LEU C 200 22.54 -31.55 -18.11
CA LEU C 200 21.55 -32.38 -18.79
C LEU C 200 21.77 -32.40 -20.29
N GLU C 201 22.04 -31.24 -20.90
CA GLU C 201 22.27 -31.21 -22.33
C GLU C 201 23.46 -32.07 -22.73
N ALA C 202 24.46 -32.20 -21.85
CA ALA C 202 25.62 -33.02 -22.16
C ALA C 202 25.36 -34.51 -21.92
N LYS C 203 24.69 -34.84 -20.82
CA LYS C 203 24.50 -36.24 -20.45
C LYS C 203 23.64 -36.96 -21.47
N ALA C 204 22.58 -36.30 -21.96
CA ALA C 204 21.61 -36.99 -22.80
C ALA C 204 22.25 -37.59 -24.04
N LYS C 205 23.37 -37.04 -24.50
CA LYS C 205 24.00 -37.53 -25.72
C LYS C 205 24.50 -38.96 -25.59
N THR C 206 24.68 -39.46 -24.36
CA THR C 206 25.19 -40.80 -24.18
C THR C 206 24.17 -41.88 -24.52
N TYR C 207 22.88 -41.54 -24.49
CA TYR C 207 21.84 -42.53 -24.67
C TYR C 207 21.43 -42.68 -26.12
N ILE C 208 20.62 -43.69 -26.39
CA ILE C 208 19.91 -43.85 -27.65
C ILE C 208 18.47 -44.21 -27.31
N HIS C 209 17.54 -43.75 -28.16
CA HIS C 209 16.12 -44.01 -27.98
C HIS C 209 15.68 -45.04 -29.00
N ILE C 210 15.17 -46.17 -28.51
CA ILE C 210 14.78 -47.29 -29.35
C ILE C 210 13.29 -47.57 -29.13
N PRO C 211 12.54 -47.90 -30.17
CA PRO C 211 11.14 -48.32 -29.94
C PRO C 211 11.06 -49.44 -28.92
N ARG C 212 10.32 -49.21 -27.84
CA ARG C 212 10.31 -50.18 -26.74
C ARG C 212 9.84 -51.55 -27.21
N LYS C 213 8.94 -51.59 -28.19
CA LYS C 213 8.41 -52.88 -28.64
C LYS C 213 9.50 -53.74 -29.27
N LYS C 214 10.35 -53.14 -30.11
CA LYS C 214 11.43 -53.91 -30.73
C LYS C 214 12.42 -54.40 -29.69
N TRP C 215 12.74 -53.55 -28.71
CA TRP C 215 13.64 -53.98 -27.65
C TRP C 215 13.04 -55.08 -26.81
N ASN C 216 11.71 -55.11 -26.69
CA ASN C 216 11.06 -56.21 -25.97
C ASN C 216 11.36 -57.54 -26.64
N ILE C 217 11.35 -57.58 -27.97
CA ILE C 217 11.81 -58.78 -28.68
C ILE C 217 13.29 -59.01 -28.42
N GLN C 218 14.12 -58.02 -28.77
CA GLN C 218 15.57 -58.22 -28.74
C GLN C 218 16.04 -58.75 -27.38
N ARG C 219 15.40 -58.33 -26.30
CA ARG C 219 15.87 -58.70 -24.97
C ARG C 219 15.51 -60.14 -24.60
N TYR C 220 14.49 -60.73 -25.21
CA TYR C 220 14.01 -62.05 -24.82
C TYR C 220 14.14 -63.11 -25.89
N ILE C 221 14.35 -62.72 -27.16
CA ILE C 221 14.42 -63.71 -28.23
C ILE C 221 15.54 -64.69 -27.99
N GLY C 222 16.66 -64.23 -27.44
CA GLY C 222 17.79 -65.09 -27.19
C GLY C 222 17.64 -65.92 -25.93
N LEU C 223 16.80 -66.96 -26.01
CA LEU C 223 16.58 -67.86 -24.90
C LEU C 223 16.48 -69.29 -25.42
N GLY C 224 16.75 -70.25 -24.54
CA GLY C 224 16.70 -71.64 -24.91
C GLY C 224 17.90 -72.06 -25.74
N LEU C 225 18.00 -71.53 -26.95
CA LEU C 225 19.14 -71.78 -27.82
C LEU C 225 19.33 -73.27 -28.06
N THR D 217 -51.71 -13.30 31.70
CA THR D 217 -50.76 -13.33 32.85
C THR D 217 -51.40 -12.77 34.11
N GLU D 218 -50.84 -13.10 35.27
CA GLU D 218 -51.37 -12.59 36.52
C GLU D 218 -51.22 -11.09 36.62
N MET D 219 -50.16 -10.53 36.05
CA MET D 219 -49.92 -9.09 36.15
C MET D 219 -51.05 -8.27 35.54
N GLN D 220 -51.81 -8.86 34.61
CA GLN D 220 -52.91 -8.11 33.99
C GLN D 220 -53.97 -7.70 35.00
N LYS D 221 -54.05 -8.40 36.14
CA LYS D 221 -54.97 -7.96 37.20
C LYS D 221 -54.63 -6.55 37.66
N LYS D 222 -53.38 -6.13 37.50
CA LYS D 222 -52.92 -4.83 37.96
C LYS D 222 -52.55 -3.89 36.82
N TYR D 223 -52.96 -4.19 35.59
CA TYR D 223 -52.49 -3.52 34.38
C TYR D 223 -52.35 -2.01 34.54
N PRO D 224 -53.30 -1.32 35.18
CA PRO D 224 -53.14 0.13 35.38
C PRO D 224 -51.91 0.50 36.17
N GLN D 225 -51.39 -0.41 37.00
CA GLN D 225 -50.20 -0.16 37.80
C GLN D 225 -49.18 -1.25 37.56
N TYR D 226 -47.95 -0.98 37.98
CA TYR D 226 -46.85 -1.92 37.80
C TYR D 226 -45.81 -1.68 38.87
N ARG D 227 -45.27 -2.77 39.42
CA ARG D 227 -44.27 -2.69 40.48
C ARG D 227 -43.27 -3.83 40.31
N ARG D 228 -42.02 -3.57 40.68
CA ARG D 228 -40.97 -4.56 40.51
C ARG D 228 -41.09 -5.67 41.56
N THR D 229 -40.55 -6.83 41.22
CA THR D 229 -40.49 -7.98 42.11
C THR D 229 -39.07 -8.53 42.09
N PRO D 230 -38.75 -9.48 42.94
CA PRO D 230 -37.37 -9.98 43.03
C PRO D 230 -36.85 -10.45 41.68
N ARG D 231 -35.60 -10.10 41.39
CA ARG D 231 -34.97 -10.50 40.13
C ARG D 231 -34.40 -11.90 40.24
N MET D 232 -34.31 -12.57 39.10
CA MET D 232 -33.66 -13.86 39.02
C MET D 232 -32.21 -13.69 38.58
N VAL D 233 -31.40 -14.73 38.80
CA VAL D 233 -29.98 -14.70 38.47
C VAL D 233 -29.53 -16.12 38.13
N TYR D 234 -28.40 -16.22 37.44
CA TYR D 234 -27.77 -17.49 37.12
C TYR D 234 -26.26 -17.31 37.18
N ASP D 235 -25.52 -18.32 36.69
CA ASP D 235 -24.07 -18.26 36.65
C ASP D 235 -23.56 -19.21 35.58
N LEU D 236 -22.32 -18.98 35.14
CA LEU D 236 -21.71 -19.81 34.13
C LEU D 236 -21.04 -21.04 34.76
N PRO D 237 -20.79 -22.08 33.96
CA PRO D 237 -20.04 -23.22 34.48
C PRO D 237 -18.54 -23.02 34.31
N ASP D 238 -17.78 -23.38 35.34
CA ASP D 238 -16.34 -23.11 35.33
C ASP D 238 -15.50 -24.26 35.87
N ASP D 239 -15.96 -25.50 35.82
CA ASP D 239 -15.17 -26.61 36.35
C ASP D 239 -14.01 -26.94 35.41
N ARG D 240 -13.08 -27.73 35.93
CA ARG D 240 -11.93 -28.22 35.17
C ARG D 240 -12.09 -29.71 34.92
N VAL D 241 -11.83 -30.14 33.70
CA VAL D 241 -11.96 -31.54 33.30
C VAL D 241 -10.58 -32.08 32.99
N SER D 242 -10.32 -33.31 33.46
CA SER D 242 -9.00 -33.91 33.37
C SER D 242 -8.96 -35.01 32.31
N PHE D 243 -7.80 -35.63 32.18
CA PHE D 243 -7.60 -36.77 31.28
C PHE D 243 -6.70 -37.78 31.97
N SER D 244 -6.80 -39.04 31.54
CA SER D 244 -6.03 -40.11 32.15
C SER D 244 -5.77 -41.21 31.14
N PHE D 245 -4.58 -41.81 31.22
CA PHE D 245 -4.20 -42.94 30.37
C PHE D 245 -3.28 -43.85 31.17
N PRO D 246 -3.83 -44.65 32.08
CA PRO D 246 -2.98 -45.45 32.96
C PRO D 246 -2.42 -46.72 32.33
N SER D 247 -2.76 -46.99 31.07
CA SER D 247 -2.33 -48.22 30.42
C SER D 247 -1.79 -47.89 29.03
N GLN D 248 -0.87 -48.74 28.56
CA GLN D 248 -0.25 -48.57 27.25
C GLN D 248 -0.25 -49.91 26.53
N GLU D 249 -0.79 -49.93 25.31
CA GLU D 249 -0.91 -51.15 24.52
C GLU D 249 -1.49 -52.30 25.35
N PHE D 303 -1.72 -73.16 19.02
CA PHE D 303 -3.12 -73.50 18.83
C PHE D 303 -3.91 -73.32 20.11
N ARG D 304 -3.28 -72.72 21.12
CA ARG D 304 -3.92 -72.42 22.40
C ARG D 304 -4.01 -70.92 22.68
N ASP D 305 -3.72 -70.09 21.67
CA ASP D 305 -3.67 -68.65 21.91
C ASP D 305 -5.06 -68.06 22.10
N LYS D 306 -6.06 -68.59 21.38
CA LYS D 306 -7.40 -68.00 21.40
C LYS D 306 -7.96 -67.93 22.82
N ASN D 307 -8.18 -69.09 23.43
CA ASN D 307 -8.93 -69.14 24.69
C ASN D 307 -8.17 -68.54 25.86
N GLN D 308 -6.84 -68.44 25.77
CA GLN D 308 -6.05 -68.06 26.94
C GLN D 308 -5.82 -66.57 27.05
N ARG D 309 -5.46 -65.88 25.96
CA ARG D 309 -5.10 -64.47 26.04
C ARG D 309 -5.96 -63.61 25.12
N LYS D 310 -6.44 -64.18 24.02
CA LYS D 310 -7.25 -63.40 23.08
C LYS D 310 -8.65 -63.14 23.64
N LYS D 311 -9.13 -63.98 24.56
CA LYS D 311 -10.36 -63.68 25.26
C LYS D 311 -10.17 -62.57 26.28
N ARG D 312 -8.96 -62.45 26.83
CA ARG D 312 -8.68 -61.37 27.77
C ARG D 312 -8.48 -60.03 27.07
N GLU D 313 -8.20 -60.05 25.76
CA GLU D 313 -8.04 -58.81 25.02
C GLU D 313 -9.35 -58.02 24.99
N GLU D 314 -10.47 -58.72 24.85
CA GLU D 314 -11.78 -58.07 24.89
C GLU D 314 -11.98 -57.33 26.21
N LYS D 315 -11.67 -58.01 27.33
CA LYS D 315 -11.80 -57.37 28.63
C LYS D 315 -10.86 -56.18 28.75
N ARG D 316 -9.65 -56.32 28.21
CA ARG D 316 -8.68 -55.22 28.27
C ARG D 316 -9.17 -54.01 27.50
N GLU D 317 -9.81 -54.23 26.34
CA GLU D 317 -10.10 -53.12 25.44
C GLU D 317 -11.45 -52.47 25.75
N ARG D 318 -12.50 -53.26 25.92
CA ARG D 318 -13.85 -52.70 26.03
C ARG D 318 -13.92 -51.63 27.11
N VAL D 319 -13.17 -51.80 28.20
CA VAL D 319 -13.28 -50.87 29.31
C VAL D 319 -12.88 -49.47 28.88
N TYR D 320 -11.88 -49.33 28.02
CA TYR D 320 -11.43 -48.00 27.62
C TYR D 320 -12.42 -47.34 26.66
N LYS D 321 -13.07 -48.11 25.78
CA LYS D 321 -14.13 -47.52 24.97
C LYS D 321 -15.28 -47.05 25.87
N LEU D 322 -15.60 -47.84 26.89
CA LEU D 322 -16.64 -47.43 27.83
C LEU D 322 -16.24 -46.15 28.55
N TYR D 323 -14.98 -46.07 28.95
CA TYR D 323 -14.48 -44.87 29.61
C TYR D 323 -14.55 -43.65 28.70
N LEU D 324 -14.17 -43.82 27.43
CA LEU D 324 -14.24 -42.71 26.49
C LEU D 324 -15.68 -42.23 26.31
N ASP D 325 -16.63 -43.16 26.19
CA ASP D 325 -18.02 -42.75 26.04
C ASP D 325 -18.53 -42.07 27.31
N ASN D 326 -18.14 -42.57 28.48
CA ASN D 326 -18.53 -41.90 29.72
C ASN D 326 -18.00 -40.48 29.75
N LYS D 327 -16.76 -40.27 29.30
CA LYS D 327 -16.23 -38.92 29.22
C LYS D 327 -17.00 -38.07 28.23
N ARG D 328 -17.32 -38.64 27.06
CA ARG D 328 -18.05 -37.89 26.04
C ARG D 328 -19.41 -37.43 26.56
N LYS D 329 -20.01 -38.21 27.46
CA LYS D 329 -21.31 -37.82 28.01
C LYS D 329 -21.22 -36.51 28.79
N GLU D 330 -20.02 -36.09 29.18
CA GLU D 330 -19.90 -35.03 30.17
C GLU D 330 -19.82 -33.63 29.53
N LEU D 331 -18.89 -33.43 28.60
CA LEU D 331 -18.63 -32.08 28.10
C LEU D 331 -19.89 -31.44 27.53
N GLN D 332 -20.75 -32.24 26.91
CA GLN D 332 -21.96 -31.70 26.33
C GLN D 332 -22.86 -31.06 27.38
N ALA D 333 -22.90 -31.63 28.59
CA ALA D 333 -23.72 -31.03 29.64
C ALA D 333 -23.26 -29.63 29.99
N LEU D 334 -21.95 -29.42 30.13
CA LEU D 334 -21.44 -28.09 30.40
C LEU D 334 -21.72 -27.15 29.22
N ALA D 335 -21.54 -27.63 28.00
CA ALA D 335 -21.84 -26.80 26.84
C ALA D 335 -23.31 -26.36 26.85
N GLU D 336 -24.21 -27.30 27.13
CA GLU D 336 -25.64 -26.97 27.16
C GLU D 336 -25.92 -25.95 28.26
N LYS D 337 -25.32 -26.13 29.45
CA LYS D 337 -25.56 -25.18 30.52
C LYS D 337 -25.11 -23.78 30.13
N GLN D 338 -23.92 -23.68 29.55
CA GLN D 338 -23.42 -22.37 29.13
C GLN D 338 -24.35 -21.73 28.12
N LYS D 339 -24.76 -22.50 27.11
CA LYS D 339 -25.64 -21.95 26.08
C LYS D 339 -26.96 -21.51 26.68
N GLN D 340 -27.51 -22.33 27.58
CA GLN D 340 -28.81 -22.03 28.17
C GLN D 340 -28.75 -20.73 28.95
N VAL D 341 -27.69 -20.51 29.73
CA VAL D 341 -27.63 -19.27 30.49
C VAL D 341 -27.40 -18.07 29.57
N LEU D 342 -26.52 -18.22 28.57
CA LEU D 342 -26.24 -17.10 27.69
C LEU D 342 -27.48 -16.66 26.93
N GLU D 343 -28.25 -17.61 26.39
CA GLU D 343 -29.46 -17.24 25.68
C GLU D 343 -30.59 -16.87 26.62
N PHE D 344 -30.39 -16.98 27.93
CA PHE D 344 -31.39 -16.48 28.88
C PHE D 344 -31.08 -15.08 29.34
N HIS D 345 -29.81 -14.67 29.33
CA HIS D 345 -29.46 -13.34 29.82
C HIS D 345 -29.58 -12.24 28.77
N PHE D 346 -29.47 -12.57 27.49
CA PHE D 346 -29.50 -11.56 26.41
C PHE D 346 -30.49 -11.94 25.33
N PRO D 347 -31.79 -11.87 25.62
CA PRO D 347 -32.79 -12.22 24.61
C PRO D 347 -32.80 -11.23 23.47
N SER D 348 -33.12 -11.74 22.27
CA SER D 348 -33.14 -10.89 21.09
C SER D 348 -34.28 -9.89 21.16
N PHE D 349 -34.36 -9.03 20.14
CA PHE D 349 -35.36 -7.97 20.15
C PHE D 349 -36.76 -8.52 19.90
N GLU D 350 -36.90 -9.45 18.95
CA GLU D 350 -38.21 -10.04 18.68
C GLU D 350 -38.78 -10.75 19.89
N GLN D 351 -37.94 -11.52 20.58
CA GLN D 351 -38.40 -12.16 21.82
C GLN D 351 -38.87 -11.12 22.80
N MET D 352 -38.28 -9.91 22.74
CA MET D 352 -38.70 -8.85 23.64
C MET D 352 -40.06 -8.28 23.23
N LYS D 353 -40.28 -8.12 21.92
CA LYS D 353 -41.61 -7.74 21.46
C LYS D 353 -42.64 -8.73 21.99
N TYR D 354 -42.34 -10.02 21.88
CA TYR D 354 -43.30 -11.02 22.36
C TYR D 354 -43.51 -10.91 23.86
N LEU D 355 -42.44 -10.85 24.64
CA LEU D 355 -42.54 -10.74 26.08
C LEU D 355 -43.25 -9.47 26.53
N THR D 356 -43.30 -8.44 25.68
CA THR D 356 -44.05 -7.24 26.00
C THR D 356 -45.50 -7.29 25.55
N SER D 357 -45.80 -8.02 24.47
CA SER D 357 -47.19 -8.15 24.04
C SER D 357 -48.07 -8.66 25.17
N GLU D 358 -47.54 -9.52 26.03
CA GLU D 358 -48.18 -9.93 27.27
C GLU D 358 -47.32 -9.43 28.42
N ILE D 359 -47.96 -8.83 29.43
CA ILE D 359 -47.20 -8.11 30.44
C ILE D 359 -46.48 -9.11 31.32
N SER D 360 -45.20 -9.33 31.04
CA SER D 360 -44.39 -10.21 31.86
C SER D 360 -43.90 -9.47 33.09
N ASP D 361 -43.28 -10.21 34.01
CA ASP D 361 -42.60 -9.60 35.14
C ASP D 361 -41.14 -9.29 34.84
N ARG D 362 -40.69 -9.52 33.60
CA ARG D 362 -39.34 -9.19 33.19
C ARG D 362 -39.19 -7.77 32.68
N ILE D 363 -40.24 -6.95 32.77
CA ILE D 363 -40.13 -5.56 32.36
C ILE D 363 -39.36 -4.78 33.40
N TRP D 364 -38.36 -4.01 32.94
CA TRP D 364 -37.58 -3.13 33.80
C TRP D 364 -36.92 -3.90 34.94
N GLU D 365 -36.13 -4.92 34.57
CA GLU D 365 -35.45 -5.74 35.56
C GLU D 365 -34.37 -4.93 36.30
N LYS D 366 -33.49 -4.27 35.55
CA LYS D 366 -32.25 -3.77 36.11
C LYS D 366 -32.45 -2.43 36.79
N SER D 367 -31.43 -2.02 37.54
CA SER D 367 -31.43 -0.75 38.26
C SER D 367 -30.00 -0.25 38.33
N LEU D 368 -29.85 1.04 38.66
CA LEU D 368 -28.54 1.67 38.59
C LEU D 368 -27.49 0.93 39.41
N GLU D 369 -27.90 0.25 40.49
CA GLU D 369 -26.91 -0.46 41.30
C GLU D 369 -26.25 -1.59 40.52
N SER D 370 -27.00 -2.30 39.69
CA SER D 370 -26.49 -3.47 38.99
C SER D 370 -25.39 -3.07 38.01
N LYS D 371 -24.47 -4.00 37.77
CA LYS D 371 -23.31 -3.72 36.95
C LYS D 371 -23.53 -3.99 35.46
N ASP D 372 -24.55 -4.75 35.09
CA ASP D 372 -24.68 -5.23 33.73
C ASP D 372 -25.57 -4.35 32.87
N TYR D 373 -26.05 -3.23 33.39
CA TYR D 373 -26.85 -2.34 32.56
C TYR D 373 -25.94 -1.63 31.55
N LEU D 374 -26.57 -1.10 30.50
CA LEU D 374 -25.82 -0.57 29.36
C LEU D 374 -24.97 -1.64 28.70
N GLN D 375 -25.48 -2.86 28.63
CA GLN D 375 -24.89 -3.92 27.82
C GLN D 375 -25.84 -4.25 26.69
N LEU D 376 -25.29 -4.57 25.53
CA LEU D 376 -26.05 -4.70 24.30
C LEU D 376 -25.66 -5.97 23.58
N ARG D 377 -26.63 -6.61 22.93
CA ARG D 377 -26.37 -7.78 22.10
C ARG D 377 -26.29 -7.33 20.64
N LEU D 378 -25.24 -7.74 19.94
CA LEU D 378 -25.03 -7.30 18.57
C LEU D 378 -25.33 -8.37 17.53
N GLY D 379 -25.39 -9.63 17.91
CA GLY D 379 -25.62 -10.68 16.95
C GLY D 379 -25.26 -12.03 17.54
N THR D 380 -24.86 -12.95 16.66
CA THR D 380 -24.49 -14.31 17.05
C THR D 380 -23.16 -14.68 16.41
N GLY D 381 -22.37 -15.44 17.17
CA GLY D 381 -21.06 -15.84 16.68
C GLY D 381 -20.41 -16.90 17.55
N THR D 382 -19.09 -17.02 17.45
CA THR D 382 -18.33 -18.02 18.19
C THR D 382 -17.78 -17.40 19.47
N VAL D 383 -17.86 -18.14 20.57
CA VAL D 383 -17.45 -17.65 21.88
C VAL D 383 -16.59 -18.71 22.55
N PRO D 384 -15.51 -18.34 23.25
CA PRO D 384 -14.71 -19.35 23.95
C PRO D 384 -15.42 -19.89 25.19
N SER D 385 -15.17 -21.16 25.48
CA SER D 385 -15.82 -21.81 26.59
C SER D 385 -15.31 -21.25 27.92
N SER D 386 -16.21 -21.19 28.90
CA SER D 386 -15.84 -20.75 30.23
C SER D 386 -15.24 -21.85 31.09
N TYR D 387 -15.68 -23.10 30.90
CA TYR D 387 -15.05 -24.21 31.61
C TYR D 387 -13.64 -24.43 31.07
N GLU D 388 -12.85 -25.18 31.84
CA GLU D 388 -11.45 -25.43 31.50
C GLU D 388 -11.26 -26.91 31.17
N ILE D 389 -10.68 -27.17 30.00
CA ILE D 389 -10.30 -28.51 29.58
C ILE D 389 -8.81 -28.67 29.80
N ASN D 390 -8.42 -29.70 30.55
CA ASN D 390 -7.03 -29.90 30.93
C ASN D 390 -6.57 -31.28 30.52
N MET D 391 -5.40 -31.33 29.88
CA MET D 391 -4.78 -32.60 29.47
C MET D 391 -3.70 -32.94 30.50
N SER D 392 -4.12 -33.60 31.58
CA SER D 392 -3.21 -34.01 32.64
C SER D 392 -2.40 -35.24 32.27
N GLY D 393 -2.93 -36.12 31.43
CA GLY D 393 -2.21 -37.34 31.10
C GLY D 393 -0.90 -37.08 30.41
N GLY D 394 -0.90 -36.20 29.41
CA GLY D 394 0.32 -35.92 28.68
C GLY D 394 0.92 -37.19 28.10
N ASP D 395 2.23 -37.35 28.26
CA ASP D 395 2.92 -38.55 27.84
C ASP D 395 2.59 -38.92 26.40
N LEU D 396 2.78 -37.96 25.49
CA LEU D 396 2.58 -38.20 24.06
C LEU D 396 3.87 -38.60 23.34
N ALA D 397 4.97 -38.77 24.08
CA ALA D 397 6.21 -39.24 23.51
C ALA D 397 6.70 -40.42 24.35
N ASN D 398 7.46 -41.31 23.70
CA ASN D 398 7.84 -42.59 24.28
C ASN D 398 6.64 -43.48 24.54
N ARG D 399 5.52 -43.20 23.89
CA ARG D 399 4.27 -43.90 24.12
C ARG D 399 3.67 -44.36 22.80
N ASP D 400 3.13 -45.58 22.80
CA ASP D 400 2.48 -46.14 21.61
C ASP D 400 1.06 -45.57 21.48
N ILE D 401 1.00 -44.25 21.25
CA ILE D 401 -0.28 -43.57 21.15
C ILE D 401 -1.10 -44.17 20.02
N ASP D 402 -2.41 -44.23 20.21
CA ASP D 402 -3.29 -44.90 19.27
C ASP D 402 -4.71 -44.37 19.47
N ASP D 403 -5.69 -45.10 18.92
CA ASP D 403 -7.10 -44.71 19.00
C ASP D 403 -7.49 -44.19 20.38
N LEU D 404 -7.25 -45.00 21.41
CA LEU D 404 -7.62 -44.63 22.77
C LEU D 404 -6.93 -43.35 23.23
N MET D 405 -5.98 -42.82 22.45
CA MET D 405 -5.37 -41.54 22.73
C MET D 405 -5.81 -40.47 21.73
N GLU D 406 -6.16 -40.89 20.50
CA GLU D 406 -6.58 -39.92 19.48
C GLU D 406 -7.98 -39.39 19.75
N LYS D 407 -8.85 -40.20 20.35
CA LYS D 407 -10.16 -39.70 20.73
C LYS D 407 -10.06 -38.53 21.70
N SER D 408 -9.04 -38.51 22.56
CA SER D 408 -8.83 -37.36 23.42
C SER D 408 -8.59 -36.10 22.61
N GLN D 409 -7.73 -36.18 21.58
CA GLN D 409 -7.48 -35.02 20.74
C GLN D 409 -8.74 -34.58 20.01
N HIS D 410 -9.53 -35.54 19.50
CA HIS D 410 -10.77 -35.19 18.83
C HIS D 410 -11.69 -34.42 19.78
N MET D 411 -11.87 -34.93 21.00
CA MET D 411 -12.73 -34.26 21.96
C MET D 411 -12.22 -32.88 22.30
N GLN D 412 -10.90 -32.74 22.46
CA GLN D 412 -10.32 -31.44 22.74
C GLN D 412 -10.60 -30.46 21.60
N ARG D 413 -10.50 -30.93 20.35
CA ARG D 413 -10.81 -30.07 19.23
C ARG D 413 -12.27 -29.61 19.26
N VAL D 414 -13.18 -30.53 19.56
CA VAL D 414 -14.60 -30.22 19.44
C VAL D 414 -15.06 -29.33 20.57
N TYR D 415 -14.94 -29.81 21.82
CA TYR D 415 -15.63 -29.18 22.93
C TYR D 415 -14.91 -27.96 23.51
N LYS D 416 -13.94 -27.38 22.79
CA LYS D 416 -13.23 -26.23 23.34
C LYS D 416 -13.97 -24.91 23.07
N ASP D 417 -14.98 -24.91 22.21
CA ASP D 417 -15.69 -23.70 21.85
C ASP D 417 -17.16 -24.00 21.61
N ILE D 418 -17.96 -22.95 21.59
CA ILE D 418 -19.40 -23.03 21.34
C ILE D 418 -19.68 -22.33 20.02
N ARG D 419 -20.78 -22.71 19.39
CA ARG D 419 -21.16 -22.16 18.10
C ARG D 419 -22.58 -21.61 18.17
N ASN D 420 -22.79 -20.45 17.57
CA ASN D 420 -24.09 -19.78 17.52
C ASN D 420 -24.50 -19.27 18.91
N ALA D 421 -23.56 -18.59 19.56
CA ALA D 421 -23.81 -17.95 20.84
C ALA D 421 -23.85 -16.44 20.67
N PRO D 422 -24.51 -15.72 21.57
CA PRO D 422 -24.65 -14.27 21.40
C PRO D 422 -23.38 -13.50 21.73
N VAL D 423 -23.01 -12.54 20.87
CA VAL D 423 -21.83 -11.71 21.03
C VAL D 423 -22.26 -10.43 21.74
N THR D 424 -21.51 -10.03 22.76
CA THR D 424 -21.89 -8.93 23.63
C THR D 424 -20.85 -7.82 23.57
N VAL D 425 -21.32 -6.59 23.78
CA VAL D 425 -20.46 -5.41 23.88
C VAL D 425 -21.01 -4.51 24.98
N ASP D 426 -20.12 -3.79 25.64
CA ASP D 426 -20.50 -2.90 26.74
C ASP D 426 -20.35 -1.47 26.29
N LEU D 427 -21.12 -0.57 26.92
CA LEU D 427 -21.10 0.85 26.59
C LEU D 427 -20.69 1.72 27.76
N ALA D 428 -20.68 1.18 28.98
CA ALA D 428 -20.39 2.01 30.16
C ALA D 428 -18.93 2.42 30.23
N GLU D 429 -18.05 1.76 29.50
CA GLU D 429 -16.62 2.07 29.55
C GLU D 429 -16.28 3.39 28.89
N GLY D 430 -17.04 3.82 27.89
CA GLY D 430 -16.76 5.04 27.17
C GLY D 430 -17.46 5.08 25.84
N PRO D 431 -17.24 6.16 25.08
CA PRO D 431 -17.96 6.32 23.81
C PRO D 431 -17.67 5.16 22.85
N MET D 432 -18.70 4.79 22.09
CA MET D 432 -18.55 3.80 21.02
C MET D 432 -18.45 4.52 19.68
N GLY D 433 -18.41 3.74 18.62
CA GLY D 433 -18.42 4.26 17.26
C GLY D 433 -18.89 3.21 16.28
N LEU D 434 -19.81 3.59 15.40
CA LEU D 434 -20.35 2.70 14.38
C LEU D 434 -19.89 3.19 13.01
N VAL D 435 -19.37 2.27 12.21
CA VAL D 435 -18.80 2.60 10.90
C VAL D 435 -19.42 1.69 9.85
N GLY D 436 -19.66 2.23 8.67
CA GLY D 436 -20.21 1.48 7.58
C GLY D 436 -21.10 2.34 6.72
N LYS D 437 -21.69 1.71 5.71
CA LYS D 437 -22.60 2.43 4.83
C LYS D 437 -23.76 3.01 5.66
N SER D 438 -24.19 4.22 5.30
CA SER D 438 -25.13 4.94 6.14
C SER D 438 -26.43 4.16 6.32
N GLN D 439 -26.86 3.44 5.28
CA GLN D 439 -28.15 2.75 5.35
C GLN D 439 -28.15 1.71 6.48
N ILE D 440 -27.15 0.84 6.51
CA ILE D 440 -27.14 -0.26 7.47
C ILE D 440 -26.91 0.26 8.89
N VAL D 441 -25.96 1.19 9.05
CA VAL D 441 -25.68 1.71 10.38
C VAL D 441 -26.89 2.45 10.92
N LYS D 442 -27.62 3.14 10.04
CA LYS D 442 -28.83 3.82 10.48
C LYS D 442 -29.94 2.82 10.79
N ASN D 443 -29.98 1.70 10.08
CA ASN D 443 -30.96 0.66 10.40
C ASN D 443 -30.72 0.08 11.78
N GLU D 444 -29.46 -0.13 12.15
CA GLU D 444 -29.17 -0.87 13.39
C GLU D 444 -29.42 -0.05 14.65
N ILE D 445 -29.49 1.28 14.55
CA ILE D 445 -29.77 2.07 15.75
C ILE D 445 -31.17 1.76 16.27
N HIS D 446 -32.11 1.44 15.39
CA HIS D 446 -33.42 0.98 15.84
C HIS D 446 -33.27 -0.17 16.82
N GLN D 447 -32.51 -1.19 16.43
CA GLN D 447 -32.36 -2.38 17.26
C GLN D 447 -31.65 -2.05 18.57
N LEU D 448 -30.59 -1.25 18.51
CA LEU D 448 -29.86 -0.93 19.73
C LEU D 448 -30.75 -0.18 20.72
N ILE D 449 -31.46 0.84 20.25
CA ILE D 449 -32.33 1.59 21.14
C ILE D 449 -33.45 0.71 21.66
N GLY D 450 -33.97 -0.19 20.83
CA GLY D 450 -34.98 -1.11 21.28
C GLY D 450 -34.50 -1.95 22.44
N GLN D 451 -33.29 -2.51 22.31
CA GLN D 451 -32.75 -3.31 23.41
C GLN D 451 -32.62 -2.47 24.66
N LEU D 452 -32.00 -1.29 24.55
CA LEU D 452 -31.76 -0.47 25.74
C LEU D 452 -33.07 -0.10 26.43
N SER D 453 -34.14 0.11 25.65
CA SER D 453 -35.33 0.74 26.20
C SER D 453 -36.11 -0.17 27.14
N PHE D 454 -35.78 -1.46 27.21
CA PHE D 454 -36.61 -2.40 27.97
C PHE D 454 -36.11 -2.62 29.39
N PHE D 455 -34.80 -2.81 29.58
CA PHE D 455 -34.28 -3.21 30.88
C PHE D 455 -34.27 -2.10 31.92
N ASN D 456 -34.43 -0.83 31.51
CA ASN D 456 -34.25 0.30 32.41
C ASN D 456 -35.50 1.15 32.43
N SER D 457 -35.87 1.65 33.60
CA SER D 457 -37.08 2.43 33.76
C SER D 457 -36.83 3.89 33.41
N TYR D 458 -37.91 4.61 33.11
CA TYR D 458 -37.79 6.02 32.78
C TYR D 458 -37.45 6.86 34.00
N HIS D 459 -37.49 6.29 35.20
CA HIS D 459 -37.03 7.01 36.37
C HIS D 459 -35.52 7.13 36.44
N ASP D 460 -34.79 6.41 35.59
CA ASP D 460 -33.33 6.38 35.65
C ASP D 460 -32.64 6.78 34.36
N LEU D 461 -33.16 6.39 33.19
CA LEU D 461 -32.50 6.64 31.91
C LEU D 461 -33.33 7.60 31.08
N ARG D 462 -32.64 8.50 30.38
CA ARG D 462 -33.29 9.43 29.45
C ARG D 462 -32.41 9.54 28.21
N PHE D 463 -33.00 10.06 27.14
CA PHE D 463 -32.34 10.10 25.84
C PHE D 463 -32.25 11.52 25.31
N VAL D 464 -31.37 11.69 24.33
CA VAL D 464 -31.28 12.91 23.52
C VAL D 464 -30.78 12.50 22.15
N PHE D 465 -31.47 12.93 21.10
CA PHE D 465 -31.27 12.40 19.76
C PHE D 465 -30.98 13.57 18.81
N ILE D 466 -30.13 13.32 17.82
CA ILE D 466 -29.76 14.33 16.84
C ILE D 466 -29.74 13.67 15.46
N PHE D 467 -30.39 14.29 14.48
CA PHE D 467 -30.50 13.71 13.15
C PHE D 467 -30.88 14.81 12.17
N HIS D 468 -31.18 14.42 10.92
CA HIS D 468 -31.55 15.35 9.87
C HIS D 468 -33.07 15.54 9.86
N GLU D 469 -33.50 16.75 9.45
CA GLU D 469 -34.93 17.03 9.37
C GLU D 469 -35.60 16.28 8.23
N GLU D 470 -34.84 15.77 7.26
CA GLU D 470 -35.44 15.14 6.10
C GLU D 470 -36.00 13.75 6.41
N GLU D 471 -35.58 13.12 7.49
CA GLU D 471 -35.98 11.75 7.81
C GLU D 471 -37.04 11.69 8.90
N TYR D 472 -37.80 12.76 9.11
CA TYR D 472 -38.67 12.82 10.28
C TYR D 472 -39.69 11.70 10.33
N LYS D 473 -40.05 11.11 9.19
CA LYS D 473 -41.09 10.08 9.21
C LYS D 473 -40.55 8.76 9.75
N ASP D 474 -39.32 8.39 9.39
CA ASP D 474 -38.80 7.09 9.80
C ASP D 474 -38.71 6.97 11.31
N TRP D 475 -38.23 8.01 11.98
CA TRP D 475 -37.97 7.94 13.41
C TRP D 475 -39.19 8.23 14.27
N GLU D 476 -40.36 8.41 13.67
CA GLU D 476 -41.47 8.95 14.44
C GLU D 476 -41.88 8.02 15.58
N TRP D 477 -41.60 6.72 15.47
CA TRP D 477 -42.14 5.80 16.47
C TRP D 477 -41.52 6.03 17.84
N MET D 478 -40.28 6.52 17.89
CA MET D 478 -39.68 6.81 19.19
C MET D 478 -40.37 7.98 19.88
N LYS D 479 -41.22 8.71 19.16
CA LYS D 479 -41.83 9.91 19.72
C LYS D 479 -42.64 9.61 20.98
N TRP D 480 -43.08 8.37 21.18
CA TRP D 480 -44.01 8.04 22.25
C TRP D 480 -43.40 7.19 23.37
N LEU D 481 -42.11 6.89 23.33
CA LEU D 481 -41.50 6.19 24.44
C LEU D 481 -41.56 7.07 25.70
N PRO D 482 -41.59 6.46 26.89
CA PRO D 482 -41.66 7.27 28.10
C PRO D 482 -40.37 8.01 28.40
N GLN D 483 -39.22 7.43 28.06
CA GLN D 483 -37.93 7.99 28.45
C GLN D 483 -37.58 9.29 27.74
N PHE D 484 -38.23 9.60 26.62
CA PHE D 484 -37.84 10.76 25.82
C PHE D 484 -38.36 12.09 26.39
N GLN D 485 -39.18 12.06 27.44
CA GLN D 485 -39.63 13.30 28.05
C GLN D 485 -38.54 13.85 28.96
N MET D 486 -38.14 15.09 28.72
CA MET D 486 -37.05 15.68 29.49
C MET D 486 -37.51 15.89 30.93
N PRO D 487 -36.61 15.76 31.92
CA PRO D 487 -37.04 15.88 33.31
C PRO D 487 -37.20 17.31 33.80
N HIS D 488 -36.33 18.20 33.33
CA HIS D 488 -36.23 19.54 33.90
C HIS D 488 -37.36 20.46 33.45
N ILE D 489 -37.60 20.57 32.15
CA ILE D 489 -38.57 21.52 31.61
C ILE D 489 -39.36 20.81 30.52
N TYR D 490 -40.64 21.19 30.38
CA TYR D 490 -41.54 20.50 29.46
C TYR D 490 -41.05 20.68 28.04
N ALA D 491 -40.72 19.57 27.39
CA ALA D 491 -40.27 19.58 26.00
C ALA D 491 -40.01 18.14 25.58
N LYS D 492 -39.97 17.92 24.26
CA LYS D 492 -39.67 16.62 23.70
C LYS D 492 -38.25 16.64 23.16
N GLY D 493 -37.47 15.61 23.48
CA GLY D 493 -36.03 15.65 23.29
C GLY D 493 -35.55 15.41 21.88
N PHE D 494 -36.33 15.82 20.88
CA PHE D 494 -35.86 15.76 19.50
C PHE D 494 -35.21 17.07 19.10
N ILE D 495 -34.33 16.99 18.11
CA ILE D 495 -33.65 18.16 17.56
C ILE D 495 -33.74 18.10 16.04
N TYR D 496 -34.42 19.08 15.45
CA TYR D 496 -34.56 19.21 14.00
C TYR D 496 -33.50 20.09 13.38
N ASN D 497 -33.38 21.32 13.85
CA ASN D 497 -32.74 22.39 13.12
C ASN D 497 -32.25 23.44 14.10
N GLU D 498 -31.89 24.60 13.57
CA GLU D 498 -31.32 25.65 14.40
C GLU D 498 -32.28 26.08 15.51
N GLN D 499 -33.58 26.14 15.20
CA GLN D 499 -34.52 26.68 16.17
C GLN D 499 -34.59 25.80 17.42
N THR D 500 -34.84 24.51 17.23
CA THR D 500 -34.92 23.60 18.37
C THR D 500 -33.59 23.49 19.10
N ARG D 501 -32.48 23.47 18.36
CA ARG D 501 -31.17 23.40 18.98
C ARG D 501 -30.94 24.58 19.90
N ASP D 502 -31.18 25.79 19.40
CA ASP D 502 -31.04 26.99 20.21
C ASP D 502 -32.06 27.04 21.33
N GLN D 503 -33.19 26.35 21.17
CA GLN D 503 -34.20 26.32 22.23
C GLN D 503 -33.78 25.42 23.38
N LEU D 504 -33.12 24.30 23.08
CA LEU D 504 -32.88 23.26 24.08
C LEU D 504 -31.45 23.25 24.64
N LEU D 505 -30.44 23.27 23.77
CA LEU D 505 -29.10 22.88 24.19
C LEU D 505 -28.58 23.73 25.34
N SER D 506 -29.02 24.99 25.44
CA SER D 506 -28.48 25.87 26.48
C SER D 506 -28.84 25.37 27.87
N SER D 507 -30.09 24.92 28.07
CA SER D 507 -30.49 24.43 29.38
C SER D 507 -29.72 23.17 29.74
N LEU D 508 -29.50 22.27 28.78
CA LEU D 508 -28.70 21.08 29.06
C LEU D 508 -27.28 21.46 29.42
N TYR D 509 -26.72 22.45 28.74
CA TYR D 509 -25.37 22.91 29.08
C TYR D 509 -25.32 23.40 30.52
N GLU D 510 -26.31 24.19 30.93
CA GLU D 510 -26.34 24.67 32.31
C GLU D 510 -26.51 23.52 33.29
N LEU D 511 -27.33 22.54 32.93
CA LEU D 511 -27.53 21.38 33.80
C LEU D 511 -26.23 20.62 34.00
N ILE D 512 -25.48 20.39 32.93
CA ILE D 512 -24.19 19.73 33.07
C ILE D 512 -23.24 20.59 33.89
N ARG D 513 -23.21 21.89 33.62
CA ARG D 513 -22.26 22.77 34.31
C ARG D 513 -22.49 22.75 35.82
N GLU D 514 -23.73 22.99 36.25
CA GLU D 514 -23.99 23.06 37.68
C GLU D 514 -23.61 21.76 38.38
N ARG D 515 -23.73 20.63 37.68
CA ARG D 515 -23.31 19.35 38.25
C ARG D 515 -21.79 19.28 38.32
N ASP D 516 -21.11 19.81 37.30
CA ASP D 516 -19.66 19.72 37.26
C ASP D 516 -18.99 20.57 38.34
N LEU D 517 -19.71 21.53 38.92
CA LEU D 517 -19.13 22.45 39.88
C LEU D 517 -19.07 21.89 41.29
N GLU D 518 -19.59 20.69 41.53
CA GLU D 518 -19.59 20.08 42.85
C GLU D 518 -18.39 19.17 43.01
N ASP D 519 -17.89 19.08 44.24
CA ASP D 519 -16.64 18.37 44.50
C ASP D 519 -16.84 16.87 44.68
N ASP D 520 -18.08 16.40 44.78
CA ASP D 520 -18.38 14.99 44.98
C ASP D 520 -18.60 14.24 43.68
N LYS D 521 -17.94 14.67 42.60
CA LYS D 521 -18.17 14.10 41.28
C LYS D 521 -17.66 12.66 41.13
N GLU D 522 -16.87 12.16 42.08
CA GLU D 522 -16.32 10.80 41.99
C GLU D 522 -16.57 10.02 43.27
N LYS D 523 -17.59 10.38 44.03
CA LYS D 523 -17.95 9.64 45.24
C LYS D 523 -19.44 9.39 45.40
N LEU D 524 -20.29 10.05 44.63
CA LEU D 524 -21.74 9.83 44.68
C LEU D 524 -22.25 9.73 43.26
N GLN D 525 -23.54 9.39 43.13
CA GLN D 525 -24.17 9.18 41.84
C GLN D 525 -25.43 10.02 41.71
N PHE D 526 -25.76 10.36 40.48
CA PHE D 526 -26.93 11.17 40.17
C PHE D 526 -27.95 10.30 39.42
N LYS D 527 -29.22 10.41 39.80
CA LYS D 527 -30.21 9.45 39.32
C LYS D 527 -30.42 9.55 37.81
N PRO D 528 -30.92 10.65 37.26
CA PRO D 528 -31.18 10.69 35.81
C PRO D 528 -29.88 10.63 35.02
N HIS D 529 -29.77 9.63 34.15
CA HIS D 529 -28.58 9.41 33.36
C HIS D 529 -28.90 9.60 31.89
N PHE D 530 -28.12 10.44 31.20
CA PHE D 530 -28.39 10.83 29.83
C PHE D 530 -27.52 10.03 28.87
N VAL D 531 -28.09 9.67 27.72
CA VAL D 531 -27.37 8.96 26.67
C VAL D 531 -27.58 9.71 25.38
N PHE D 532 -26.48 10.14 24.75
CA PHE D 532 -26.54 10.90 23.51
C PHE D 532 -26.38 9.96 22.32
N VAL D 533 -27.16 10.19 21.28
CA VAL D 533 -27.00 9.50 20.00
C VAL D 533 -26.85 10.58 18.94
N ILE D 534 -25.78 10.52 18.16
CA ILE D 534 -25.44 11.57 17.21
C ILE D 534 -25.20 10.94 15.85
N THR D 535 -25.79 11.53 14.81
CA THR D 535 -25.55 11.10 13.43
C THR D 535 -25.39 12.28 12.49
N ASN D 536 -25.36 13.52 13.00
CA ASN D 536 -25.28 14.72 12.17
C ASN D 536 -24.51 15.77 12.97
N GLN D 537 -23.19 15.84 12.73
CA GLN D 537 -22.35 16.72 13.52
C GLN D 537 -22.50 18.17 13.10
N GLN D 538 -22.85 18.43 11.84
CA GLN D 538 -22.87 19.80 11.34
C GLN D 538 -23.79 20.69 12.17
N LEU D 539 -24.90 20.14 12.66
CA LEU D 539 -25.89 20.97 13.34
C LEU D 539 -25.39 21.51 14.69
N ILE D 540 -24.31 20.94 15.23
CA ILE D 540 -23.75 21.39 16.49
C ILE D 540 -22.24 21.61 16.40
N SER D 541 -21.72 21.86 15.20
CA SER D 541 -20.28 21.78 15.01
C SER D 541 -19.51 22.89 15.73
N GLU D 542 -20.18 23.95 16.16
CA GLU D 542 -19.49 25.04 16.86
C GLU D 542 -20.07 25.32 18.24
N HIS D 543 -21.05 24.55 18.70
CA HIS D 543 -21.71 24.87 19.95
C HIS D 543 -20.81 24.55 21.13
N VAL D 544 -21.07 25.22 22.25
CA VAL D 544 -20.19 25.11 23.42
C VAL D 544 -20.21 23.70 23.99
N ILE D 545 -21.37 23.03 23.95
CA ILE D 545 -21.48 21.71 24.56
C ILE D 545 -20.42 20.74 24.04
N LEU D 546 -19.88 21.00 22.84
CA LEU D 546 -18.89 20.08 22.29
C LEU D 546 -17.71 19.91 23.23
N GLU D 547 -17.42 20.91 24.07
CA GLU D 547 -16.34 20.77 25.04
C GLU D 547 -16.63 19.64 26.02
N TYR D 548 -17.81 19.65 26.63
CA TYR D 548 -18.15 18.62 27.60
C TYR D 548 -18.33 17.26 26.95
N LEU D 549 -18.62 17.22 25.65
CA LEU D 549 -18.83 15.95 24.97
C LEU D 549 -17.53 15.31 24.51
N GLU D 550 -16.63 16.10 23.94
CA GLU D 550 -15.32 15.59 23.53
C GLU D 550 -14.42 15.28 24.72
N GLY D 551 -14.43 16.12 25.76
CA GLY D 551 -13.53 15.91 26.88
C GLY D 551 -13.88 14.68 27.68
N GLN D 552 -12.95 14.29 28.55
CA GLN D 552 -13.11 13.08 29.36
C GLN D 552 -13.87 13.45 30.64
N HIS D 553 -15.20 13.44 30.55
CA HIS D 553 -16.06 13.72 31.70
C HIS D 553 -17.01 12.56 31.98
N GLU D 554 -16.57 11.33 31.73
CA GLU D 554 -17.47 10.18 31.84
C GLU D 554 -18.06 10.06 33.24
N HIS D 555 -17.31 10.48 34.26
CA HIS D 555 -17.77 10.35 35.63
C HIS D 555 -18.90 11.32 35.98
N LEU D 556 -19.22 12.27 35.11
CA LEU D 556 -20.33 13.19 35.38
C LEU D 556 -21.70 12.56 35.19
N GLY D 557 -21.76 11.31 34.70
CA GLY D 557 -23.04 10.70 34.42
C GLY D 557 -23.55 11.03 33.04
N ILE D 558 -22.84 10.58 32.02
CA ILE D 558 -23.23 10.74 30.62
C ILE D 558 -22.73 9.53 29.83
N SER D 559 -22.93 9.58 28.52
CA SER D 559 -22.44 8.55 27.62
C SER D 559 -22.55 9.09 26.21
N THR D 560 -22.16 8.27 25.23
CA THR D 560 -22.19 8.74 23.85
C THR D 560 -22.14 7.57 22.89
N ILE D 561 -22.84 7.73 21.76
CA ILE D 561 -22.73 6.84 20.62
C ILE D 561 -22.65 7.71 19.38
N VAL D 562 -21.76 7.38 18.46
CA VAL D 562 -21.54 8.18 17.26
C VAL D 562 -21.47 7.26 16.05
N ALA D 563 -22.06 7.71 14.94
CA ALA D 563 -22.02 6.98 13.69
C ALA D 563 -21.54 7.92 12.60
N ALA D 564 -20.79 7.38 11.64
CA ALA D 564 -20.25 8.20 10.56
C ALA D 564 -19.80 7.28 9.43
N GLU D 565 -19.31 7.91 8.36
CA GLU D 565 -18.95 7.18 7.16
C GLU D 565 -17.75 6.27 7.40
N THR D 566 -16.68 6.82 7.97
CA THR D 566 -15.44 6.07 8.15
C THR D 566 -14.69 6.55 9.38
N LYS D 567 -13.56 5.91 9.64
CA LYS D 567 -12.76 6.15 10.83
C LYS D 567 -12.33 7.62 10.94
N GLU D 568 -11.96 8.23 9.83
CA GLU D 568 -11.34 9.56 9.87
C GLU D 568 -12.28 10.65 10.38
N SER D 569 -13.58 10.38 10.48
CA SER D 569 -14.52 11.39 10.94
C SER D 569 -14.86 11.25 12.42
N LEU D 570 -13.98 10.66 13.22
CA LEU D 570 -14.22 10.43 14.63
C LEU D 570 -13.07 11.00 15.46
N SER D 571 -13.38 11.36 16.70
CA SER D 571 -12.43 12.04 17.57
C SER D 571 -11.50 11.02 18.25
N GLU D 572 -10.87 11.46 19.34
CA GLU D 572 -9.88 10.62 20.02
C GLU D 572 -10.45 9.84 21.19
N ASN D 573 -11.68 10.14 21.63
CA ASN D 573 -12.18 9.51 22.84
C ASN D 573 -12.62 8.06 22.65
N ILE D 574 -12.70 7.60 21.40
CA ILE D 574 -13.31 6.30 21.14
C ILE D 574 -12.54 5.20 21.85
N THR D 575 -13.28 4.29 22.51
CA THR D 575 -12.71 3.09 23.09
C THR D 575 -13.15 1.82 22.36
N THR D 576 -14.39 1.80 21.86
CA THR D 576 -14.92 0.63 21.18
C THR D 576 -15.34 1.05 19.77
N LEU D 577 -15.06 0.19 18.80
CA LEU D 577 -15.38 0.47 17.41
C LEU D 577 -16.02 -0.77 16.80
N VAL D 578 -17.10 -0.57 16.06
CA VAL D 578 -17.82 -1.65 15.40
C VAL D 578 -17.99 -1.29 13.94
N ARG D 579 -17.78 -2.27 13.05
CA ARG D 579 -17.86 -2.04 11.62
C ARG D 579 -18.87 -3.00 10.99
N TYR D 580 -19.77 -2.45 10.20
CA TYR D 580 -20.75 -3.22 9.44
C TYR D 580 -20.31 -3.29 7.99
N ILE D 581 -20.26 -4.49 7.43
CA ILE D 581 -19.80 -4.66 6.07
C ILE D 581 -20.96 -4.68 5.08
N ASN D 582 -21.85 -5.66 5.20
CA ASN D 582 -22.95 -5.81 4.25
C ASN D 582 -24.22 -6.15 5.03
N GLU D 583 -25.25 -6.60 4.31
CA GLU D 583 -26.56 -6.78 4.91
C GLU D 583 -26.59 -7.83 6.01
N HIS D 584 -25.57 -8.68 6.11
CA HIS D 584 -25.62 -9.82 7.03
C HIS D 584 -24.56 -9.81 8.11
N GLU D 585 -23.35 -9.34 7.84
CA GLU D 585 -22.22 -9.58 8.75
C GLU D 585 -21.60 -8.28 9.19
N GLY D 586 -20.78 -8.38 10.22
CA GLY D 586 -19.98 -7.29 10.74
C GLY D 586 -18.88 -7.87 11.59
N ASP D 587 -18.04 -6.98 12.12
CA ASP D 587 -16.99 -7.41 13.03
C ASP D 587 -16.56 -6.24 13.89
N ILE D 588 -15.93 -6.56 15.00
CA ILE D 588 -15.43 -5.56 15.94
C ILE D 588 -14.00 -5.24 15.55
N LEU D 589 -13.51 -4.06 15.94
CA LEU D 589 -12.14 -3.67 15.68
C LEU D 589 -11.34 -3.35 16.94
N ILE D 590 -11.89 -2.55 17.84
CA ILE D 590 -11.16 -2.10 19.02
C ILE D 590 -12.04 -2.34 20.24
N GLN D 591 -11.47 -2.96 21.27
CA GLN D 591 -12.15 -3.09 22.55
C GLN D 591 -11.15 -2.79 23.65
N LYS D 592 -11.48 -1.81 24.48
CA LYS D 592 -10.58 -1.34 25.54
C LYS D 592 -9.26 -0.85 24.94
N LYS D 593 -9.34 -0.22 23.77
CA LYS D 593 -8.19 0.41 23.14
C LYS D 593 -7.21 -0.61 22.56
N LYS D 594 -7.49 -1.90 22.71
CA LYS D 594 -6.65 -2.92 22.11
C LYS D 594 -7.14 -3.23 20.70
N ALA D 595 -6.25 -3.75 19.86
CA ALA D 595 -6.65 -4.15 18.52
C ALA D 595 -7.07 -5.61 18.52
N VAL D 596 -8.26 -5.88 17.98
CA VAL D 596 -8.86 -7.20 17.97
C VAL D 596 -9.59 -7.40 16.64
N ARG D 597 -10.15 -8.59 16.46
CA ARG D 597 -10.89 -8.91 15.24
C ARG D 597 -11.81 -10.08 15.55
N ILE D 598 -13.09 -9.78 15.77
CA ILE D 598 -14.09 -10.78 16.12
C ILE D 598 -15.26 -10.63 15.16
N PRO D 599 -15.53 -11.60 14.28
CA PRO D 599 -16.69 -11.49 13.39
C PRO D 599 -17.98 -11.90 14.07
N PHE D 600 -19.09 -11.40 13.53
CA PHE D 600 -20.41 -11.73 14.04
C PHE D 600 -21.43 -11.49 12.95
N ARG D 601 -22.55 -12.20 13.03
CA ARG D 601 -23.61 -12.13 12.04
C ARG D 601 -24.82 -11.40 12.62
N LEU D 602 -25.59 -10.75 11.74
CA LEU D 602 -26.66 -9.88 12.19
C LEU D 602 -27.94 -10.66 12.46
N ASP D 603 -28.77 -10.12 13.35
CA ASP D 603 -30.08 -10.70 13.61
C ASP D 603 -31.03 -10.37 12.46
N HIS D 604 -32.29 -10.72 12.65
CA HIS D 604 -33.36 -10.37 11.73
C HIS D 604 -34.53 -9.82 12.53
N HIS D 605 -35.12 -8.73 12.04
CA HIS D 605 -36.26 -8.14 12.72
C HIS D 605 -37.08 -7.34 11.71
N GLN D 606 -38.28 -6.97 12.12
CA GLN D 606 -39.20 -6.19 11.31
C GLN D 606 -39.50 -4.87 12.02
N ARG D 607 -39.96 -3.89 11.24
CA ARG D 607 -40.13 -2.54 11.75
C ARG D 607 -41.59 -2.18 12.01
N GLU D 608 -42.54 -2.97 11.53
CA GLU D 608 -43.93 -2.54 11.53
C GLU D 608 -44.54 -2.46 12.93
N ASP D 609 -44.17 -3.36 13.84
CA ASP D 609 -44.84 -3.44 15.14
C ASP D 609 -44.42 -2.35 16.11
N ASN D 610 -43.43 -1.53 15.77
CA ASN D 610 -42.84 -0.62 16.76
C ASN D 610 -43.89 0.21 17.46
N GLU D 611 -44.93 0.65 16.74
CA GLU D 611 -45.93 1.52 17.36
C GLU D 611 -46.56 0.84 18.57
N ARG D 612 -46.99 -0.42 18.41
CA ARG D 612 -47.68 -1.10 19.50
C ARG D 612 -46.75 -1.31 20.69
N PHE D 613 -45.51 -1.74 20.44
CA PHE D 613 -44.54 -1.92 21.52
C PHE D 613 -44.35 -0.63 22.30
N SER D 614 -44.06 0.46 21.59
CA SER D 614 -43.81 1.72 22.27
C SER D 614 -45.04 2.20 23.03
N ARG D 615 -46.22 2.10 22.42
CA ARG D 615 -47.42 2.58 23.09
C ARG D 615 -47.74 1.74 24.32
N THR D 616 -47.53 0.43 24.24
CA THR D 616 -47.78 -0.43 25.39
C THR D 616 -46.84 -0.05 26.53
N LEU D 617 -45.56 0.19 26.22
CA LEU D 617 -44.65 0.61 27.28
C LEU D 617 -45.09 1.94 27.87
N ARG D 618 -45.56 2.87 27.03
CA ARG D 618 -45.92 4.20 27.52
C ARG D 618 -46.97 4.14 28.61
N THR D 619 -47.85 3.14 28.60
CA THR D 619 -48.99 3.13 29.50
C THR D 619 -48.66 2.61 30.88
N LEU D 620 -47.66 1.75 31.01
CA LEU D 620 -47.40 1.04 32.27
C LEU D 620 -46.86 2.03 33.28
N ASN D 621 -47.78 2.60 34.08
CA ASN D 621 -47.40 3.55 35.13
C ASN D 621 -46.67 2.80 36.23
N HIS D 622 -45.43 3.23 36.52
CA HIS D 622 -44.58 2.54 37.48
C HIS D 622 -44.75 3.19 38.84
N GLN D 623 -45.28 2.43 39.79
CA GLN D 623 -45.53 2.95 41.13
C GLN D 623 -44.29 2.73 42.00
N VAL D 624 -43.78 3.82 42.57
CA VAL D 624 -42.60 3.73 43.44
C VAL D 624 -43.05 3.42 44.87
N GLY D 625 -42.37 2.48 45.50
CA GLY D 625 -42.69 2.11 46.88
C GLY D 625 -44.12 1.61 47.03
N LEU E 14 -15.33 34.27 -18.54
CA LEU E 14 -13.87 34.48 -18.82
C LEU E 14 -13.70 35.47 -19.97
N LEU E 15 -12.65 36.27 -19.90
CA LEU E 15 -12.31 37.20 -20.97
C LEU E 15 -10.85 36.99 -21.37
N TRP E 16 -10.65 36.51 -22.59
CA TRP E 16 -9.31 36.27 -23.11
C TRP E 16 -8.77 37.55 -23.75
N VAL E 17 -7.45 37.66 -23.79
CA VAL E 17 -6.78 38.77 -24.45
C VAL E 17 -5.61 38.22 -25.25
N PHE E 18 -5.54 38.58 -26.52
CA PHE E 18 -4.49 38.12 -27.43
C PHE E 18 -3.72 39.32 -27.93
N TYR E 19 -2.40 39.31 -27.74
CA TYR E 19 -1.50 40.24 -28.38
C TYR E 19 -0.26 39.49 -28.82
N GLN E 20 0.70 40.20 -29.39
CA GLN E 20 1.83 39.58 -30.06
C GLN E 20 2.45 38.48 -29.21
N ASN E 21 2.36 37.25 -29.69
CA ASN E 21 3.04 36.08 -29.14
C ASN E 21 2.71 35.82 -27.68
N ASN E 22 1.53 36.22 -27.20
CA ASN E 22 1.15 35.97 -25.82
C ASN E 22 -0.36 35.93 -25.69
N VAL E 23 -0.83 35.24 -24.66
CA VAL E 23 -2.25 35.12 -24.36
C VAL E 23 -2.43 35.18 -22.85
N GLN E 24 -3.44 35.92 -22.41
CA GLN E 24 -3.71 36.10 -20.99
C GLN E 24 -5.17 35.77 -20.71
N LYS E 25 -5.50 35.64 -19.43
CA LYS E 25 -6.82 35.24 -18.99
C LYS E 25 -7.28 36.12 -17.85
N LEU E 26 -8.60 36.25 -17.71
CA LEU E 26 -9.19 37.06 -16.65
C LEU E 26 -10.61 36.59 -16.40
N ASN E 27 -11.09 36.80 -15.18
CA ASN E 27 -12.44 36.45 -14.78
C ASN E 27 -13.20 37.71 -14.38
N LEU E 28 -14.42 37.86 -14.88
CA LEU E 28 -15.21 39.06 -14.64
C LEU E 28 -16.29 38.89 -13.59
N SER E 29 -16.69 37.64 -13.29
CA SER E 29 -17.82 37.42 -12.40
C SER E 29 -17.55 37.84 -10.96
N ASN E 30 -16.30 38.15 -10.61
CA ASN E 30 -15.96 38.46 -9.23
C ASN E 30 -16.12 39.93 -8.87
N LEU E 31 -16.56 40.78 -9.80
CA LEU E 31 -16.63 42.21 -9.53
C LEU E 31 -18.00 42.77 -9.92
N PRO E 32 -18.48 43.79 -9.20
CA PRO E 32 -19.69 44.49 -9.64
C PRO E 32 -19.38 45.47 -10.77
N SER E 33 -20.44 45.96 -11.40
CA SER E 33 -20.27 46.88 -12.52
C SER E 33 -19.65 48.20 -12.11
N SER E 34 -19.59 48.51 -10.81
CA SER E 34 -18.99 49.76 -10.36
C SER E 34 -17.51 49.84 -10.72
N HIS E 35 -16.83 48.70 -10.89
CA HIS E 35 -15.42 48.69 -11.22
C HIS E 35 -15.27 48.56 -12.73
N PRO E 36 -14.82 49.59 -13.45
CA PRO E 36 -14.61 49.43 -14.89
C PRO E 36 -13.39 48.59 -15.17
N VAL E 37 -13.58 47.48 -15.89
CA VAL E 37 -12.46 46.64 -16.28
C VAL E 37 -11.51 47.47 -17.14
N THR E 38 -10.22 47.39 -16.86
CA THR E 38 -9.23 48.21 -17.52
C THR E 38 -8.08 47.35 -18.04
N ILE E 39 -7.47 47.80 -19.13
CA ILE E 39 -6.23 47.22 -19.65
C ILE E 39 -5.25 48.37 -19.83
N GLY E 40 -4.11 48.29 -19.16
CA GLY E 40 -3.14 49.36 -19.19
C GLY E 40 -1.78 48.97 -18.64
N PRO E 41 -0.89 49.95 -18.55
CA PRO E 41 0.50 49.64 -18.13
C PRO E 41 0.67 49.52 -16.63
N ASP E 42 -0.12 50.26 -15.86
CA ASP E 42 0.04 50.30 -14.41
C ASP E 42 -0.40 48.99 -13.78
N VAL E 43 0.30 48.59 -12.71
CA VAL E 43 -0.06 47.38 -11.99
C VAL E 43 -1.48 47.48 -11.47
N LYS E 44 -1.93 48.70 -11.15
CA LYS E 44 -3.28 48.88 -10.62
C LYS E 44 -4.35 48.40 -11.60
N ASP E 45 -4.05 48.43 -12.89
CA ASP E 45 -5.02 48.03 -13.89
C ASP E 45 -5.31 46.54 -13.78
N SER E 46 -6.54 46.16 -14.18
CA SER E 46 -6.95 44.76 -14.09
C SER E 46 -6.11 43.85 -14.96
N VAL E 47 -5.60 44.34 -16.08
CA VAL E 47 -4.71 43.58 -16.95
C VAL E 47 -3.51 44.45 -17.29
N THR E 48 -2.32 43.89 -17.18
CA THR E 48 -1.07 44.64 -17.30
C THR E 48 -0.30 44.22 -18.54
N ILE E 49 0.12 45.20 -19.33
CA ILE E 49 0.98 44.99 -20.48
C ILE E 49 2.10 46.01 -20.42
N SER E 50 3.34 45.56 -20.61
CA SER E 50 4.50 46.42 -20.49
C SER E 50 5.11 46.80 -21.82
N THR E 51 5.01 45.95 -22.84
CA THR E 51 5.65 46.22 -24.12
C THR E 51 4.90 47.24 -24.97
N ILE E 52 3.62 47.47 -24.71
CA ILE E 52 2.80 48.40 -25.48
C ILE E 52 2.66 49.68 -24.67
N PRO E 53 3.13 50.82 -25.17
CA PRO E 53 3.10 52.06 -24.36
C PRO E 53 1.70 52.61 -24.09
N PHE E 54 0.69 52.19 -24.85
CA PHE E 54 -0.66 52.74 -24.70
C PHE E 54 -0.64 54.26 -24.79
N ASN E 55 0.16 54.78 -25.72
CA ASN E 55 0.34 56.23 -25.82
C ASN E 55 -0.96 56.96 -26.14
N SER E 56 -1.88 56.31 -26.85
CA SER E 56 -3.12 56.97 -27.24
C SER E 56 -4.10 57.08 -26.07
N GLY E 57 -4.15 56.07 -25.20
CA GLY E 57 -5.08 56.07 -24.11
C GLY E 57 -5.10 54.73 -23.41
N VAL E 58 -6.10 54.57 -22.55
CA VAL E 58 -6.27 53.35 -21.75
C VAL E 58 -7.55 52.65 -22.20
N ILE E 59 -7.43 51.36 -22.51
CA ILE E 59 -8.59 50.58 -22.91
C ILE E 59 -9.43 50.27 -21.68
N SER E 60 -10.75 50.24 -21.86
CA SER E 60 -11.66 49.99 -20.76
C SER E 60 -12.94 49.37 -21.29
N LEU E 61 -13.71 48.78 -20.38
CA LEU E 61 -14.99 48.16 -20.70
C LEU E 61 -16.03 48.55 -19.66
N LYS E 62 -17.29 48.54 -20.07
CA LYS E 62 -18.39 48.83 -19.16
C LYS E 62 -19.68 48.28 -19.75
N ARG E 63 -20.65 48.03 -18.86
CA ARG E 63 -21.96 47.56 -19.25
C ARG E 63 -22.96 47.76 -18.11
N TYR E 70 -20.85 44.09 -24.02
CA TYR E 70 -20.17 45.15 -23.26
C TYR E 70 -19.81 46.31 -24.17
N GLU E 71 -19.55 47.47 -23.56
CA GLU E 71 -19.23 48.69 -24.30
C GLU E 71 -17.72 48.89 -24.29
N VAL E 72 -17.14 49.14 -25.46
CA VAL E 72 -15.71 49.31 -25.61
C VAL E 72 -15.43 50.80 -25.75
N PHE E 73 -14.49 51.30 -24.95
CA PHE E 73 -14.11 52.71 -24.95
C PHE E 73 -12.59 52.82 -24.84
N LEU E 74 -11.99 53.57 -25.74
CA LEU E 74 -10.56 53.88 -25.70
C LEU E 74 -10.44 55.30 -25.15
N GLY E 75 -10.29 55.41 -23.84
CA GLY E 75 -10.24 56.74 -23.24
C GLY E 75 -11.57 57.44 -23.42
N ASN E 76 -11.58 58.47 -24.26
CA ASN E 76 -12.80 59.22 -24.54
C ASN E 76 -13.52 58.74 -25.80
N ASP E 77 -12.93 57.79 -26.54
CA ASP E 77 -13.48 57.37 -27.82
C ASP E 77 -14.33 56.12 -27.67
N CYS E 78 -15.35 56.00 -28.51
CA CYS E 78 -16.22 54.83 -28.54
C CYS E 78 -15.99 54.04 -29.82
N LEU E 79 -15.98 52.72 -29.70
CA LEU E 79 -15.72 51.82 -30.83
C LEU E 79 -16.82 50.80 -31.03
N GLY E 80 -17.92 50.90 -30.29
CA GLY E 80 -19.03 49.99 -30.47
C GLY E 80 -19.27 49.07 -29.29
N THR E 81 -19.68 47.82 -29.57
CA THR E 81 -20.02 46.86 -28.54
C THR E 81 -19.41 45.51 -28.89
N ILE E 82 -19.60 44.55 -28.00
CA ILE E 82 -19.13 43.18 -28.18
C ILE E 82 -20.29 42.24 -27.86
N GLU E 83 -20.33 41.10 -28.56
CA GLU E 83 -21.33 40.08 -28.34
C GLU E 83 -20.66 38.73 -28.11
N THR E 84 -21.38 37.83 -27.47
CA THR E 84 -20.81 36.54 -27.11
C THR E 84 -20.52 35.71 -28.36
N ASP E 85 -19.50 34.86 -28.26
CA ASP E 85 -19.15 33.92 -29.32
C ASP E 85 -18.87 34.62 -30.64
N ILE E 86 -18.20 35.78 -30.58
CA ILE E 86 -17.73 36.47 -31.78
C ILE E 86 -16.58 37.38 -31.39
N SER E 87 -15.61 37.50 -32.30
CA SER E 87 -14.37 38.20 -32.02
C SER E 87 -14.47 39.67 -32.38
N PHE E 88 -13.90 40.51 -31.53
CA PHE E 88 -13.78 41.94 -31.76
C PHE E 88 -12.30 42.31 -31.76
N THR E 89 -11.88 43.03 -32.80
CA THR E 89 -10.51 43.44 -33.00
C THR E 89 -10.44 44.95 -32.98
N LEU E 90 -9.31 45.48 -32.48
CA LEU E 90 -9.06 46.91 -32.50
C LEU E 90 -7.56 47.12 -32.60
N GLN E 91 -7.17 48.32 -33.02
CA GLN E 91 -5.78 48.64 -33.29
C GLN E 91 -5.40 49.89 -32.51
N THR E 92 -4.14 49.92 -32.07
CA THR E 92 -3.58 51.09 -31.41
C THR E 92 -2.07 50.94 -31.36
N ASP E 93 -1.37 52.06 -31.55
CA ASP E 93 0.08 52.07 -31.55
C ASP E 93 0.66 51.11 -32.59
N GLN E 94 0.01 51.04 -33.75
CA GLN E 94 0.48 50.19 -34.86
C GLN E 94 0.62 48.73 -34.43
N GLN E 95 -0.33 48.23 -33.66
CA GLN E 95 -0.37 46.83 -33.24
C GLN E 95 -1.81 46.43 -33.00
N ASP E 96 -2.04 45.12 -32.99
CA ASP E 96 -3.39 44.57 -32.99
C ASP E 96 -3.69 43.86 -31.68
N ILE E 97 -4.96 43.90 -31.27
CA ILE E 97 -5.43 43.29 -30.03
C ILE E 97 -6.79 42.65 -30.30
N ARG E 98 -7.04 41.51 -29.66
CA ARG E 98 -8.32 40.82 -29.77
C ARG E 98 -9.03 40.80 -28.43
N LEU E 99 -10.32 40.47 -28.48
CA LEU E 99 -11.13 40.28 -27.28
C LEU E 99 -12.19 39.22 -27.56
N ILE E 100 -12.28 38.23 -26.68
CA ILE E 100 -13.23 37.14 -26.81
C ILE E 100 -13.84 36.91 -25.44
N LEU E 101 -15.16 36.71 -25.40
CA LEU E 101 -15.90 36.60 -24.14
C LEU E 101 -16.70 35.31 -24.12
N THR E 102 -16.62 34.58 -23.02
CA THR E 102 -17.44 33.39 -22.80
C THR E 102 -17.86 33.36 -21.34
N GLY E 103 -19.01 32.74 -21.09
CA GLY E 103 -19.55 32.70 -19.74
C GLY E 103 -19.80 31.28 -19.23
N SER E 104 -19.58 30.29 -20.08
CA SER E 104 -19.81 28.91 -19.69
C SER E 104 -18.66 28.41 -18.81
N GLU E 105 -18.73 27.15 -18.42
CA GLU E 105 -17.71 26.54 -17.59
C GLU E 105 -17.23 25.24 -18.20
N PRO E 106 -15.97 24.86 -17.99
CA PRO E 106 -15.41 23.70 -18.69
C PRO E 106 -15.66 22.40 -17.94
N GLU E 107 -15.29 21.31 -18.59
CA GLU E 107 -15.36 19.97 -18.02
C GLU E 107 -13.97 19.50 -17.62
N LYS E 108 -13.94 18.36 -16.92
CA LYS E 108 -12.70 17.78 -16.42
C LYS E 108 -12.67 16.30 -16.79
N SER E 109 -11.50 15.79 -17.15
CA SER E 109 -11.35 14.38 -17.46
C SER E 109 -9.89 13.99 -17.30
N VAL E 110 -9.65 12.70 -17.12
CA VAL E 110 -8.33 12.14 -16.91
C VAL E 110 -8.17 10.90 -17.79
N TYR E 111 -6.98 10.72 -18.34
CA TYR E 111 -6.69 9.56 -19.17
C TYR E 111 -5.38 8.93 -18.73
N PHE E 112 -5.24 7.63 -18.97
CA PHE E 112 -4.06 6.88 -18.62
C PHE E 112 -3.34 6.44 -19.88
N THR E 113 -2.06 6.79 -20.00
CA THR E 113 -1.30 6.47 -21.20
C THR E 113 -0.71 5.07 -21.17
N GLY E 114 -0.02 4.71 -20.09
CA GLY E 114 0.53 3.37 -19.98
C GLY E 114 1.71 3.16 -20.90
N ASN E 115 1.65 2.07 -21.67
CA ASN E 115 2.79 1.66 -22.49
C ASN E 115 2.97 2.55 -23.72
N ARG E 116 2.04 3.46 -23.98
CA ARG E 116 2.09 4.25 -25.21
C ARG E 116 3.37 5.07 -25.28
N ASP E 117 3.88 5.25 -26.50
CA ASP E 117 5.11 5.99 -26.71
C ASP E 117 4.91 7.32 -27.43
N GLU E 118 3.74 7.56 -28.01
CA GLU E 118 3.49 8.81 -28.72
C GLU E 118 2.00 9.09 -28.68
N ILE E 119 1.66 10.37 -28.63
CA ILE E 119 0.27 10.83 -28.68
C ILE E 119 0.18 11.95 -29.70
N VAL E 120 -0.64 11.75 -30.73
CA VAL E 120 -0.81 12.71 -31.80
C VAL E 120 -2.16 13.38 -31.62
N CYS E 121 -2.15 14.71 -31.57
CA CYS E 121 -3.38 15.49 -31.46
C CYS E 121 -3.53 16.37 -32.69
N SER E 122 -4.72 16.40 -33.26
CA SER E 122 -4.93 17.19 -34.46
C SER E 122 -6.41 17.47 -34.64
N SER E 123 -6.70 18.49 -35.44
CA SER E 123 -8.04 18.76 -35.95
C SER E 123 -8.11 18.70 -37.46
N GLU E 124 -7.02 18.30 -38.12
CA GLU E 124 -6.98 18.20 -39.57
C GLU E 124 -7.09 16.76 -40.07
N LYS E 125 -6.63 15.79 -39.29
CA LYS E 125 -6.61 14.39 -39.70
C LYS E 125 -7.41 13.57 -38.70
N THR E 126 -8.21 12.63 -39.20
CA THR E 126 -9.06 11.81 -38.35
C THR E 126 -8.33 10.63 -37.72
N ASN E 127 -7.07 10.41 -38.09
CA ASN E 127 -6.30 9.29 -37.54
C ASN E 127 -5.64 9.63 -36.20
N ALA E 128 -5.72 10.88 -35.76
CA ALA E 128 -5.10 11.25 -34.50
C ALA E 128 -5.80 10.57 -33.33
N ASP E 129 -5.04 10.33 -32.26
CA ASP E 129 -5.63 9.72 -31.09
C ASP E 129 -6.71 10.59 -30.48
N ILE E 130 -6.49 11.90 -30.40
CA ILE E 130 -7.49 12.85 -29.90
C ILE E 130 -7.84 13.78 -31.05
N TYR E 131 -9.08 13.68 -31.52
CA TYR E 131 -9.53 14.40 -32.71
C TYR E 131 -10.54 15.45 -32.28
N LEU E 132 -10.30 16.70 -32.68
CA LEU E 132 -11.21 17.81 -32.36
C LEU E 132 -11.77 18.32 -33.68
N ASN E 133 -13.03 17.99 -33.96
CA ASN E 133 -13.63 18.39 -35.23
C ASN E 133 -13.75 19.90 -35.30
N PRO E 134 -13.23 20.56 -36.34
CA PRO E 134 -13.25 22.02 -36.37
C PRO E 134 -14.63 22.62 -36.38
N GLN E 135 -15.64 21.92 -36.92
CA GLN E 135 -16.97 22.51 -37.05
C GLN E 135 -17.68 22.62 -35.71
N ASP E 136 -17.35 21.76 -34.76
CA ASP E 136 -18.11 21.66 -33.52
C ASP E 136 -17.98 22.88 -32.63
N PHE E 137 -17.01 23.78 -32.90
CA PHE E 137 -16.80 24.95 -32.07
C PHE E 137 -16.68 26.17 -32.96
N ALA E 138 -16.99 27.34 -32.40
CA ALA E 138 -17.04 28.55 -33.19
C ALA E 138 -15.65 29.04 -33.59
N PHE E 139 -14.64 28.79 -32.76
CA PHE E 139 -13.31 29.35 -32.98
C PHE E 139 -12.25 28.26 -33.15
N ALA E 140 -12.63 27.07 -33.56
CA ALA E 140 -11.64 26.03 -33.84
C ALA E 140 -10.74 26.49 -34.99
N GLU E 141 -9.46 26.11 -34.91
CA GLU E 141 -8.47 26.52 -35.88
C GLU E 141 -7.66 25.30 -36.30
N GLN E 142 -7.25 25.28 -37.57
CA GLN E 142 -6.47 24.15 -38.09
C GLN E 142 -5.08 24.14 -37.48
N SER E 143 -4.72 23.04 -36.83
CA SER E 143 -3.43 22.93 -36.14
C SER E 143 -3.10 21.47 -35.97
N THR E 144 -1.91 21.21 -35.41
CA THR E 144 -1.48 19.85 -35.12
C THR E 144 -0.24 19.92 -34.25
N PHE E 145 -0.05 18.89 -33.44
CA PHE E 145 1.15 18.76 -32.62
C PHE E 145 1.17 17.36 -32.04
N SER E 146 2.27 17.03 -31.36
CA SER E 146 2.45 15.68 -30.83
C SER E 146 3.28 15.73 -29.57
N LEU E 147 3.05 14.76 -28.69
CA LEU E 147 3.87 14.54 -27.51
C LEU E 147 4.80 13.36 -27.76
N LEU E 148 6.01 13.43 -27.22
CA LEU E 148 7.00 12.39 -27.42
C LEU E 148 7.69 12.08 -26.10
N ARG E 149 8.01 10.80 -25.89
CA ARG E 149 8.64 10.33 -24.67
C ARG E 149 10.00 9.73 -24.96
N ALA E 150 10.96 9.98 -24.08
CA ALA E 150 12.31 9.47 -24.24
C ALA E 150 12.99 9.46 -22.87
N GLY E 151 13.45 8.28 -22.46
CA GLY E 151 14.14 8.16 -21.18
C GLY E 151 13.32 8.59 -20.00
N GLY E 152 12.03 8.24 -19.97
CA GLY E 152 11.20 8.57 -18.84
C GLY E 152 10.85 10.04 -18.70
N SER E 153 10.91 10.79 -19.79
CA SER E 153 10.57 12.22 -19.77
C SER E 153 9.72 12.54 -20.99
N TRP E 154 8.91 13.58 -20.85
CA TRP E 154 7.99 14.01 -21.88
C TRP E 154 8.50 15.28 -22.55
N SER E 155 8.12 15.48 -23.81
CA SER E 155 8.53 16.66 -24.56
C SER E 155 7.47 16.98 -25.59
N VAL E 156 7.47 18.22 -26.05
CA VAL E 156 6.47 18.73 -26.99
C VAL E 156 7.16 19.07 -28.30
N ARG E 157 6.39 19.06 -29.38
CA ARG E 157 6.95 19.27 -30.71
C ARG E 157 5.88 19.84 -31.63
N PRO E 158 5.80 21.15 -31.82
CA PRO E 158 4.79 21.71 -32.71
C PRO E 158 5.06 21.35 -34.16
N GLU E 159 3.98 21.31 -34.93
CA GLU E 159 4.06 20.97 -36.36
C GLU E 159 3.32 21.95 -37.26
N SER E 160 2.28 22.63 -36.79
CA SER E 160 1.54 23.59 -37.60
C SER E 160 0.71 24.45 -36.66
N GLY E 161 -0.02 25.39 -37.25
CA GLY E 161 -0.90 26.24 -36.44
C GLY E 161 -0.10 26.99 -35.39
N THR E 162 -0.60 26.98 -34.16
CA THR E 162 0.06 27.69 -33.06
C THR E 162 -0.15 26.93 -31.77
N ILE E 163 0.79 27.12 -30.83
CA ILE E 163 0.71 26.54 -29.51
C ILE E 163 1.23 27.57 -28.51
N PHE E 164 0.59 27.61 -27.34
CA PHE E 164 0.97 28.53 -26.27
C PHE E 164 1.36 27.73 -25.04
N LEU E 165 2.58 27.97 -24.56
CA LEU E 165 3.11 27.26 -23.40
C LEU E 165 3.41 28.28 -22.31
N ASN E 166 2.77 28.12 -21.16
CA ASN E 166 2.94 29.01 -20.03
C ASN E 166 2.65 30.46 -20.42
N GLY E 167 1.85 30.63 -21.47
CA GLY E 167 1.47 31.94 -21.94
C GLY E 167 2.39 32.56 -22.96
N GLU E 168 3.31 31.80 -23.54
CA GLU E 168 4.21 32.30 -24.58
C GLU E 168 4.31 31.28 -25.71
N LYS E 169 4.29 31.78 -26.94
CA LYS E 169 4.35 30.93 -28.11
C LYS E 169 5.72 30.25 -28.19
N ILE E 170 5.75 29.09 -28.84
CA ILE E 170 6.99 28.35 -29.06
C ILE E 170 7.03 27.86 -30.50
N ASN E 171 8.25 27.56 -30.97
CA ASN E 171 8.46 27.19 -32.35
C ASN E 171 9.41 26.02 -32.56
N ALA E 172 9.91 25.39 -31.49
CA ALA E 172 10.91 24.34 -31.65
C ALA E 172 10.71 23.29 -30.56
N ASN E 173 11.25 22.10 -30.81
CA ASN E 173 11.17 21.01 -29.85
C ASN E 173 11.67 21.45 -28.49
N THR E 174 10.86 21.21 -27.46
CA THR E 174 11.15 21.68 -26.12
C THR E 174 10.88 20.59 -25.10
N PRO E 175 11.77 20.37 -24.13
CA PRO E 175 11.44 19.47 -23.03
C PRO E 175 10.39 20.08 -22.12
N LEU E 176 9.58 19.21 -21.52
CA LEU E 176 8.45 19.63 -20.71
C LEU E 176 8.75 19.35 -19.24
N LYS E 177 8.56 20.34 -18.40
CA LYS E 177 8.87 20.23 -16.98
C LYS E 177 7.61 19.92 -16.18
N PRO E 178 7.75 19.50 -14.92
CA PRO E 178 6.63 18.83 -14.24
C PRO E 178 5.31 19.61 -14.20
N GLY E 179 5.35 20.92 -14.00
CA GLY E 179 4.14 21.68 -13.79
C GLY E 179 3.65 22.49 -14.97
N ASP E 180 4.24 22.34 -16.15
CA ASP E 180 3.89 23.19 -17.27
C ASP E 180 2.48 22.90 -17.77
N GLU E 181 1.88 23.91 -18.42
CA GLU E 181 0.52 23.82 -18.94
C GLU E 181 0.53 24.25 -20.40
N ILE E 182 -0.14 23.49 -21.25
CA ILE E 182 -0.21 23.74 -22.69
C ILE E 182 -1.59 24.28 -23.02
N PHE E 183 -1.66 25.20 -23.96
CA PHE E 183 -2.92 25.81 -24.38
C PHE E 183 -3.05 25.65 -25.89
N TRP E 184 -4.20 25.17 -26.34
CA TRP E 184 -4.40 24.90 -27.77
C TRP E 184 -5.89 24.82 -28.06
N ASN E 185 -6.39 25.76 -28.85
CA ASN E 185 -7.79 25.79 -29.26
C ASN E 185 -8.71 25.76 -28.03
N PHE E 186 -8.46 26.69 -27.11
CA PHE E 186 -9.27 26.82 -25.90
C PHE E 186 -9.32 25.51 -25.12
N THR E 187 -8.23 24.76 -25.17
CA THR E 187 -8.08 23.52 -24.43
C THR E 187 -6.75 23.55 -23.69
N GLN E 188 -6.75 23.03 -22.47
CA GLN E 188 -5.57 23.02 -21.62
C GLN E 188 -5.15 21.60 -21.31
N MET E 189 -3.88 21.30 -21.53
CA MET E 189 -3.33 19.97 -21.32
C MET E 189 -2.21 20.04 -20.31
N ARG E 190 -2.21 19.08 -19.39
CA ARG E 190 -1.23 19.00 -18.32
C ARG E 190 -0.76 17.56 -18.22
N VAL E 191 0.49 17.37 -17.79
CA VAL E 191 1.06 16.05 -17.66
C VAL E 191 1.53 15.86 -16.22
N THR E 192 1.53 14.61 -15.78
CA THR E 192 2.04 14.24 -14.46
C THR E 192 2.84 12.96 -14.59
N GLU E 193 4.01 12.93 -13.97
CA GLU E 193 4.83 11.73 -14.03
C GLU E 193 4.03 10.55 -13.49
N GLN E 194 4.40 9.35 -13.97
CA GLN E 194 3.56 8.16 -13.99
C GLN E 194 2.60 8.21 -15.16
N ASP E 195 2.61 9.30 -15.93
CA ASP E 195 1.92 9.34 -17.21
C ASP E 195 0.41 9.29 -17.04
N LEU E 196 -0.14 10.21 -16.26
CA LEU E 196 -1.56 10.51 -16.25
C LEU E 196 -1.77 11.87 -16.91
N LEU E 197 -2.62 11.90 -17.93
CA LEU E 197 -2.82 13.08 -18.75
C LEU E 197 -4.15 13.72 -18.36
N GLU E 198 -4.12 15.01 -18.07
CA GLU E 198 -5.31 15.75 -17.64
C GLU E 198 -5.67 16.79 -18.68
N ILE E 199 -6.97 16.97 -18.90
CA ILE E 199 -7.47 17.88 -19.93
C ILE E 199 -8.64 18.67 -19.36
N VAL E 200 -8.69 19.95 -19.72
CA VAL E 200 -9.81 20.83 -19.40
C VAL E 200 -10.19 21.54 -20.69
N HIS E 201 -11.48 21.54 -21.02
CA HIS E 201 -11.90 21.98 -22.34
C HIS E 201 -13.33 22.52 -22.30
N TYR E 202 -13.61 23.48 -23.18
CA TYR E 202 -14.96 23.85 -23.55
C TYR E 202 -15.13 23.36 -24.99
N ALA E 203 -15.41 22.07 -25.14
CA ALA E 203 -15.49 21.48 -26.46
C ALA E 203 -15.89 20.01 -26.37
N GLN E 204 -16.01 19.35 -27.52
CA GLN E 204 -16.19 17.91 -27.59
C GLN E 204 -15.18 17.33 -28.57
N PHE E 205 -14.62 16.19 -28.19
CA PHE E 205 -13.61 15.54 -29.02
C PHE E 205 -13.69 14.03 -28.84
N GLU E 206 -13.40 13.32 -29.93
CA GLU E 206 -13.31 11.87 -29.87
C GLU E 206 -12.00 11.44 -29.22
N THR E 207 -11.98 10.21 -28.72
CA THR E 207 -10.81 9.70 -28.03
C THR E 207 -10.81 8.18 -28.05
N ALA E 208 -9.66 7.60 -27.73
CA ALA E 208 -9.51 6.16 -27.64
C ALA E 208 -8.72 5.72 -26.42
N LEU E 209 -8.24 6.64 -25.59
CA LEU E 209 -7.44 6.29 -24.43
C LEU E 209 -8.33 5.71 -23.32
N THR E 210 -7.68 5.10 -22.34
CA THR E 210 -8.41 4.51 -21.22
C THR E 210 -8.69 5.58 -20.16
N GLU E 211 -9.95 5.68 -19.74
CA GLU E 211 -10.33 6.68 -18.76
C GLU E 211 -10.18 6.14 -17.34
N THR E 212 -9.86 7.02 -16.40
CA THR E 212 -9.67 6.63 -15.01
C THR E 212 -9.77 7.88 -14.15
N VAL E 213 -9.55 7.69 -12.85
CA VAL E 213 -9.62 8.76 -11.85
C VAL E 213 -8.51 8.54 -10.84
N LYS E 214 -8.07 9.62 -10.20
CA LYS E 214 -7.02 9.51 -9.20
C LYS E 214 -7.57 8.95 -7.90
N PRO E 215 -6.75 8.22 -7.13
CA PRO E 215 -7.18 7.80 -5.80
C PRO E 215 -7.22 8.98 -4.84
N SER E 216 -7.99 8.81 -3.77
CA SER E 216 -8.19 9.88 -2.80
C SER E 216 -8.68 9.29 -1.49
N THR E 217 -8.68 10.13 -0.45
CA THR E 217 -9.24 9.78 0.85
C THR E 217 -9.89 11.01 1.44
N GLU E 218 -10.26 10.93 2.71
CA GLU E 218 -10.83 12.10 3.39
C GLU E 218 -9.76 13.11 3.74
N MET E 219 -8.61 12.65 4.25
CA MET E 219 -7.58 13.57 4.69
C MET E 219 -7.05 14.42 3.55
N GLN E 220 -6.87 13.81 2.37
CA GLN E 220 -6.41 14.58 1.22
C GLN E 220 -7.44 15.62 0.81
N LYS E 221 -8.72 15.37 1.07
CA LYS E 221 -9.74 16.37 0.76
C LYS E 221 -9.77 17.49 1.78
N LYS E 222 -9.45 17.20 3.04
CA LYS E 222 -9.34 18.24 4.06
C LYS E 222 -7.92 18.77 4.20
N TYR E 223 -7.11 18.72 3.14
CA TYR E 223 -5.65 18.84 3.26
C TYR E 223 -5.19 20.05 4.06
N PRO E 224 -5.69 21.27 3.85
CA PRO E 224 -5.19 22.41 4.64
C PRO E 224 -5.48 22.28 6.12
N GLN E 225 -6.41 21.43 6.53
CA GLN E 225 -6.76 21.25 7.94
C GLN E 225 -6.41 19.83 8.37
N TYR E 226 -6.13 19.67 9.67
CA TYR E 226 -5.77 18.38 10.22
C TYR E 226 -6.31 18.25 11.62
N ARG E 227 -6.74 17.03 11.97
CA ARG E 227 -7.28 16.76 13.29
C ARG E 227 -7.06 15.29 13.63
N ARG E 228 -6.82 15.01 14.90
CA ARG E 228 -6.42 13.67 15.31
C ARG E 228 -7.53 12.65 15.04
N THR E 229 -7.15 11.38 15.05
CA THR E 229 -8.04 10.26 14.81
C THR E 229 -7.74 9.17 15.83
N PRO E 230 -8.69 8.28 16.10
CA PRO E 230 -8.45 7.23 17.10
C PRO E 230 -7.26 6.36 16.72
N ARG E 231 -6.49 5.97 17.73
CA ARG E 231 -5.27 5.22 17.53
C ARG E 231 -5.52 3.71 17.63
N MET E 232 -4.66 2.94 16.96
CA MET E 232 -4.71 1.49 17.01
C MET E 232 -3.42 0.96 17.59
N VAL E 233 -3.53 0.08 18.59
CA VAL E 233 -2.38 -0.43 19.33
C VAL E 233 -2.47 -1.95 19.37
N TYR E 234 -1.32 -2.61 19.30
CA TYR E 234 -1.22 -4.06 19.39
C TYR E 234 -0.49 -4.45 20.67
N ASP E 235 -0.71 -5.68 21.12
CA ASP E 235 -0.01 -6.22 22.28
C ASP E 235 0.91 -7.35 21.86
N LEU E 236 2.05 -7.46 22.55
CA LEU E 236 3.02 -8.49 22.23
C LEU E 236 2.45 -9.87 22.58
N PRO E 237 2.91 -10.92 21.89
CA PRO E 237 2.39 -12.26 22.20
C PRO E 237 2.98 -12.84 23.47
N ASP E 238 2.19 -12.88 24.53
CA ASP E 238 2.60 -13.46 25.80
C ASP E 238 1.96 -14.83 25.93
N ASP E 239 2.78 -15.86 26.07
CA ASP E 239 2.30 -17.23 26.07
C ASP E 239 3.35 -18.13 26.70
N ARG E 240 2.93 -19.37 27.00
CA ARG E 240 3.81 -20.40 27.51
C ARG E 240 3.58 -21.69 26.73
N VAL E 241 4.64 -22.44 26.49
CA VAL E 241 4.58 -23.63 25.66
C VAL E 241 5.24 -24.79 26.40
N SER E 242 4.85 -26.01 26.02
CA SER E 242 5.38 -27.24 26.60
C SER E 242 6.09 -28.05 25.53
N PHE E 243 7.09 -28.83 25.94
CA PHE E 243 7.90 -29.57 24.99
C PHE E 243 8.42 -30.83 25.67
N SER E 244 8.77 -31.82 24.85
CA SER E 244 9.27 -33.09 25.38
C SER E 244 10.07 -33.81 24.31
N PHE E 245 10.88 -34.74 24.77
CA PHE E 245 11.83 -35.46 23.94
C PHE E 245 12.03 -36.87 24.49
N PRO E 246 12.35 -37.83 23.63
CA PRO E 246 12.29 -39.23 24.05
C PRO E 246 13.40 -39.58 25.04
N SER E 247 13.08 -40.53 25.93
CA SER E 247 13.98 -40.92 27.00
C SER E 247 14.29 -42.42 27.04
N GLN E 248 13.42 -43.29 26.53
CA GLN E 248 13.69 -44.72 26.59
C GLN E 248 14.86 -45.08 25.68
N GLU E 249 15.62 -46.08 26.09
CA GLU E 249 16.77 -46.52 25.34
C GLU E 249 16.36 -46.96 23.93
N PHE E 303 14.05 -64.99 10.75
CA PHE E 303 12.61 -64.70 10.76
C PHE E 303 12.12 -64.45 12.17
N ARG E 304 12.61 -65.26 13.11
CA ARG E 304 12.23 -65.09 14.51
C ARG E 304 12.69 -63.76 15.07
N ASP E 305 13.98 -63.44 14.89
CA ASP E 305 14.53 -62.21 15.46
C ASP E 305 14.25 -61.01 14.57
N LYS E 306 13.97 -61.22 13.29
CA LYS E 306 13.76 -60.10 12.38
C LYS E 306 12.49 -59.33 12.74
N ASN E 307 11.38 -60.05 12.95
CA ASN E 307 10.10 -59.40 13.18
C ASN E 307 10.06 -58.68 14.52
N GLN E 308 10.93 -59.04 15.46
CA GLN E 308 10.79 -58.58 16.84
C GLN E 308 11.27 -57.14 16.99
N ARG E 309 12.24 -56.71 16.17
CA ARG E 309 13.07 -55.57 16.55
C ARG E 309 12.61 -54.27 15.89
N LYS E 310 12.47 -54.26 14.56
CA LYS E 310 12.47 -52.99 13.84
C LYS E 310 11.15 -52.24 13.98
N LYS E 311 10.03 -52.96 14.02
CA LYS E 311 8.72 -52.31 13.90
C LYS E 311 8.43 -51.38 15.07
N ARG E 312 8.89 -51.74 16.28
CA ARG E 312 8.71 -50.85 17.42
C ARG E 312 9.38 -49.50 17.17
N GLU E 313 10.63 -49.53 16.69
CA GLU E 313 11.32 -48.29 16.37
C GLU E 313 10.62 -47.53 15.25
N GLU E 314 10.02 -48.26 14.30
CA GLU E 314 9.26 -47.60 13.25
C GLU E 314 8.08 -46.83 13.83
N LYS E 315 7.35 -47.45 14.77
CA LYS E 315 6.26 -46.74 15.44
C LYS E 315 6.78 -45.51 16.17
N ARG E 316 7.90 -45.67 16.88
CA ARG E 316 8.55 -44.53 17.52
C ARG E 316 8.77 -43.40 16.53
N GLU E 317 9.34 -43.73 15.37
CA GLU E 317 9.67 -42.72 14.37
C GLU E 317 8.41 -41.96 13.95
N ARG E 318 7.36 -42.71 13.59
CA ARG E 318 6.15 -42.05 13.09
C ARG E 318 5.56 -41.12 14.16
N VAL E 319 5.42 -41.62 15.38
CA VAL E 319 4.76 -40.83 16.43
C VAL E 319 5.57 -39.57 16.71
N TYR E 320 6.89 -39.71 16.84
CA TYR E 320 7.70 -38.54 17.16
C TYR E 320 7.68 -37.54 16.02
N LYS E 321 7.64 -38.02 14.77
CA LYS E 321 7.58 -37.10 13.65
C LYS E 321 6.31 -36.25 13.72
N LEU E 322 5.17 -36.89 14.00
CA LEU E 322 3.92 -36.13 14.11
C LEU E 322 4.02 -35.09 15.22
N TYR E 323 4.55 -35.49 16.38
CA TYR E 323 4.65 -34.57 17.50
C TYR E 323 5.50 -33.35 17.13
N LEU E 324 6.64 -33.61 16.48
CA LEU E 324 7.52 -32.51 16.10
C LEU E 324 6.82 -31.56 15.14
N ASP E 325 6.06 -32.10 14.17
CA ASP E 325 5.38 -31.22 13.23
C ASP E 325 4.41 -30.29 13.95
N ASN E 326 3.63 -30.83 14.89
CA ASN E 326 2.72 -29.96 15.63
C ASN E 326 3.48 -28.83 16.33
N LYS E 327 4.54 -29.17 17.07
CA LYS E 327 5.25 -28.12 17.80
C LYS E 327 5.86 -27.10 16.85
N ARG E 328 6.40 -27.57 15.72
CA ARG E 328 7.01 -26.65 14.76
C ARG E 328 6.00 -25.63 14.28
N LYS E 329 4.80 -26.08 13.92
CA LYS E 329 3.79 -25.14 13.44
C LYS E 329 3.46 -24.10 14.51
N GLU E 330 3.28 -24.54 15.76
CA GLU E 330 2.91 -23.59 16.82
C GLU E 330 4.00 -22.52 17.00
N LEU E 331 5.26 -22.97 17.10
CA LEU E 331 6.33 -22.01 17.32
C LEU E 331 6.46 -21.03 16.15
N GLN E 332 6.32 -21.53 14.92
CA GLN E 332 6.35 -20.63 13.77
C GLN E 332 5.30 -19.54 13.90
N ALA E 333 4.07 -19.91 14.25
CA ALA E 333 3.02 -18.90 14.36
C ALA E 333 3.39 -17.83 15.38
N LEU E 334 3.86 -18.25 16.56
CA LEU E 334 4.18 -17.26 17.59
C LEU E 334 5.28 -16.30 17.12
N ALA E 335 6.35 -16.85 16.52
CA ALA E 335 7.45 -16.00 16.09
C ALA E 335 6.98 -14.99 15.05
N GLU E 336 6.15 -15.44 14.10
CA GLU E 336 5.66 -14.52 13.08
C GLU E 336 4.85 -13.39 13.71
N LYS E 337 4.01 -13.70 14.69
CA LYS E 337 3.21 -12.65 15.30
C LYS E 337 4.11 -11.60 15.95
N GLN E 338 5.11 -12.04 16.72
CA GLN E 338 5.97 -11.06 17.37
C GLN E 338 6.70 -10.20 16.34
N LYS E 339 7.22 -10.82 15.28
CA LYS E 339 7.91 -10.04 14.26
C LYS E 339 6.99 -8.97 13.67
N GLN E 340 5.75 -9.36 13.36
CA GLN E 340 4.83 -8.41 12.76
C GLN E 340 4.60 -7.22 13.68
N VAL E 341 4.36 -7.47 14.96
CA VAL E 341 4.10 -6.37 15.88
C VAL E 341 5.29 -5.43 15.95
N LEU E 342 6.50 -5.98 16.11
CA LEU E 342 7.68 -5.13 16.24
C LEU E 342 7.91 -4.31 14.96
N GLU E 343 7.73 -4.92 13.80
CA GLU E 343 7.89 -4.14 12.57
C GLU E 343 6.85 -3.03 12.47
N PHE E 344 5.62 -3.31 12.89
CA PHE E 344 4.58 -2.28 12.80
C PHE E 344 4.89 -1.09 13.68
N HIS E 345 5.36 -1.32 14.91
CA HIS E 345 5.44 -0.21 15.86
C HIS E 345 6.54 0.80 15.54
N PHE E 346 7.65 0.36 14.93
CA PHE E 346 8.82 1.23 14.71
C PHE E 346 9.21 1.23 13.24
N PRO E 347 8.64 2.11 12.43
CA PRO E 347 9.01 2.17 11.02
C PRO E 347 10.27 2.99 10.81
N SER E 348 10.96 2.71 9.69
CA SER E 348 12.21 3.39 9.37
C SER E 348 11.93 4.77 8.79
N PHE E 349 13.01 5.52 8.56
CA PHE E 349 12.85 6.92 8.16
C PHE E 349 12.24 7.03 6.77
N GLU E 350 12.66 6.16 5.84
CA GLU E 350 12.10 6.21 4.49
C GLU E 350 10.60 6.00 4.52
N GLN E 351 10.12 5.09 5.37
CA GLN E 351 8.69 4.89 5.49
C GLN E 351 8.00 6.14 6.00
N MET E 352 8.65 6.89 6.89
CA MET E 352 8.07 8.15 7.36
C MET E 352 7.96 9.15 6.22
N LYS E 353 9.00 9.27 5.39
CA LYS E 353 8.88 10.14 4.23
C LYS E 353 7.70 9.74 3.36
N TYR E 354 7.60 8.46 3.03
CA TYR E 354 6.55 8.02 2.13
C TYR E 354 5.17 8.26 2.73
N LEU E 355 5.00 7.99 4.02
CA LEU E 355 3.71 8.25 4.66
C LEU E 355 3.37 9.73 4.64
N THR E 356 4.35 10.59 4.93
CA THR E 356 4.09 12.02 4.90
C THR E 356 3.70 12.49 3.50
N SER E 357 4.23 11.81 2.48
CA SER E 357 3.92 12.22 1.11
C SER E 357 2.43 12.15 0.82
N GLU E 358 1.76 11.09 1.28
CA GLU E 358 0.36 10.86 0.98
C GLU E 358 -0.58 11.41 2.06
N ILE E 359 -0.05 12.07 3.08
CA ILE E 359 -0.86 12.57 4.18
C ILE E 359 -1.61 11.41 4.83
N SER E 360 -0.86 10.47 5.40
CA SER E 360 -1.49 9.39 6.14
C SER E 360 -2.07 9.91 7.44
N ASP E 361 -2.90 9.10 8.08
CA ASP E 361 -3.55 9.54 9.31
C ASP E 361 -2.71 9.28 10.55
N ARG E 362 -1.51 8.72 10.42
CA ARG E 362 -0.67 8.41 11.56
C ARG E 362 0.19 9.59 12.01
N ILE E 363 0.27 10.67 11.22
CA ILE E 363 1.10 11.80 11.59
C ILE E 363 0.72 12.27 12.97
N TRP E 364 1.72 12.58 13.80
CA TRP E 364 1.49 13.14 15.13
C TRP E 364 0.52 12.29 15.94
N GLU E 365 0.68 10.97 15.90
CA GLU E 365 -0.27 10.10 16.61
C GLU E 365 -0.03 10.07 18.11
N LYS E 366 1.21 10.20 18.56
CA LYS E 366 1.51 10.10 19.98
C LYS E 366 1.17 11.40 20.69
N SER E 367 1.33 11.38 22.02
CA SER E 367 1.05 12.55 22.83
C SER E 367 1.69 12.36 24.20
N LEU E 368 1.73 13.45 24.97
CA LEU E 368 2.34 13.37 26.30
C LEU E 368 1.69 12.30 27.16
N GLU E 369 0.38 12.08 27.01
CA GLU E 369 -0.30 11.08 27.81
C GLU E 369 0.20 9.67 27.52
N SER E 370 0.65 9.41 26.30
CA SER E 370 1.14 8.08 25.97
C SER E 370 2.46 7.80 26.67
N LYS E 371 2.86 6.53 26.66
CA LYS E 371 4.11 6.11 27.27
C LYS E 371 5.24 6.00 26.27
N ASP E 372 4.95 5.57 25.05
CA ASP E 372 5.97 5.21 24.08
C ASP E 372 6.41 6.37 23.20
N TYR E 373 6.29 7.61 23.67
CA TYR E 373 6.92 8.72 22.97
C TYR E 373 8.37 8.86 23.43
N LEU E 374 9.14 9.66 22.70
CA LEU E 374 10.57 9.80 22.97
C LEU E 374 11.27 8.45 22.93
N GLN E 375 10.89 7.59 21.98
CA GLN E 375 11.52 6.30 21.78
C GLN E 375 11.99 6.23 20.34
N LEU E 376 13.23 5.79 20.15
CA LEU E 376 13.91 5.91 18.86
C LEU E 376 14.37 4.54 18.40
N ARG E 377 14.45 4.35 17.08
CA ARG E 377 14.96 3.14 16.49
C ARG E 377 16.37 3.38 15.98
N LEU E 378 17.31 2.52 16.35
CA LEU E 378 18.70 2.70 15.96
C LEU E 378 19.11 1.82 14.79
N GLY E 379 18.55 0.62 14.68
CA GLY E 379 18.95 -0.29 13.62
C GLY E 379 18.26 -1.62 13.76
N THR E 380 18.88 -2.65 13.21
CA THR E 380 18.34 -4.00 13.23
C THR E 380 19.38 -4.97 13.74
N GLY E 381 18.92 -6.09 14.28
CA GLY E 381 19.83 -7.08 14.83
C GLY E 381 19.13 -8.32 15.34
N THR E 382 19.49 -8.78 16.54
CA THR E 382 18.94 -9.97 17.16
C THR E 382 18.30 -9.60 18.50
N VAL E 383 17.14 -10.19 18.78
CA VAL E 383 16.39 -9.87 19.98
C VAL E 383 15.88 -11.15 20.63
N PRO E 384 15.71 -11.17 21.96
CA PRO E 384 15.20 -12.38 22.61
C PRO E 384 13.69 -12.49 22.48
N SER E 385 13.19 -13.73 22.50
CA SER E 385 11.76 -13.98 22.36
C SER E 385 11.03 -13.64 23.65
N SER E 386 9.74 -13.34 23.51
CA SER E 386 8.88 -12.98 24.64
C SER E 386 7.98 -14.12 25.11
N TYR E 387 8.15 -15.32 24.57
CA TYR E 387 7.34 -16.48 24.96
C TYR E 387 8.26 -17.58 25.46
N GLU E 388 7.92 -18.16 26.62
CA GLU E 388 8.77 -19.16 27.24
C GLU E 388 8.66 -20.49 26.53
N ILE E 389 9.78 -21.20 26.44
CA ILE E 389 9.81 -22.58 25.95
C ILE E 389 10.33 -23.45 27.08
N ASN E 390 9.51 -24.43 27.51
CA ASN E 390 9.88 -25.33 28.61
C ASN E 390 10.52 -26.57 28.00
N MET E 391 11.80 -26.44 27.66
CA MET E 391 12.52 -27.55 27.04
C MET E 391 12.81 -28.68 28.02
N SER E 392 12.53 -28.49 29.31
CA SER E 392 12.99 -29.42 30.34
C SER E 392 12.59 -30.86 30.02
N GLY E 393 11.31 -31.09 29.76
CA GLY E 393 10.84 -32.44 29.48
C GLY E 393 11.42 -33.45 30.44
N GLY E 394 11.81 -34.61 29.88
CA GLY E 394 12.52 -35.61 30.65
C GLY E 394 13.99 -35.29 30.79
N ASP E 395 14.62 -35.92 31.78
CA ASP E 395 16.03 -35.65 32.07
C ASP E 395 16.91 -36.24 30.97
N LEU E 396 17.75 -35.40 30.36
CA LEU E 396 18.59 -35.84 29.26
C LEU E 396 19.74 -36.71 29.76
N ALA E 397 20.27 -36.41 30.94
CA ALA E 397 21.46 -37.09 31.43
C ALA E 397 21.26 -38.59 31.61
N ASN E 398 20.04 -39.11 31.44
CA ASN E 398 19.82 -40.54 31.64
C ASN E 398 20.65 -41.36 30.66
N ARG E 399 20.68 -40.97 29.40
CA ARG E 399 21.29 -41.78 28.35
C ARG E 399 21.96 -40.88 27.32
N ASP E 400 22.51 -41.50 26.28
CA ASP E 400 23.27 -40.77 25.29
C ASP E 400 22.35 -39.98 24.35
N ILE E 401 22.94 -38.98 23.72
CA ILE E 401 22.25 -38.14 22.72
C ILE E 401 21.99 -38.93 21.44
N ASP E 402 20.74 -39.32 21.23
CA ASP E 402 20.33 -40.03 20.03
C ASP E 402 19.95 -39.04 18.93
N ASP E 403 19.53 -39.60 17.78
CA ASP E 403 19.16 -38.75 16.66
C ASP E 403 17.95 -37.88 17.00
N LEU E 404 16.95 -38.48 17.66
CA LEU E 404 15.81 -37.70 18.13
C LEU E 404 16.25 -36.64 19.13
N MET E 405 17.16 -36.99 20.04
CA MET E 405 17.77 -35.99 20.90
C MET E 405 18.33 -34.85 20.08
N GLU E 406 19.07 -35.17 19.01
CA GLU E 406 19.75 -34.14 18.25
C GLU E 406 18.75 -33.23 17.54
N LYS E 407 17.69 -33.82 16.97
CA LYS E 407 16.68 -33.00 16.31
C LYS E 407 15.98 -32.07 17.29
N SER E 408 15.63 -32.59 18.47
CA SER E 408 15.00 -31.72 19.46
C SER E 408 15.94 -30.60 19.88
N GLN E 409 17.22 -30.91 20.12
CA GLN E 409 18.17 -29.88 20.50
C GLN E 409 18.32 -28.84 19.39
N HIS E 410 18.37 -29.28 18.14
CA HIS E 410 18.51 -28.35 17.03
C HIS E 410 17.32 -27.42 16.93
N MET E 411 16.11 -27.96 17.11
CA MET E 411 14.93 -27.11 17.05
C MET E 411 14.87 -26.17 18.26
N GLN E 412 15.47 -26.56 19.38
CA GLN E 412 15.41 -25.72 20.57
C GLN E 412 16.10 -24.38 20.34
N ARG E 413 17.22 -24.37 19.63
CA ARG E 413 17.97 -23.12 19.46
C ARG E 413 17.25 -22.16 18.53
N VAL E 414 16.70 -22.67 17.44
CA VAL E 414 16.27 -21.80 16.33
C VAL E 414 15.19 -20.83 16.80
N TYR E 415 14.18 -21.32 17.50
CA TYR E 415 13.04 -20.50 17.85
C TYR E 415 13.19 -19.79 19.18
N LYS E 416 14.40 -19.74 19.73
CA LYS E 416 14.61 -19.01 20.98
C LYS E 416 14.68 -17.50 20.74
N ASP E 417 15.25 -17.08 19.62
CA ASP E 417 15.53 -15.68 19.34
C ASP E 417 15.04 -15.32 17.95
N ILE E 418 14.48 -14.13 17.81
CA ILE E 418 14.06 -13.59 16.52
C ILE E 418 15.25 -12.89 15.89
N ARG E 419 15.31 -12.88 14.55
CA ARG E 419 16.42 -12.30 13.82
C ARG E 419 15.92 -11.24 12.84
N ASN E 420 16.72 -10.20 12.67
CA ASN E 420 16.38 -9.05 11.82
C ASN E 420 15.13 -8.35 12.34
N ALA E 421 15.25 -7.79 13.54
CA ALA E 421 14.18 -7.06 14.21
C ALA E 421 14.70 -5.74 14.73
N PRO E 422 13.83 -4.75 14.93
CA PRO E 422 14.28 -3.45 15.42
C PRO E 422 14.95 -3.54 16.78
N VAL E 423 15.96 -2.70 16.98
CA VAL E 423 16.60 -2.50 18.28
C VAL E 423 16.27 -1.08 18.73
N THR E 424 15.72 -0.94 19.92
CA THR E 424 15.13 0.30 20.37
C THR E 424 15.80 0.80 21.64
N VAL E 425 15.88 2.13 21.78
CA VAL E 425 16.40 2.77 22.97
C VAL E 425 15.44 3.89 23.34
N ASP E 426 15.46 4.28 24.61
CA ASP E 426 14.56 5.30 25.13
C ASP E 426 15.38 6.51 25.58
N LEU E 427 14.77 7.69 25.50
CA LEU E 427 15.43 8.93 25.87
C LEU E 427 14.91 9.51 27.18
N ALA E 428 13.76 9.04 27.66
CA ALA E 428 13.13 9.61 28.85
C ALA E 428 13.85 9.25 30.14
N GLU E 429 14.85 8.38 30.09
CA GLU E 429 15.52 7.90 31.29
C GLU E 429 16.79 8.69 31.62
N GLY E 430 16.96 9.87 31.04
CA GLY E 430 18.07 10.73 31.37
C GLY E 430 18.94 11.04 30.16
N PRO E 431 20.02 11.78 30.39
CA PRO E 431 20.87 12.20 29.27
C PRO E 431 21.41 11.01 28.51
N MET E 432 21.50 11.18 27.19
CA MET E 432 22.03 10.16 26.29
C MET E 432 23.32 10.68 25.67
N GLY E 433 24.23 9.77 25.33
CA GLY E 433 25.51 10.12 24.74
C GLY E 433 25.71 9.40 23.43
N LEU E 434 26.63 9.92 22.62
CA LEU E 434 27.04 9.26 21.39
C LEU E 434 28.55 9.35 21.26
N VAL E 435 29.18 8.29 20.79
CA VAL E 435 30.62 8.20 20.68
C VAL E 435 30.99 7.59 19.33
N GLY E 436 32.07 8.08 18.75
CA GLY E 436 32.53 7.57 17.47
C GLY E 436 33.25 8.68 16.72
N LYS E 437 33.74 8.31 15.55
CA LYS E 437 34.37 9.30 14.69
C LYS E 437 33.34 10.33 14.26
N SER E 438 33.79 11.59 14.13
CA SER E 438 32.84 12.70 14.02
C SER E 438 31.92 12.56 12.81
N GLN E 439 32.49 12.18 11.66
CA GLN E 439 31.72 12.22 10.43
C GLN E 439 30.50 11.32 10.50
N ILE E 440 30.66 10.11 11.03
CA ILE E 440 29.54 9.16 11.03
C ILE E 440 28.44 9.62 11.98
N VAL E 441 28.80 10.12 13.15
CA VAL E 441 27.79 10.62 14.08
C VAL E 441 27.06 11.80 13.46
N LYS E 442 27.79 12.68 12.78
CA LYS E 442 27.15 13.81 12.13
C LYS E 442 26.16 13.34 11.07
N ASN E 443 26.56 12.35 10.26
CA ASN E 443 25.63 11.80 9.27
C ASN E 443 24.48 11.05 9.91
N GLU E 444 24.61 10.65 11.17
CA GLU E 444 23.56 9.87 11.81
C GLU E 444 22.52 10.71 12.53
N ILE E 445 22.89 11.87 13.08
CA ILE E 445 21.92 12.62 13.89
C ILE E 445 20.65 12.93 13.10
N HIS E 446 20.71 12.92 11.77
CA HIS E 446 19.52 13.24 10.98
C HIS E 446 18.39 12.25 11.26
N GLN E 447 18.71 10.96 11.33
CA GLN E 447 17.68 9.96 11.63
C GLN E 447 16.96 10.29 12.92
N LEU E 448 17.72 10.53 14.00
CA LEU E 448 17.09 10.76 15.29
C LEU E 448 16.20 11.99 15.25
N ILE E 449 16.70 13.09 14.64
CA ILE E 449 15.88 14.29 14.62
C ILE E 449 14.59 14.07 13.84
N GLY E 450 14.68 13.44 12.68
CA GLY E 450 13.49 13.19 11.88
C GLY E 450 12.49 12.31 12.59
N GLN E 451 12.99 11.23 13.21
CA GLN E 451 12.11 10.32 13.91
C GLN E 451 11.38 11.01 15.06
N LEU E 452 12.09 11.82 15.83
CA LEU E 452 11.44 12.56 16.90
C LEU E 452 10.39 13.50 16.34
N SER E 453 10.72 14.19 15.24
CA SER E 453 9.79 15.18 14.70
C SER E 453 8.52 14.57 14.14
N PHE E 454 8.59 13.37 13.58
CA PHE E 454 7.41 12.81 12.91
C PHE E 454 6.29 12.47 13.88
N PHE E 455 6.61 12.14 15.14
CA PHE E 455 5.63 11.57 16.06
C PHE E 455 5.07 12.55 17.09
N ASN E 456 5.39 13.84 17.02
CA ASN E 456 4.98 14.78 18.04
C ASN E 456 4.44 16.07 17.43
N SER E 457 3.39 16.61 18.03
CA SER E 457 2.84 17.88 17.58
C SER E 457 3.69 19.04 18.08
N TYR E 458 3.71 20.12 17.29
CA TYR E 458 4.49 21.28 17.72
C TYR E 458 3.83 22.03 18.86
N HIS E 459 2.67 21.57 19.34
CA HIS E 459 2.09 22.13 20.55
C HIS E 459 2.73 21.56 21.81
N ASP E 460 3.62 20.57 21.66
CA ASP E 460 4.17 19.86 22.81
C ASP E 460 5.68 19.77 22.83
N LEU E 461 6.35 19.83 21.67
CA LEU E 461 7.78 19.58 21.60
C LEU E 461 8.47 20.70 20.84
N ARG E 462 9.55 21.21 21.40
CA ARG E 462 10.34 22.27 20.79
C ARG E 462 11.82 21.92 20.90
N PHE E 463 12.60 22.29 19.90
CA PHE E 463 14.01 21.93 19.84
C PHE E 463 14.90 23.13 20.12
N VAL E 464 16.17 22.85 20.38
CA VAL E 464 17.24 23.83 20.37
C VAL E 464 18.51 23.10 19.96
N PHE E 465 19.30 23.71 19.09
CA PHE E 465 20.35 23.00 18.36
C PHE E 465 21.60 23.86 18.32
N ILE E 466 22.75 23.22 18.48
CA ILE E 466 24.04 23.93 18.47
C ILE E 466 24.99 23.16 17.56
N PHE E 467 25.82 23.89 16.83
CA PHE E 467 26.65 23.26 15.81
C PHE E 467 27.75 24.23 15.37
N HIS E 468 28.59 23.75 14.47
CA HIS E 468 29.68 24.56 13.96
C HIS E 468 29.20 25.48 12.84
N GLU E 469 29.82 26.66 12.75
CA GLU E 469 29.41 27.63 11.74
C GLU E 469 29.64 27.11 10.33
N GLU E 470 30.76 26.43 10.10
CA GLU E 470 31.10 25.99 8.76
C GLU E 470 30.06 25.02 8.20
N GLU E 471 29.45 24.21 9.05
CA GLU E 471 28.54 23.17 8.61
C GLU E 471 27.15 23.70 8.27
N TYR E 472 26.97 25.02 8.15
CA TYR E 472 25.62 25.55 8.05
C TYR E 472 24.89 25.03 6.82
N LYS E 473 25.58 24.93 5.69
CA LYS E 473 24.91 24.52 4.46
C LYS E 473 24.46 23.06 4.48
N ASP E 474 24.89 22.27 5.46
CA ASP E 474 24.37 20.91 5.62
C ASP E 474 23.19 20.86 6.57
N TRP E 475 23.15 21.76 7.56
CA TRP E 475 22.10 21.74 8.56
C TRP E 475 20.93 22.66 8.22
N GLU E 476 20.92 23.26 7.03
CA GLU E 476 19.95 24.32 6.75
C GLU E 476 18.54 23.77 6.64
N TRP E 477 18.37 22.56 6.12
CA TRP E 477 17.04 22.10 5.76
C TRP E 477 16.10 22.00 6.96
N MET E 478 16.65 21.98 8.18
CA MET E 478 15.80 21.85 9.36
C MET E 478 15.16 23.16 9.79
N LYS E 479 15.62 24.31 9.27
CA LYS E 479 15.09 25.57 9.75
C LYS E 479 13.61 25.74 9.45
N TRP E 480 13.07 24.98 8.49
CA TRP E 480 11.69 25.15 8.08
C TRP E 480 10.70 24.30 8.87
N LEU E 481 11.18 23.37 9.70
CA LEU E 481 10.27 22.55 10.46
C LEU E 481 9.48 23.42 11.44
N PRO E 482 8.29 22.97 11.86
CA PRO E 482 7.50 23.80 12.78
C PRO E 482 8.01 23.75 14.20
N GLN E 483 8.51 22.60 14.66
CA GLN E 483 8.95 22.47 16.05
C GLN E 483 10.11 23.39 16.39
N PHE E 484 10.86 23.89 15.41
CA PHE E 484 11.98 24.76 15.68
C PHE E 484 11.57 26.19 16.00
N GLN E 485 10.29 26.54 15.87
CA GLN E 485 9.87 27.91 16.10
C GLN E 485 9.68 28.16 17.59
N MET E 486 10.30 29.23 18.09
CA MET E 486 10.26 29.49 19.52
C MET E 486 8.85 29.89 19.96
N PRO E 487 8.50 29.67 21.23
CA PRO E 487 7.12 29.92 21.67
C PRO E 487 6.86 31.34 22.14
N HIS E 488 7.91 32.04 22.58
CA HIS E 488 7.72 33.33 23.25
C HIS E 488 8.42 34.51 22.58
N ILE E 489 9.41 34.29 21.72
CA ILE E 489 10.06 35.35 20.97
C ILE E 489 10.21 34.90 19.53
N TYR E 490 9.96 35.80 18.59
CA TYR E 490 9.99 35.45 17.17
C TYR E 490 11.43 35.33 16.73
N ALA E 491 12.00 34.13 16.90
CA ALA E 491 13.35 33.85 16.45
C ALA E 491 13.48 32.34 16.26
N LYS E 492 14.44 31.95 15.42
CA LYS E 492 14.67 30.55 15.14
C LYS E 492 15.45 29.90 16.26
N GLY E 493 15.63 28.58 16.15
CA GLY E 493 16.29 27.81 17.20
C GLY E 493 17.78 27.61 17.03
N PHE E 494 18.33 27.98 15.88
CA PHE E 494 19.75 27.75 15.64
C PHE E 494 20.60 28.66 16.52
N ILE E 495 21.89 28.33 16.58
CA ILE E 495 22.89 29.17 17.25
C ILE E 495 24.20 29.07 16.47
N TYR E 496 24.76 30.23 16.12
CA TYR E 496 26.02 30.29 15.39
C TYR E 496 27.16 30.83 16.25
N ASN E 497 27.01 32.05 16.76
CA ASN E 497 28.12 32.81 17.29
C ASN E 497 27.72 33.42 18.62
N GLU E 498 28.58 34.29 19.15
CA GLU E 498 28.34 34.86 20.46
C GLU E 498 27.09 35.73 20.48
N GLN E 499 26.86 36.49 19.41
CA GLN E 499 25.73 37.42 19.41
C GLN E 499 24.40 36.65 19.58
N THR E 500 24.17 35.64 18.74
CA THR E 500 22.93 34.89 18.82
C THR E 500 22.84 34.15 20.15
N ARG E 501 23.96 33.61 20.63
CA ARG E 501 23.95 32.91 21.91
C ARG E 501 23.48 33.83 23.03
N ASP E 502 24.09 35.00 23.14
CA ASP E 502 23.68 35.94 24.18
C ASP E 502 22.26 36.44 23.96
N GLN E 503 21.80 36.44 22.71
CA GLN E 503 20.44 36.87 22.43
C GLN E 503 19.41 35.87 22.95
N LEU E 504 19.66 34.57 22.72
CA LEU E 504 18.64 33.55 22.98
C LEU E 504 18.80 32.87 24.33
N LEU E 505 20.00 32.36 24.63
CA LEU E 505 20.16 31.48 25.77
C LEU E 505 19.83 32.20 27.07
N SER E 506 20.08 33.51 27.15
CA SER E 506 19.72 34.24 28.35
C SER E 506 18.22 34.18 28.61
N SER E 507 17.43 34.43 27.56
CA SER E 507 15.98 34.36 27.71
C SER E 507 15.53 32.95 28.04
N LEU E 508 16.13 31.94 27.40
CA LEU E 508 15.74 30.57 27.70
C LEU E 508 16.03 30.21 29.16
N TYR E 509 17.20 30.62 29.66
CA TYR E 509 17.54 30.36 31.05
C TYR E 509 16.58 31.06 31.99
N GLU E 510 16.23 32.31 31.68
CA GLU E 510 15.26 33.02 32.51
C GLU E 510 13.92 32.30 32.54
N LEU E 511 13.46 31.84 31.38
CA LEU E 511 12.18 31.15 31.32
C LEU E 511 12.23 29.85 32.13
N ILE E 512 13.33 29.11 32.02
CA ILE E 512 13.45 27.86 32.77
C ILE E 512 13.49 28.13 34.28
N ARG E 513 14.11 29.23 34.69
CA ARG E 513 14.19 29.55 36.11
C ARG E 513 12.81 29.53 36.76
N GLU E 514 11.81 30.15 36.12
CA GLU E 514 10.47 30.16 36.69
C GLU E 514 9.91 28.74 36.83
N ARG E 515 10.16 27.87 35.85
CA ARG E 515 9.77 26.48 36.01
C ARG E 515 10.41 25.88 37.25
N ASP E 516 11.69 26.17 37.48
CA ASP E 516 12.37 25.61 38.64
C ASP E 516 11.74 26.14 39.93
N LEU E 517 11.43 27.43 39.96
CA LEU E 517 10.92 28.06 41.18
C LEU E 517 9.40 27.97 41.25
N GLU E 518 8.87 26.80 41.58
CA GLU E 518 7.43 26.64 41.75
C GLU E 518 7.16 25.33 42.49
N ASP E 519 6.12 25.35 43.33
CA ASP E 519 5.81 24.18 44.16
C ASP E 519 5.16 23.07 43.35
N ASP E 520 4.37 23.42 42.34
CA ASP E 520 3.66 22.45 41.52
C ASP E 520 4.56 21.71 40.53
N LYS E 521 5.88 21.79 40.72
CA LYS E 521 6.82 21.14 39.82
C LYS E 521 6.47 19.66 39.62
N GLU E 522 6.28 18.92 40.70
CA GLU E 522 6.03 17.50 40.61
C GLU E 522 4.63 17.17 40.10
N LYS E 523 3.64 18.03 40.36
CA LYS E 523 2.27 17.74 39.99
C LYS E 523 1.99 17.97 38.52
N LEU E 524 2.37 19.14 38.01
CA LEU E 524 2.04 19.51 36.65
C LEU E 524 3.01 18.87 35.65
N GLN E 525 2.63 18.92 34.38
CA GLN E 525 3.50 18.62 33.26
C GLN E 525 3.59 19.86 32.38
N PHE E 526 4.74 20.52 32.40
CA PHE E 526 4.93 21.72 31.60
C PHE E 526 4.70 21.39 30.13
N LYS E 527 3.98 22.27 29.42
CA LYS E 527 3.47 21.90 28.10
C LYS E 527 4.58 21.71 27.10
N PRO E 528 5.32 22.75 26.68
CA PRO E 528 6.35 22.55 25.66
C PRO E 528 7.58 21.87 26.25
N HIS E 529 7.88 20.67 25.76
CA HIS E 529 9.03 19.90 26.23
C HIS E 529 10.24 20.17 25.35
N PHE E 530 11.24 20.85 25.91
CA PHE E 530 12.44 21.23 25.19
C PHE E 530 13.38 20.04 25.10
N VAL E 531 13.90 19.78 23.90
CA VAL E 531 14.90 18.74 23.69
C VAL E 531 16.18 19.42 23.21
N PHE E 532 17.19 19.48 24.07
CA PHE E 532 18.46 20.11 23.74
C PHE E 532 19.35 19.11 23.00
N VAL E 533 19.92 19.54 21.89
CA VAL E 533 20.93 18.77 21.17
C VAL E 533 22.19 19.62 21.14
N ILE E 534 23.31 19.03 21.57
CA ILE E 534 24.59 19.73 21.64
C ILE E 534 25.61 18.93 20.87
N THR E 535 26.29 19.58 19.93
CA THR E 535 27.31 18.92 19.13
C THR E 535 28.54 19.77 18.89
N ASN E 536 28.58 21.00 19.39
CA ASN E 536 29.66 21.92 19.09
C ASN E 536 30.74 21.90 20.16
N GLN E 537 31.96 22.21 19.76
CA GLN E 537 33.03 22.52 20.70
C GLN E 537 32.47 23.62 21.60
N GLN E 538 32.64 23.44 22.90
CA GLN E 538 31.85 24.21 23.84
C GLN E 538 32.20 25.69 23.74
N LEU E 539 31.34 26.44 23.05
CA LEU E 539 31.26 27.89 23.21
C LEU E 539 30.35 28.25 24.36
N ILE E 540 29.75 27.25 25.03
CA ILE E 540 28.83 27.47 26.13
C ILE E 540 29.45 27.06 27.46
N SER E 541 30.75 26.80 27.49
CA SER E 541 31.38 26.21 28.67
C SER E 541 31.31 27.09 29.90
N GLU E 542 31.09 28.40 29.75
CA GLU E 542 31.08 29.31 30.88
C GLU E 542 29.74 29.99 31.11
N HIS E 543 28.70 29.66 30.34
CA HIS E 543 27.42 30.28 30.53
C HIS E 543 26.69 29.68 31.72
N VAL E 544 25.75 30.46 32.28
CA VAL E 544 25.05 30.04 33.49
C VAL E 544 24.19 28.81 33.22
N ILE E 545 23.60 28.74 32.03
CA ILE E 545 22.60 27.70 31.76
C ILE E 545 23.15 26.30 31.98
N LEU E 546 24.48 26.14 31.98
CA LEU E 546 25.04 24.81 32.16
C LEU E 546 24.67 24.22 33.51
N GLU E 547 24.25 25.06 34.46
CA GLU E 547 23.85 24.56 35.77
C GLU E 547 22.71 23.55 35.65
N TYR E 548 21.80 23.77 34.69
CA TYR E 548 20.65 22.89 34.51
C TYR E 548 20.93 21.77 33.53
N LEU E 549 21.76 22.04 32.51
CA LEU E 549 22.02 21.03 31.49
C LEU E 549 22.85 19.86 32.01
N GLU E 550 23.41 19.98 33.21
CA GLU E 550 24.25 18.91 33.74
C GLU E 550 23.45 17.64 34.01
N GLY E 551 22.13 17.71 33.98
CA GLY E 551 21.31 16.52 34.04
C GLY E 551 20.96 16.00 35.42
N GLN E 552 20.30 16.84 36.24
CA GLN E 552 19.72 16.38 37.50
C GLN E 552 18.31 16.90 37.69
N HIS E 553 17.78 17.67 36.73
CA HIS E 553 16.44 18.24 36.85
C HIS E 553 15.54 17.72 35.73
N GLU E 554 15.54 16.41 35.48
CA GLU E 554 14.77 15.87 34.36
C GLU E 554 13.26 16.02 34.56
N HIS E 555 12.80 16.34 35.76
CA HIS E 555 11.37 16.60 35.94
C HIS E 555 10.96 17.96 35.38
N LEU E 556 11.93 18.79 34.98
CA LEU E 556 11.63 20.07 34.36
C LEU E 556 11.31 19.96 32.87
N GLY E 557 11.02 18.76 32.38
CA GLY E 557 10.71 18.61 30.98
C GLY E 557 11.86 18.95 30.05
N ILE E 558 13.08 18.59 30.42
CA ILE E 558 14.26 18.88 29.62
C ILE E 558 15.04 17.58 29.41
N SER E 559 15.62 17.45 28.22
CA SER E 559 16.39 16.26 27.89
C SER E 559 17.61 16.70 27.08
N THR E 560 18.58 15.80 26.95
CA THR E 560 19.85 16.17 26.33
C THR E 560 20.39 15.03 25.48
N ILE E 561 21.17 15.40 24.47
CA ILE E 561 21.96 14.47 23.68
C ILE E 561 23.31 15.13 23.43
N VAL E 562 24.39 14.35 23.49
CA VAL E 562 25.73 14.88 23.31
C VAL E 562 26.49 13.98 22.34
N ALA E 563 27.57 14.52 21.78
CA ALA E 563 28.43 13.75 20.89
C ALA E 563 29.89 14.12 21.14
N ALA E 564 30.76 13.13 20.95
CA ALA E 564 32.19 13.33 21.13
C ALA E 564 32.92 12.13 20.52
N GLU E 565 34.24 12.25 20.42
CA GLU E 565 35.05 11.21 19.79
C GLU E 565 35.58 10.20 20.80
N THR E 566 35.57 10.51 22.10
CA THR E 566 36.05 9.59 23.12
C THR E 566 35.17 9.72 24.35
N LYS E 567 35.13 8.65 25.14
CA LYS E 567 34.26 8.62 26.31
C LYS E 567 34.65 9.69 27.32
N GLU E 568 35.95 9.93 27.49
CA GLU E 568 36.41 10.83 28.55
C GLU E 568 35.83 12.23 28.41
N SER E 569 35.50 12.66 27.18
CA SER E 569 35.02 14.02 26.99
C SER E 569 33.67 14.23 27.69
N LEU E 570 32.84 13.20 27.75
CA LEU E 570 31.51 13.31 28.31
C LEU E 570 31.56 13.36 29.84
N SER E 571 30.40 13.58 30.44
CA SER E 571 30.29 13.62 31.89
C SER E 571 30.17 12.20 32.45
N GLU E 572 30.21 12.11 33.78
CA GLU E 572 30.14 10.82 34.44
C GLU E 572 28.72 10.40 34.80
N ASN E 573 27.74 11.28 34.65
CA ASN E 573 26.37 11.01 35.07
C ASN E 573 25.49 10.48 33.94
N ILE E 574 26.08 9.96 32.88
CA ILE E 574 25.29 9.49 31.74
C ILE E 574 24.56 8.21 32.11
N THR E 575 23.33 8.07 31.62
CA THR E 575 22.52 6.89 31.89
C THR E 575 22.29 6.03 30.66
N THR E 576 22.85 6.39 29.51
CA THR E 576 22.78 5.56 28.32
C THR E 576 23.87 6.02 27.37
N LEU E 577 24.48 5.08 26.66
CA LEU E 577 25.61 5.40 25.80
C LEU E 577 25.55 4.48 24.58
N VAL E 578 26.04 4.98 23.45
CA VAL E 578 26.11 4.21 22.21
C VAL E 578 27.46 4.46 21.59
N ARG E 579 27.87 3.58 20.68
CA ARG E 579 29.16 3.75 20.02
C ARG E 579 29.12 3.14 18.63
N TYR E 580 29.55 3.92 17.64
CA TYR E 580 29.62 3.47 16.26
C TYR E 580 31.05 3.08 15.94
N ILE E 581 31.24 1.89 15.38
CA ILE E 581 32.55 1.33 15.14
C ILE E 581 33.03 1.63 13.72
N ASN E 582 32.17 1.51 12.72
CA ASN E 582 32.59 1.68 11.34
C ASN E 582 31.36 2.05 10.51
N GLU E 583 31.47 1.90 9.20
CA GLU E 583 30.40 2.31 8.29
C GLU E 583 29.07 1.66 8.61
N HIS E 584 29.06 0.43 9.12
CA HIS E 584 27.82 -0.34 9.19
C HIS E 584 27.54 -0.99 10.54
N GLU E 585 28.44 -0.93 11.50
CA GLU E 585 28.30 -1.68 12.75
C GLU E 585 28.30 -0.74 13.94
N GLY E 586 27.77 -1.21 15.04
CA GLY E 586 27.74 -0.45 16.28
C GLY E 586 27.25 -1.35 17.39
N ASP E 587 27.01 -0.74 18.55
CA ASP E 587 26.48 -1.47 19.68
C ASP E 587 26.20 -0.52 20.82
N ILE E 588 25.25 -0.90 21.66
CA ILE E 588 25.10 -0.27 22.96
C ILE E 588 26.20 -0.81 23.86
N LEU E 589 26.57 -0.04 24.88
CA LEU E 589 27.42 -0.59 25.94
C LEU E 589 27.14 0.00 27.31
N ILE E 590 26.08 0.79 27.46
CA ILE E 590 25.54 1.17 28.77
C ILE E 590 24.05 1.34 28.63
N GLN E 591 23.30 0.87 29.63
CA GLN E 591 21.86 1.04 29.63
C GLN E 591 21.36 0.88 31.06
N LYS E 592 20.34 1.67 31.41
CA LYS E 592 19.76 1.64 32.74
C LYS E 592 20.86 1.78 33.79
N LYS E 593 21.94 2.47 33.43
CA LYS E 593 23.07 2.66 34.32
C LYS E 593 23.76 1.34 34.66
N LYS E 594 23.87 0.44 33.70
CA LYS E 594 24.51 -0.84 33.90
C LYS E 594 25.19 -1.29 32.62
N ALA E 595 26.22 -2.12 32.77
CA ALA E 595 27.01 -2.56 31.62
C ALA E 595 26.27 -3.64 30.85
N VAL E 596 26.27 -3.51 29.52
CA VAL E 596 25.52 -4.40 28.64
C VAL E 596 26.21 -4.39 27.28
N ARG E 597 25.83 -5.29 26.38
CA ARG E 597 26.38 -5.28 25.03
C ARG E 597 25.41 -5.95 24.06
N ILE E 598 25.09 -5.24 22.97
CA ILE E 598 24.28 -5.78 21.88
C ILE E 598 24.76 -5.22 20.55
N PRO E 599 25.13 -6.04 19.59
CA PRO E 599 25.51 -5.51 18.27
C PRO E 599 24.29 -5.30 17.38
N PHE E 600 24.43 -4.34 16.46
CA PHE E 600 23.37 -4.01 15.52
C PHE E 600 23.97 -3.38 14.27
N ARG E 601 23.16 -3.34 13.21
CA ARG E 601 23.59 -2.84 11.91
C ARG E 601 22.77 -1.62 11.51
N LEU E 602 23.42 -0.65 10.88
CA LEU E 602 22.75 0.59 10.52
C LEU E 602 21.86 0.40 9.30
N ASP E 603 20.95 1.35 9.10
CA ASP E 603 20.03 1.31 7.98
C ASP E 603 20.53 2.14 6.81
N HIS E 604 20.05 1.80 5.62
CA HIS E 604 20.32 2.62 4.45
C HIS E 604 19.60 3.96 4.58
N HIS E 605 20.19 5.00 4.01
CA HIS E 605 19.73 6.36 4.27
C HIS E 605 19.92 7.22 3.03
N GLN E 606 19.08 8.24 2.90
CA GLN E 606 19.18 9.22 1.83
C GLN E 606 18.92 10.61 2.41
N ARG E 607 19.60 11.62 1.88
CA ARG E 607 19.54 12.96 2.46
C ARG E 607 19.19 14.06 1.46
N GLU E 608 18.66 13.72 0.29
CA GLU E 608 18.32 14.74 -0.70
C GLU E 608 16.82 15.04 -0.76
N ASP E 609 15.99 14.37 0.03
CA ASP E 609 14.55 14.62 0.00
C ASP E 609 14.06 15.38 1.21
N ASN E 610 14.96 15.85 2.08
CA ASN E 610 14.52 16.39 3.36
C ASN E 610 13.73 17.67 3.21
N GLU E 611 14.10 18.53 2.25
CA GLU E 611 13.44 19.82 2.14
C GLU E 611 11.94 19.67 1.87
N ARG E 612 11.57 18.77 0.96
CA ARG E 612 10.16 18.55 0.68
C ARG E 612 9.43 18.06 1.92
N PHE E 613 10.03 17.12 2.65
CA PHE E 613 9.42 16.60 3.87
C PHE E 613 9.14 17.72 4.86
N SER E 614 10.16 18.53 5.15
CA SER E 614 9.98 19.59 6.15
C SER E 614 8.94 20.59 5.69
N ARG E 615 9.01 21.02 4.43
CA ARG E 615 8.05 22.03 3.96
C ARG E 615 6.64 21.50 4.01
N THR E 616 6.44 20.23 3.64
CA THR E 616 5.10 19.64 3.74
C THR E 616 4.62 19.65 5.18
N LEU E 617 5.48 19.27 6.12
CA LEU E 617 5.07 19.31 7.53
C LEU E 617 4.84 20.73 8.02
N ARG E 618 5.32 21.74 7.28
CA ARG E 618 5.12 23.11 7.73
C ARG E 618 3.69 23.59 7.50
N THR E 619 3.02 23.11 6.44
CA THR E 619 1.77 23.72 6.00
C THR E 619 0.59 23.35 6.89
N LEU E 620 0.54 22.12 7.41
CA LEU E 620 -0.66 21.64 8.07
C LEU E 620 -1.07 22.57 9.21
N ASN E 621 -2.34 22.93 9.24
CA ASN E 621 -2.91 23.64 10.38
C ASN E 621 -3.52 22.65 11.35
N HIS E 622 -3.21 22.83 12.63
CA HIS E 622 -3.53 21.82 13.63
C HIS E 622 -4.50 22.37 14.68
N GLU E 918 0.69 44.51 6.23
CA GLU E 918 2.06 44.81 6.61
C GLU E 918 3.05 43.97 5.80
N ILE E 919 4.20 44.55 5.50
CA ILE E 919 5.24 43.90 4.71
C ILE E 919 6.56 44.04 5.44
N ALA E 920 7.34 42.96 5.49
CA ALA E 920 8.63 42.99 6.16
C ALA E 920 9.41 41.74 5.81
N ILE E 921 10.73 41.85 5.92
CA ILE E 921 11.64 40.73 5.72
C ILE E 921 11.83 40.03 7.06
N VAL E 922 12.15 38.74 7.02
CA VAL E 922 12.35 37.94 8.21
C VAL E 922 13.71 37.27 8.14
N THR E 923 14.46 37.37 9.23
CA THR E 923 15.75 36.69 9.36
C THR E 923 15.73 35.84 10.62
N ASP E 924 16.84 35.15 10.87
CA ASP E 924 16.91 34.21 11.99
C ASP E 924 16.76 34.90 13.34
N THR E 925 16.97 36.21 13.42
CA THR E 925 17.01 36.89 14.71
C THR E 925 16.07 38.09 14.79
N GLY E 926 15.04 38.15 13.96
CA GLY E 926 14.05 39.20 14.09
C GLY E 926 13.44 39.55 12.74
N LEU E 927 12.66 40.63 12.76
CA LEU E 927 11.98 41.14 11.57
C LEU E 927 12.58 42.47 11.16
N ILE E 928 12.68 42.68 9.85
CA ILE E 928 13.20 43.90 9.25
C ILE E 928 12.08 44.51 8.41
N PRO E 929 11.46 45.61 8.83
CA PRO E 929 10.41 46.22 8.00
C PRO E 929 10.96 46.68 6.66
N LEU E 930 10.16 46.54 5.61
CA LEU E 930 10.60 46.84 4.27
C LEU E 930 10.51 48.34 4.03
N SER E 931 11.66 48.97 3.79
CA SER E 931 11.72 50.40 3.52
C SER E 931 11.05 51.21 4.63
#